data_3UBI
# 
_entry.id   3UBI 
# 
_audit_conform.dict_name       mmcif_pdbx.dic 
_audit_conform.dict_version    5.387 
_audit_conform.dict_location   http://mmcif.pdb.org/dictionaries/ascii/mmcif_pdbx.dic 
# 
loop_
_database_2.database_id 
_database_2.database_code 
_database_2.pdbx_database_accession 
_database_2.pdbx_DOI 
PDB   3UBI         pdb_00003ubi 10.2210/pdb3ubi/pdb 
NDB   NA1401       ?            ?                   
RCSB  RCSB068546   ?            ?                   
WWPDB D_1000068546 ?            ?                   
# 
loop_
_pdbx_audit_revision_history.ordinal 
_pdbx_audit_revision_history.data_content_type 
_pdbx_audit_revision_history.major_revision 
_pdbx_audit_revision_history.minor_revision 
_pdbx_audit_revision_history.revision_date 
1 'Structure model' 1 0 2012-05-16 
2 'Structure model' 1 1 2024-02-28 
# 
_pdbx_audit_revision_details.ordinal             1 
_pdbx_audit_revision_details.revision_ordinal    1 
_pdbx_audit_revision_details.data_content_type   'Structure model' 
_pdbx_audit_revision_details.provider            repository 
_pdbx_audit_revision_details.type                'Initial release' 
_pdbx_audit_revision_details.description         ? 
_pdbx_audit_revision_details.details             ? 
# 
loop_
_pdbx_audit_revision_group.ordinal 
_pdbx_audit_revision_group.revision_ordinal 
_pdbx_audit_revision_group.data_content_type 
_pdbx_audit_revision_group.group 
1 2 'Structure model' 'Data collection'     
2 2 'Structure model' 'Database references' 
# 
loop_
_pdbx_audit_revision_category.ordinal 
_pdbx_audit_revision_category.revision_ordinal 
_pdbx_audit_revision_category.data_content_type 
_pdbx_audit_revision_category.category 
1 2 'Structure model' chem_comp_atom 
2 2 'Structure model' chem_comp_bond 
3 2 'Structure model' database_2     
# 
loop_
_pdbx_audit_revision_item.ordinal 
_pdbx_audit_revision_item.revision_ordinal 
_pdbx_audit_revision_item.data_content_type 
_pdbx_audit_revision_item.item 
1 2 'Structure model' '_database_2.pdbx_DOI'                
2 2 'Structure model' '_database_2.pdbx_database_accession' 
# 
_pdbx_database_status.status_code                     REL 
_pdbx_database_status.entry_id                        3UBI 
_pdbx_database_status.recvd_initial_deposition_date   2011-10-24 
_pdbx_database_status.deposit_site                    RCSB 
_pdbx_database_status.process_site                    RCSB 
_pdbx_database_status.status_code_sf                  REL 
_pdbx_database_status.status_code_mr                  ? 
_pdbx_database_status.SG_entry                        ? 
_pdbx_database_status.status_code_cs                  ? 
_pdbx_database_status.methods_development_category    ? 
_pdbx_database_status.pdb_format_compatible           Y 
_pdbx_database_status.status_code_nmr_data            ? 
# 
loop_
_audit_author.name 
_audit_author.pdbx_ordinal 
'Nguyen, N.'         1  
'Birktoft, J.J.'     2  
'Sha, R.'            3  
'Wang, T.'           4  
'Zheng, J.'          5  
'Constantinou, P.E.' 6  
'Ginell, S.L.'       7  
'Chen, Y.'           8  
'Mao, C.'            9  
'Seeman, N.C.'       10 
# 
loop_
_citation.id 
_citation.title 
_citation.journal_abbrev 
_citation.journal_volume 
_citation.page_first 
_citation.page_last 
_citation.year 
_citation.journal_id_ASTM 
_citation.country 
_citation.journal_id_ISSN 
_citation.journal_id_CSD 
_citation.book_publisher 
_citation.pdbx_database_id_PubMed 
_citation.pdbx_database_id_DOI 
primary 'The absence of tertiary interactions in a self-assembled DNA crystal structure.'           J.Mol.Recognit. 25  234 237 
2012 ?      UK 0952-3499 ?    ? 22434713 10.1002/jmr.2183    
1       'From molecular to macroscopic via the rational design of a self-assembled 3D DNA crystal.' Nature          461 74  77  
2009 NATUAS UK 0028-0836 0006 ? 19727196 10.1038/nature08274 
# 
loop_
_citation_author.citation_id 
_citation_author.name 
_citation_author.ordinal 
_citation_author.identifier_ORCID 
primary 'Nguyen, N.'         1  ? 
primary 'Birktoft, J.J.'     2  ? 
primary 'Sha, R.'            3  ? 
primary 'Wang, T.'           4  ? 
primary 'Zheng, J.'          5  ? 
primary 'Constantinou, P.E.' 6  ? 
primary 'Ginell, S.L.'       7  ? 
primary 'Chen, Y.'           8  ? 
primary 'Mao, C.'            9  ? 
primary 'Seeman, N.C.'       10 ? 
1       'Zheng, J.'          11 ? 
1       'Birktoft, J.J.'     12 ? 
1       'Chen, Y.'           13 ? 
1       'Wang, T.'           14 ? 
1       'Sha, R.'            15 ? 
1       'Constantinou, P.E.' 16 ? 
1       'Ginell, S.L.'       17 ? 
1       'Mao, C.'            18 ? 
1       'Seeman, N.C.'       19 ? 
# 
loop_
_entity.id 
_entity.type 
_entity.src_method 
_entity.pdbx_description 
_entity.formula_weight 
_entity.pdbx_number_of_molecules 
_entity.pdbx_ec 
_entity.pdbx_mutation 
_entity.pdbx_fragment 
_entity.details 
1 polymer syn 
;DNA (5'-D(*GP*AP*GP*CP*AP*GP*CP*CP*CP*GP*TP*AP*CP*TP*CP*G)-3')
;
4884.168 1 ? ? 'THE 16 RESIDUES IS FROM OF THE FIRST PART OF A DNA MOLECULE USED IN EXPERIMENT, SEE REMARK 400 FOR DETAILS.' ? 
2 polymer syn 
;DNA (5'-D(P*CP*CP*GP*AP*GP*TP*AP*CP*GP*AP*CP*GP*AP*CP*AP*AP*G)-3')
;
5230.415 1 ? ? 'SYMMETRICALLY- AND SEQUENTIALLY REPEATING UNIT OF A CIRCULAR DNA MOLECULES, SEE REMARK 400 FOR DETAILS.'     ? 
3 polymer syn 
;DNA (5'-D(*TP*CP*TP*GP*AP*TP*GP*AP*GP*GP*CP*TP*GP*C)-3')
;
4311.801 1 ? ? ?                                                                                                             ? 
4 polymer syn 
;DNA (5'-D(P*GP*CP*TP*TP*GP*TP*CP*GP*TP*TP*CP*AP*TP*CP*A)-3')
;
4550.957 1 ? ? 'THE 15 RESIDUES IS FROM OF THE LAST PART OF A DNA MOLECULE USED IN EXPERIMENT, SEE REMARK 400 FOR DETAILS.'  ? 
# 
loop_
_entity_poly.entity_id 
_entity_poly.type 
_entity_poly.nstd_linkage 
_entity_poly.nstd_monomer 
_entity_poly.pdbx_seq_one_letter_code 
_entity_poly.pdbx_seq_one_letter_code_can 
_entity_poly.pdbx_strand_id 
_entity_poly.pdbx_target_identifier 
1 polydeoxyribonucleotide no no '(DG)(DA)(DG)(DC)(DA)(DG)(DC)(DC)(DC)(DG)(DT)(DA)(DC)(DT)(DC)(DG)'     GAGCAGCCCGTACTCG  A ? 
2 polydeoxyribonucleotide no no '(DC)(DC)(DG)(DA)(DG)(DT)(DA)(DC)(DG)(DA)(DC)(DG)(DA)(DC)(DA)(DA)(DG)' CCGAGTACGACGACAAG D ? 
3 polydeoxyribonucleotide no no '(DT)(DC)(DT)(DG)(DA)(DT)(DG)(DA)(DG)(DG)(DC)(DT)(DG)(DC)'             TCTGATGAGGCTGC    B ? 
4 polydeoxyribonucleotide no no '(DG)(DC)(DT)(DT)(DG)(DT)(DC)(DG)(DT)(DT)(DC)(DA)(DT)(DC)(DA)'         GCTTGTCGTTCATCA   C ? 
# 
loop_
_entity_poly_seq.entity_id 
_entity_poly_seq.num 
_entity_poly_seq.mon_id 
_entity_poly_seq.hetero 
1 1  DG n 
1 2  DA n 
1 3  DG n 
1 4  DC n 
1 5  DA n 
1 6  DG n 
1 7  DC n 
1 8  DC n 
1 9  DC n 
1 10 DG n 
1 11 DT n 
1 12 DA n 
1 13 DC n 
1 14 DT n 
1 15 DC n 
1 16 DG n 
2 1  DC n 
2 2  DC n 
2 3  DG n 
2 4  DA n 
2 5  DG n 
2 6  DT n 
2 7  DA n 
2 8  DC n 
2 9  DG n 
2 10 DA n 
2 11 DC n 
2 12 DG n 
2 13 DA n 
2 14 DC n 
2 15 DA n 
2 16 DA n 
2 17 DG n 
3 1  DT n 
3 2  DC n 
3 3  DT n 
3 4  DG n 
3 5  DA n 
3 6  DT n 
3 7  DG n 
3 8  DA n 
3 9  DG n 
3 10 DG n 
3 11 DC n 
3 12 DT n 
3 13 DG n 
3 14 DC n 
4 1  DG n 
4 2  DC n 
4 3  DT n 
4 4  DT n 
4 5  DG n 
4 6  DT n 
4 7  DC n 
4 8  DG n 
4 9  DT n 
4 10 DT n 
4 11 DC n 
4 12 DA n 
4 13 DT n 
4 14 DC n 
4 15 DA n 
# 
loop_
_chem_comp.id 
_chem_comp.type 
_chem_comp.mon_nstd_flag 
_chem_comp.name 
_chem_comp.pdbx_synonyms 
_chem_comp.formula 
_chem_comp.formula_weight 
DA 'DNA linking' y "2'-DEOXYADENOSINE-5'-MONOPHOSPHATE" ? 'C10 H14 N5 O6 P' 331.222 
DC 'DNA linking' y "2'-DEOXYCYTIDINE-5'-MONOPHOSPHATE"  ? 'C9 H14 N3 O7 P'  307.197 
DG 'DNA linking' y "2'-DEOXYGUANOSINE-5'-MONOPHOSPHATE" ? 'C10 H14 N5 O7 P' 347.221 
DT 'DNA linking' y "THYMIDINE-5'-MONOPHOSPHATE"         ? 'C10 H15 N2 O8 P' 322.208 
# 
loop_
_pdbx_poly_seq_scheme.asym_id 
_pdbx_poly_seq_scheme.entity_id 
_pdbx_poly_seq_scheme.seq_id 
_pdbx_poly_seq_scheme.mon_id 
_pdbx_poly_seq_scheme.ndb_seq_num 
_pdbx_poly_seq_scheme.pdb_seq_num 
_pdbx_poly_seq_scheme.auth_seq_num 
_pdbx_poly_seq_scheme.pdb_mon_id 
_pdbx_poly_seq_scheme.auth_mon_id 
_pdbx_poly_seq_scheme.pdb_strand_id 
_pdbx_poly_seq_scheme.pdb_ins_code 
_pdbx_poly_seq_scheme.hetero 
A 1 1  DG 1  1  1  DG DG A . n 
A 1 2  DA 2  2  2  DA DA A . n 
A 1 3  DG 3  3  3  DG DG A . n 
A 1 4  DC 4  4  4  DC DC A . n 
A 1 5  DA 5  5  5  DA DA A . n 
A 1 6  DG 6  6  6  DG DG A . n 
A 1 7  DC 7  7  7  DC DC A . n 
A 1 8  DC 8  8  8  DC DC A . n 
A 1 9  DC 9  9  9  DC DC A . n 
A 1 10 DG 10 10 10 DG DG A . n 
A 1 11 DT 11 11 11 DT DT A . n 
A 1 12 DA 12 12 12 DA DA A . n 
A 1 13 DC 13 13 13 DC DC A . n 
A 1 14 DT 14 14 14 DT DT A . n 
A 1 15 DC 15 15 15 DC DC A . n 
A 1 16 DG 16 16 16 DG DG A . n 
B 2 1  DC 1  1  1  DC DC D . n 
B 2 2  DC 2  2  2  DC DC D . n 
B 2 3  DG 3  3  3  DG DG D . n 
B 2 4  DA 4  4  4  DA DA D . n 
B 2 5  DG 5  5  5  DG DG D . n 
B 2 6  DT 6  6  6  DT DT D . n 
B 2 7  DA 7  7  7  DA DA D . n 
B 2 8  DC 8  8  8  DC DC D . n 
B 2 9  DG 9  9  9  DG DG D . n 
B 2 10 DA 10 10 10 DA DA D . n 
B 2 11 DC 11 11 11 DC DC D . n 
B 2 12 DG 12 12 12 DG DG D . n 
B 2 13 DA 13 13 13 DA DA D . n 
B 2 14 DC 14 14 14 DC DC D . n 
B 2 15 DA 15 15 15 DA DA D . n 
B 2 16 DA 16 16 16 DA DA D . n 
B 2 17 DG 17 17 17 DG DG D . n 
C 3 1  DT 1  1  1  DT DT B . n 
C 3 2  DC 2  2  2  DC DC B . n 
C 3 3  DT 3  3  3  DT DT B . n 
C 3 4  DG 4  4  4  DG DG B . n 
C 3 5  DA 5  5  5  DA DA B . n 
C 3 6  DT 6  6  6  DT DT B . n 
C 3 7  DG 7  7  7  DG DG B . n 
C 3 8  DA 8  8  8  DA DA B . n 
C 3 9  DG 9  9  9  DG DG B . n 
C 3 10 DG 10 10 10 DG DG B . n 
C 3 11 DC 11 11 11 DC DC B . n 
C 3 12 DT 12 12 12 DT DT B . n 
C 3 13 DG 13 13 13 DG DG B . n 
C 3 14 DC 14 14 14 DC DC B . n 
D 4 1  DG 1  17 17 DG DG C . n 
D 4 2  DC 2  18 18 DC DC C . n 
D 4 3  DT 3  19 19 DT DT C . n 
D 4 4  DT 4  20 20 DT DT C . n 
D 4 5  DG 5  21 21 DG DG C . n 
D 4 6  DT 6  22 22 DT DT C . n 
D 4 7  DC 7  23 23 DC DC C . n 
D 4 8  DG 8  24 24 DG DG C . n 
D 4 9  DT 9  25 25 DT DT C . n 
D 4 10 DT 10 26 26 DT DT C . n 
D 4 11 DC 11 27 27 DC DC C . n 
D 4 12 DA 12 28 28 DA DA C . n 
D 4 13 DT 13 29 29 DT DT C . n 
D 4 14 DC 14 30 30 DC DC C . n 
D 4 15 DA 15 31 31 DA DA C . n 
# 
loop_
_software.name 
_software.classification 
_software.version 
_software.citation_id 
_software.pdbx_ordinal 
CBASS    'data collection' .                          ? 1 
PHENIX   'model building'  .                          ? 2 
PHENIX   refinement        '(phenix.refine: dev_873)' ? 3 
HKL-2000 'data reduction'  .                          ? 4 
HKL-2000 'data scaling'    .                          ? 5 
PHENIX   phasing           .                          ? 6 
# 
_cell.entry_id           3UBI 
_cell.length_a           169.980 
_cell.length_b           169.980 
_cell.length_c           88.638 
_cell.angle_alpha        90.00 
_cell.angle_beta         90.00 
_cell.angle_gamma        120.00 
_cell.Z_PDB              9 
_cell.pdbx_unique_axis   ? 
_cell.length_a_esd       ? 
_cell.length_b_esd       ? 
_cell.length_c_esd       ? 
_cell.angle_alpha_esd    ? 
_cell.angle_beta_esd     ? 
_cell.angle_gamma_esd    ? 
# 
_symmetry.entry_id                         3UBI 
_symmetry.space_group_name_H-M             'H 3' 
_symmetry.pdbx_full_space_group_name_H-M   ? 
_symmetry.cell_setting                     ? 
_symmetry.Int_Tables_number                146 
_symmetry.space_group_name_Hall            ? 
# 
_exptl.entry_id          3UBI 
_exptl.method            'X-RAY DIFFRACTION' 
_exptl.crystals_number   1 
# 
_exptl_crystal.id                    1 
_exptl_crystal.density_meas          ? 
_exptl_crystal.density_Matthews      ? 
_exptl_crystal.density_percent_sol   ? 
_exptl_crystal.description           ? 
_exptl_crystal.F_000                 ? 
_exptl_crystal.preparation           ? 
# 
_exptl_crystal_grow.crystal_id      1 
_exptl_crystal_grow.method          'VAPOR DIFFUSION, SITTING DROP' 
_exptl_crystal_grow.temp            293 
_exptl_crystal_grow.temp_details    ? 
_exptl_crystal_grow.pH              8.5 
_exptl_crystal_grow.pdbx_pH_range   ? 
_exptl_crystal_grow.pdbx_details    
;CRYSTALLIZATION CONDITIONS: GROWN BY VAPOR DIFFUSION WHILE               
TREATED WITH A CONTROLLED TEMPERATURE GRADIENT FROM 333 DEGS            
TO 293 DEGS., PH 8.5, VAPOR DIFFUSION, SITTING DROP
;
# 
_diffrn.id                     1 
_diffrn.ambient_temp           190 
_diffrn.ambient_temp_details   ? 
_diffrn.crystal_id             1 
# 
_diffrn_detector.diffrn_id              1 
_diffrn_detector.detector               CCD 
_diffrn_detector.type                   'ADSC QUANTUM 315r' 
_diffrn_detector.pdbx_collection_date   ? 
_diffrn_detector.details                GRAPHITE 
# 
_diffrn_radiation.diffrn_id                        1 
_diffrn_radiation.wavelength_id                    1 
_diffrn_radiation.pdbx_monochromatic_or_laue_m_l   M 
_diffrn_radiation.monochromator                    GRAPHITE 
_diffrn_radiation.pdbx_diffrn_protocol             'SINGLE WAVELENGTH' 
_diffrn_radiation.pdbx_scattering_type             x-ray 
# 
_diffrn_radiation_wavelength.id           1 
_diffrn_radiation_wavelength.wavelength   1.1 
_diffrn_radiation_wavelength.wt           1.0 
# 
_diffrn_source.diffrn_id                   1 
_diffrn_source.source                      SYNCHROTRON 
_diffrn_source.type                        'NSLS BEAMLINE X25' 
_diffrn_source.pdbx_synchrotron_site       NSLS 
_diffrn_source.pdbx_synchrotron_beamline   X25 
_diffrn_source.pdbx_wavelength             ? 
_diffrn_source.pdbx_wavelength_list        1.1 
# 
_reflns.pdbx_diffrn_id               1 
_reflns.pdbx_ordinal                 1 
_reflns.entry_id                     3UBI 
_reflns.observed_criterion_sigma_I   0 
_reflns.observed_criterion_sigma_F   0 
_reflns.d_resolution_low             49.069 
_reflns.d_resolution_high            6.805 
_reflns.number_obs                   1413 
_reflns.number_all                   1413 
_reflns.percent_possible_obs         100 
_reflns.pdbx_Rmerge_I_obs            ? 
_reflns.pdbx_Rsym_value              ? 
_reflns.pdbx_netI_over_sigmaI        ? 
_reflns.B_iso_Wilson_estimate        ? 
_reflns.pdbx_redundancy              ? 
_reflns.R_free_details               ? 
_reflns.pdbx_chi_squared             ? 
_reflns.pdbx_scaling_rejects         ? 
# 
_refine.pdbx_refine_id                           'X-RAY DIFFRACTION' 
_refine.entry_id                                 3UBI 
_refine.pdbx_diffrn_id                           1 
_refine.pdbx_TLS_residual_ADP_flag               ? 
_refine.ls_number_reflns_obs                     1413 
_refine.ls_number_reflns_all                     ? 
_refine.pdbx_ls_sigma_I                          ? 
_refine.pdbx_ls_sigma_F                          0.24 
_refine.pdbx_data_cutoff_high_absF               ? 
_refine.pdbx_data_cutoff_low_absF                ? 
_refine.pdbx_data_cutoff_high_rms_absF           ? 
_refine.ls_d_res_low                             49.069 
_refine.ls_d_res_high                            6.8046 
_refine.ls_percent_reflns_obs                    86.85 
_refine.ls_R_factor_obs                          0.1401 
_refine.ls_R_factor_all                          ? 
_refine.ls_R_factor_R_work                       0.1385 
_refine.ls_R_factor_R_free                       0.1520 
_refine.ls_R_factor_R_free_error                 ? 
_refine.ls_R_factor_R_free_error_details         ? 
_refine.ls_percent_reflns_R_free                 9.98 
_refine.ls_number_reflns_R_free                  141 
_refine.ls_number_parameters                     ? 
_refine.ls_number_restraints                     ? 
_refine.occupancy_min                            ? 
_refine.occupancy_max                            ? 
_refine.correlation_coeff_Fo_to_Fc               ? 
_refine.correlation_coeff_Fo_to_Fc_free          ? 
_refine.B_iso_mean                               ? 
_refine.aniso_B[1][1]                            67.1315 
_refine.aniso_B[2][2]                            67.1315 
_refine.aniso_B[3][3]                            811.9265 
_refine.aniso_B[1][2]                            0.0000 
_refine.aniso_B[1][3]                            0.0000 
_refine.aniso_B[2][3]                            0.0000 
_refine.solvent_model_details                    'FLAT BULK SOLVENT MODEL' 
_refine.solvent_model_param_ksol                 0.126 
_refine.solvent_model_param_bsol                 0.000 
_refine.pdbx_solvent_vdw_probe_radii             0.80 
_refine.pdbx_solvent_ion_probe_radii             ? 
_refine.pdbx_solvent_shrinkage_radii             0.47 
_refine.pdbx_ls_cross_valid_method               ? 
_refine.details                                  ? 
_refine.pdbx_starting_model                      ? 
_refine.pdbx_method_to_determine_struct          'MOLECULAR REPLACEMENT' 
_refine.pdbx_isotropic_thermal_model             Isotropic 
_refine.pdbx_stereochemistry_target_values       MLHL 
_refine.pdbx_stereochem_target_val_spec_case     ? 
_refine.pdbx_R_Free_selection_details            RANDOM 
_refine.pdbx_overall_ESU_R                       ? 
_refine.pdbx_overall_ESU_R_Free                  ? 
_refine.overall_SU_ML                            -0.00 
_refine.pdbx_overall_phase_error                 34.47 
_refine.overall_SU_B                             ? 
_refine.overall_SU_R_Cruickshank_DPI             ? 
_refine.pdbx_overall_SU_R_free_Cruickshank_DPI   ? 
_refine.pdbx_overall_SU_R_Blow_DPI               ? 
_refine.pdbx_overall_SU_R_free_Blow_DPI          ? 
_refine.ls_redundancy_reflns_obs                 ? 
_refine.overall_SU_R_free                        ? 
_refine.ls_wR_factor_R_free                      ? 
_refine.ls_wR_factor_R_work                      ? 
_refine.overall_FOM_free_R_set                   ? 
_refine.overall_FOM_work_R_set                   ? 
# 
_refine_hist.pdbx_refine_id                   'X-RAY DIFFRACTION' 
_refine_hist.cycle_id                         LAST 
_refine_hist.pdbx_number_atoms_protein        0 
_refine_hist.pdbx_number_atoms_nucleic_acid   1265 
_refine_hist.pdbx_number_atoms_ligand         0 
_refine_hist.number_atoms_solvent             0 
_refine_hist.number_atoms_total               1265 
_refine_hist.d_res_high                       6.8046 
_refine_hist.d_res_low                        49.069 
# 
loop_
_refine_ls_restr.type 
_refine_ls_restr.dev_ideal 
_refine_ls_restr.dev_ideal_target 
_refine_ls_restr.weight 
_refine_ls_restr.number 
_refine_ls_restr.pdbx_refine_id 
_refine_ls_restr.pdbx_restraint_function 
f_bond_d           0.003  ? ? 1416 'X-RAY DIFFRACTION' ? 
f_angle_d          0.814  ? ? 2177 'X-RAY DIFFRACTION' ? 
f_dihedral_angle_d 30.989 ? ? 606  'X-RAY DIFFRACTION' ? 
f_chiral_restr     0.036  ? ? 246  'X-RAY DIFFRACTION' ? 
f_plane_restr      0.001  ? ? 62   'X-RAY DIFFRACTION' ? 
# 
_refine_ls_shell.pdbx_refine_id                   'X-RAY DIFFRACTION' 
_refine_ls_shell.pdbx_total_number_of_bins_used   ? 
_refine_ls_shell.d_res_high                       6.8046 
_refine_ls_shell.d_res_low                        ? 
_refine_ls_shell.number_reflns_R_work             1272 
_refine_ls_shell.R_factor_R_work                  0.1385 
_refine_ls_shell.percent_reflns_obs               87.00 
_refine_ls_shell.R_factor_R_free                  0.1520 
_refine_ls_shell.R_factor_R_free_error            ? 
_refine_ls_shell.percent_reflns_R_free            ? 
_refine_ls_shell.number_reflns_R_free             141 
_refine_ls_shell.number_reflns_all                ? 
_refine_ls_shell.R_factor_all                     ? 
_refine_ls_shell.redundancy_reflns_obs            ? 
_refine_ls_shell.number_reflns_obs                ? 
# 
_struct.entry_id                  3UBI 
_struct.title                     'The Absence of Tertiary Interactions in a Self-Assembled DNA Crystal Structure' 
_struct.pdbx_model_details        ? 
_struct.pdbx_CASP_flag            N 
_struct.pdbx_model_type_details   ? 
# 
_struct_keywords.entry_id        3UBI 
_struct_keywords.pdbx_keywords   DNA 
_struct_keywords.text            'NANOTECHNOLOGY, DNA CROSSOVER, DESIGNED CRYSTAL LATTICE, DNA' 
# 
loop_
_struct_asym.id 
_struct_asym.pdbx_blank_PDB_chainid_flag 
_struct_asym.pdbx_modified 
_struct_asym.entity_id 
_struct_asym.details 
A N N 1 ? 
B N N 2 ? 
C N N 3 ? 
D N N 4 ? 
# 
loop_
_struct_ref.id 
_struct_ref.db_name 
_struct_ref.db_code 
_struct_ref.pdbx_db_accession 
_struct_ref.entity_id 
_struct_ref.pdbx_align_begin 
_struct_ref.pdbx_seq_one_letter_code 
_struct_ref.pdbx_db_isoform 
1 PDB 3UBI 3UBI 1 ? GAGCAGCCCGTACTCG  ? 
2 PDB 3UBI 3UBI 2 ? GCTTGTCGTTCATCA   ? 
3 PDB 3UBI 3UBI 3 ? CCGAGTACGACGACAAG ? 
4 PDB 3UBI 3UBI 4 ? TCTGATGAGGCTGC    ? 
# 
loop_
_struct_ref_seq.align_id 
_struct_ref_seq.ref_id 
_struct_ref_seq.pdbx_PDB_id_code 
_struct_ref_seq.pdbx_strand_id 
_struct_ref_seq.seq_align_beg 
_struct_ref_seq.pdbx_seq_align_beg_ins_code 
_struct_ref_seq.seq_align_end 
_struct_ref_seq.pdbx_seq_align_end_ins_code 
_struct_ref_seq.pdbx_db_accession 
_struct_ref_seq.db_align_beg 
_struct_ref_seq.pdbx_db_align_beg_ins_code 
_struct_ref_seq.db_align_end 
_struct_ref_seq.pdbx_db_align_end_ins_code 
_struct_ref_seq.pdbx_auth_seq_align_beg 
_struct_ref_seq.pdbx_auth_seq_align_end 
1 1 3UBI A 1 ? 16 ? 3UBI 1  ? 16 ? 1  16 
2 2 3UBI D 1 ? 17 ? 3UBI 1  ? 17 ? 1  17 
3 3 3UBI B 1 ? 14 ? 3UBI 1  ? 14 ? 1  14 
4 4 3UBI C 1 ? 15 ? 3UBI 17 ? 31 ? 17 31 
# 
_pdbx_struct_assembly.id                   1 
_pdbx_struct_assembly.details              author_defined_assembly 
_pdbx_struct_assembly.method_details       ? 
_pdbx_struct_assembly.oligomeric_details   dodecameric 
_pdbx_struct_assembly.oligomeric_count     12 
# 
loop_
_pdbx_struct_assembly_prop.biol_id 
_pdbx_struct_assembly_prop.type 
_pdbx_struct_assembly_prop.value 
_pdbx_struct_assembly_prop.details 
1 'ABSA (A^2)' 3520  ? 
1 MORE         -5    ? 
1 'SSA (A^2)'  11970 ? 
# 
_pdbx_struct_assembly_gen.assembly_id       1 
_pdbx_struct_assembly_gen.oper_expression   1,2,3 
_pdbx_struct_assembly_gen.asym_id_list      A,B,C,D 
# 
loop_
_pdbx_struct_oper_list.id 
_pdbx_struct_oper_list.type 
_pdbx_struct_oper_list.name 
_pdbx_struct_oper_list.symmetry_operation 
_pdbx_struct_oper_list.matrix[1][1] 
_pdbx_struct_oper_list.matrix[1][2] 
_pdbx_struct_oper_list.matrix[1][3] 
_pdbx_struct_oper_list.vector[1] 
_pdbx_struct_oper_list.matrix[2][1] 
_pdbx_struct_oper_list.matrix[2][2] 
_pdbx_struct_oper_list.matrix[2][3] 
_pdbx_struct_oper_list.vector[2] 
_pdbx_struct_oper_list.matrix[3][1] 
_pdbx_struct_oper_list.matrix[3][2] 
_pdbx_struct_oper_list.matrix[3][3] 
_pdbx_struct_oper_list.vector[3] 
1 'identity operation'         1_555 x,y,z     1.0000000000  0.0000000000  0.0000000000 0.0000000000  0.0000000000  1.0000000000  0.0000000000  0.0000000000   0.0000000000 0.0000000000  1.0000000000 0.0000000000   
2 'crystal symmetry operation' 2_555 -y,x-y,z  -0.0738470727 0.9179845460  0.3896806170 46.1810201619 -0.4616356668 -0.3778288930 0.8025819826  -9.5386306866  0.8839904530 -0.1206221414 0.4516759657 -27.4854405171 
3 'crystal symmetry operation' 3_555 -x+y,-x,z -0.0738470727 -0.4616356668 0.8839904530 23.3038280292 0.9179845460  -0.3778288930 -0.1206221414 -49.3127857917 0.3896806170 0.8025819826  0.4516759657 2.0741975873 
# 
_struct_biol.id        1 
_struct_biol.details   
;AUTHORS STATE THAT THE CRYSTAL IS AN INFINITE NETWORK         
MADE FROM THREE DNA STRANDS THAT SELF-ASSOCIATE. IN THE CURRENT       
ENTRY THE ASYMMETRIC UNIT IS COMPRISED OF 4 CHAINS, 3 OF WHICH        
ARE FRAGMENTS OF LONGER DNA STRANDS. APPLYING THE SPACE GROUP H3      
SYMMETRY OPERATORS (X, Y, Z,), (-Y, X-Y, Z), AND (-X+Y,-X,Z) TO       
THE CONTENTS OF THE ASYMMETRIC UNIT GENERATES ONE TRIMERIC UNIT       
OF THE SELF-ASSOCIATED DNA NETWORK. ADDITIONAL DETAILS ABOUT THE      
CHEMICAL COMPOSITION AND ASSOCIATION ARE INCLUDED IN REMARK 400.
;
# 
loop_
_struct_conn.id 
_struct_conn.conn_type_id 
_struct_conn.pdbx_leaving_atom_flag 
_struct_conn.pdbx_PDB_id 
_struct_conn.ptnr1_label_asym_id 
_struct_conn.ptnr1_label_comp_id 
_struct_conn.ptnr1_label_seq_id 
_struct_conn.ptnr1_label_atom_id 
_struct_conn.pdbx_ptnr1_label_alt_id 
_struct_conn.pdbx_ptnr1_PDB_ins_code 
_struct_conn.pdbx_ptnr1_standard_comp_id 
_struct_conn.ptnr1_symmetry 
_struct_conn.ptnr2_label_asym_id 
_struct_conn.ptnr2_label_comp_id 
_struct_conn.ptnr2_label_seq_id 
_struct_conn.ptnr2_label_atom_id 
_struct_conn.pdbx_ptnr2_label_alt_id 
_struct_conn.pdbx_ptnr2_PDB_ins_code 
_struct_conn.ptnr1_auth_asym_id 
_struct_conn.ptnr1_auth_comp_id 
_struct_conn.ptnr1_auth_seq_id 
_struct_conn.ptnr2_auth_asym_id 
_struct_conn.ptnr2_auth_comp_id 
_struct_conn.ptnr2_auth_seq_id 
_struct_conn.ptnr2_symmetry 
_struct_conn.pdbx_ptnr3_label_atom_id 
_struct_conn.pdbx_ptnr3_label_seq_id 
_struct_conn.pdbx_ptnr3_label_comp_id 
_struct_conn.pdbx_ptnr3_label_asym_id 
_struct_conn.pdbx_ptnr3_label_alt_id 
_struct_conn.pdbx_ptnr3_PDB_ins_code 
_struct_conn.details 
_struct_conn.pdbx_dist_value 
_struct_conn.pdbx_value_order 
_struct_conn.pdbx_role 
hydrog1  hydrog ? ? A DG 3  O6 ? ? ? 1_555 C DC 14 N4 ? ? A DG 3  B DC 14 1_555 ? ? ? ? ? ? 'DG-DC PAIR' ? ? ? 
hydrog2  hydrog ? ? A DA 5  N1 ? ? ? 1_555 C DT 12 N3 ? ? A DA 5  B DT 12 1_555 ? ? ? ? ? ? WATSON-CRICK ? ? ? 
hydrog3  hydrog ? ? A DA 5  N6 ? ? ? 1_555 C DT 12 O4 ? ? A DA 5  B DT 12 1_555 ? ? ? ? ? ? WATSON-CRICK ? ? ? 
hydrog4  hydrog ? ? A DC 7  N3 ? ? ? 1_555 C DG 10 N1 ? ? A DC 7  B DG 10 1_555 ? ? ? ? ? ? WATSON-CRICK ? ? ? 
hydrog5  hydrog ? ? A DC 7  N4 ? ? ? 1_555 C DG 10 O6 ? ? A DC 7  B DG 10 1_555 ? ? ? ? ? ? WATSON-CRICK ? ? ? 
hydrog6  hydrog ? ? A DC 7  O2 ? ? ? 1_555 C DG 10 N2 ? ? A DC 7  B DG 10 1_555 ? ? ? ? ? ? WATSON-CRICK ? ? ? 
hydrog7  hydrog ? ? A DC 8  N3 ? ? ? 1_555 C DG 9  N1 ? ? A DC 8  B DG 9  1_555 ? ? ? ? ? ? WATSON-CRICK ? ? ? 
hydrog8  hydrog ? ? A DC 8  N4 ? ? ? 1_555 C DG 9  O6 ? ? A DC 8  B DG 9  1_555 ? ? ? ? ? ? WATSON-CRICK ? ? ? 
hydrog9  hydrog ? ? A DC 8  O2 ? ? ? 1_555 C DG 9  N2 ? ? A DC 8  B DG 9  1_555 ? ? ? ? ? ? WATSON-CRICK ? ? ? 
hydrog10 hydrog ? ? A DC 9  N4 ? ? ? 1_555 B DG 9  O6 ? ? A DC 9  D DG 9  1_555 ? ? ? ? ? ? 'DC-DG PAIR' ? ? ? 
hydrog11 hydrog ? ? A DG 10 N1 ? ? ? 1_555 B DC 8  N3 ? ? A DG 10 D DC 8  1_555 ? ? ? ? ? ? 'DG-DC PAIR' ? ? ? 
hydrog12 hydrog ? ? A DA 12 N1 ? ? ? 1_555 B DT 6  N3 ? ? A DA 12 D DT 6  1_555 ? ? ? ? ? ? WATSON-CRICK ? ? ? 
hydrog13 hydrog ? ? A DA 12 N6 ? ? ? 1_555 B DT 6  O4 ? ? A DA 12 D DT 6  1_555 ? ? ? ? ? ? WATSON-CRICK ? ? ? 
hydrog14 hydrog ? ? A DC 13 N3 ? ? ? 1_555 B DG 5  N1 ? ? A DC 13 D DG 5  1_555 ? ? ? ? ? ? WATSON-CRICK ? ? ? 
hydrog15 hydrog ? ? A DC 13 N4 ? ? ? 1_555 B DG 5  O6 ? ? A DC 13 D DG 5  1_555 ? ? ? ? ? ? WATSON-CRICK ? ? ? 
hydrog16 hydrog ? ? A DC 13 O2 ? ? ? 1_555 B DG 5  N2 ? ? A DC 13 D DG 5  1_555 ? ? ? ? ? ? WATSON-CRICK ? ? ? 
hydrog17 hydrog ? ? A DC 15 N4 ? ? ? 1_555 B DG 3  O6 ? ? A DC 15 D DG 3  1_555 ? ? ? ? ? ? 'DC-DG PAIR' ? ? ? 
hydrog18 hydrog ? ? A DG 16 N2 ? ? ? 1_555 B DC 2  O2 ? ? A DG 16 D DC 2  1_555 ? ? ? ? ? ? 'DG-DC PAIR' ? ? ? 
hydrog19 hydrog ? ? B DG 12 N1 ? ? ? 1_555 D DC 7  N3 ? ? D DG 12 C DC 23 1_555 ? ? ? ? ? ? 'DG-DC PAIR' ? ? ? 
hydrog20 hydrog ? ? B DA 16 N1 ? ? ? 1_555 D DT 3  N3 ? ? D DA 16 C DT 19 1_555 ? ? ? ? ? ? WATSON-CRICK ? ? ? 
hydrog21 hydrog ? ? B DA 16 N6 ? ? ? 1_555 D DT 3  O4 ? ? D DA 16 C DT 19 1_555 ? ? ? ? ? ? WATSON-CRICK ? ? ? 
hydrog22 hydrog ? ? B DG 17 N2 ? ? ? 1_555 D DC 2  O2 ? ? D DG 17 C DC 18 1_555 ? ? ? ? ? ? 'DG-DC PAIR' ? ? ? 
hydrog23 hydrog ? ? C DT 3  N3 ? ? ? 1_555 D DA 15 N1 ? ? B DT 3  C DA 31 1_555 ? ? ? ? ? ? WATSON-CRICK ? ? ? 
hydrog24 hydrog ? ? C DT 3  O4 ? ? ? 1_555 D DA 15 N6 ? ? B DT 3  C DA 31 1_555 ? ? ? ? ? ? WATSON-CRICK ? ? ? 
hydrog25 hydrog ? ? C DG 4  N2 ? ? ? 1_555 D DC 14 N3 ? ? B DG 4  C DC 30 1_555 ? ? ? ? ? ? 'DG-DC PAIR' ? ? ? 
hydrog26 hydrog ? ? C DA 8  N6 ? ? ? 1_555 D DT 10 O4 ? ? B DA 8  C DT 26 1_555 ? ? ? ? ? ? 'DA-DT PAIR' ? ? ? 
# 
_struct_conn_type.id          hydrog 
_struct_conn_type.criteria    ? 
_struct_conn_type.reference   ? 
# 
_pdbx_validate_symm_contact.id                1 
_pdbx_validate_symm_contact.PDB_model_num     1 
_pdbx_validate_symm_contact.auth_atom_id_1    "O3'" 
_pdbx_validate_symm_contact.auth_asym_id_1    A 
_pdbx_validate_symm_contact.auth_comp_id_1    DG 
_pdbx_validate_symm_contact.auth_seq_id_1     16 
_pdbx_validate_symm_contact.PDB_ins_code_1    ? 
_pdbx_validate_symm_contact.label_alt_id_1    ? 
_pdbx_validate_symm_contact.site_symmetry_1   1_555 
_pdbx_validate_symm_contact.auth_atom_id_2    P 
_pdbx_validate_symm_contact.auth_asym_id_2    C 
_pdbx_validate_symm_contact.auth_comp_id_2    DG 
_pdbx_validate_symm_contact.auth_seq_id_2     17 
_pdbx_validate_symm_contact.PDB_ins_code_2    ? 
_pdbx_validate_symm_contact.label_alt_id_2    ? 
_pdbx_validate_symm_contact.site_symmetry_2   2_555 
_pdbx_validate_symm_contact.dist              2.11 
# 
loop_
_pdbx_validate_rmsd_angle.id 
_pdbx_validate_rmsd_angle.PDB_model_num 
_pdbx_validate_rmsd_angle.auth_atom_id_1 
_pdbx_validate_rmsd_angle.auth_asym_id_1 
_pdbx_validate_rmsd_angle.auth_comp_id_1 
_pdbx_validate_rmsd_angle.auth_seq_id_1 
_pdbx_validate_rmsd_angle.PDB_ins_code_1 
_pdbx_validate_rmsd_angle.label_alt_id_1 
_pdbx_validate_rmsd_angle.auth_atom_id_2 
_pdbx_validate_rmsd_angle.auth_asym_id_2 
_pdbx_validate_rmsd_angle.auth_comp_id_2 
_pdbx_validate_rmsd_angle.auth_seq_id_2 
_pdbx_validate_rmsd_angle.PDB_ins_code_2 
_pdbx_validate_rmsd_angle.label_alt_id_2 
_pdbx_validate_rmsd_angle.auth_atom_id_3 
_pdbx_validate_rmsd_angle.auth_asym_id_3 
_pdbx_validate_rmsd_angle.auth_comp_id_3 
_pdbx_validate_rmsd_angle.auth_seq_id_3 
_pdbx_validate_rmsd_angle.PDB_ins_code_3 
_pdbx_validate_rmsd_angle.label_alt_id_3 
_pdbx_validate_rmsd_angle.angle_value 
_pdbx_validate_rmsd_angle.angle_target_value 
_pdbx_validate_rmsd_angle.angle_deviation 
_pdbx_validate_rmsd_angle.angle_standard_deviation 
_pdbx_validate_rmsd_angle.linker_flag 
1 1 "O4'" A DT 11 ? ? "C1'" A DT 11 ? ? N1    A DT 11 ? ? 110.91 108.30 2.61  0.30 N 
2 1 "C3'" A DC 13 ? ? "C2'" A DC 13 ? ? "C1'" A DC 13 ? ? 97.59  102.40 -4.81 0.80 N 
3 1 "O4'" A DC 13 ? ? "C1'" A DC 13 ? ? N1    A DC 13 ? ? 111.53 108.30 3.23  0.30 N 
4 1 "O4'" A DT 14 ? ? "C1'" A DT 14 ? ? N1    A DT 14 ? ? 110.80 108.30 2.50  0.30 N 
5 1 "O4'" A DG 16 ? ? "C1'" A DG 16 ? ? N9    A DG 16 ? ? 110.39 108.30 2.09  0.30 N 
6 1 "O4'" D DG 17 ? ? "C1'" D DG 17 ? ? N9    D DG 17 ? ? 111.23 108.30 2.93  0.30 N 
7 1 "O4'" C DT 20 ? ? "C1'" C DT 20 ? ? N1    C DT 20 ? ? 110.26 108.30 1.96  0.30 N 
8 1 "O4'" C DC 27 ? ? "C1'" C DC 27 ? ? N1    C DC 27 ? ? 110.31 108.30 2.01  0.30 N 
9 1 "O4'" C DC 30 ? ? "C1'" C DC 30 ? ? N1    C DC 30 ? ? 110.38 108.30 2.08  0.30 N 
# 
_pdbx_entry_details.entry_id                 3UBI 
_pdbx_entry_details.nonpolymer_details       ? 
_pdbx_entry_details.sequence_details         ? 
_pdbx_entry_details.compound_details         
;THE STRUCTURE UNIT IS GENERATED FROM 7 DNA STRANDS WHICH FORM A NETWORK UNIT WITH INTERNAL 3-FOLD SYMMETRY. EXTENDING OF THE STRUCTURE UNIT IN 3-D SPACE RESULTS THE CRYSTAL AT R3 SPACE GROUP (REPRESENTED AS H3). THE DNA SEQUENCES OF THE 7 STRANDS ARE:  
(#1) 3 STRANDS 5'-D(*GP*AP*GP*CP*AP*GP*CP*CP*CP*GP*TP*AP*CP*TP*CP*GP*GP*     
 CP*TP*TP*GP*TP*CP*GP*TP*TP*CP*AP*TP*CP*A)-3';  
 
(#2) 1 STRANDS 5'-D(P*CP*CP*GP*AP*GP*TP*AP*CP*GP*AP*CP*GP*AP*CP*AP*AP*GP*CP*CP*GP*AP*GP*TP*AP*CP*GP*AP*CP*GP*AP*CP*AP*AP*GP*CP*CP*GP*AP*GP*TP*AP*CP*GP*AP*CP*GP*AP*CP*AP*AP*G)-3';  
 
(#3) 3 STRANDS 5'-D(*TP*CP*TP*GP*AP*TP*GP*AP*GP*GP*CP*TP*GP*C)-3').  
 
THE ASYMMETRIC UNIT IS COMPRISED OF THE FIRST 16 NUCLEOTIDES OF THE FULL #1 STRAND (CHAIN A), BY THELAST 15 RESIDUES OF THE FULL #1 STRAND (CHAIN C), BY THE FIRST 17 NUCLEOTIDES OF THE #2 STRAND (CHAIN D) AND BY #3 STRAND (CHAIN B).  
 
CHAINS A (FIRST 16 RESIDUES OF STRAND #1) AND C (NEXT 15 RESIDUES OF STRAND #1) TOGETHER FORM THE FIRST DNA STRAND (#3) OF THE EXPERIMENT. THIS DNA STRAND SPANS TWO ASYMMETRIC UNITS- HENCE IT WAS DIVIDED INTO THE CURRENT CHAINS A AND C FOR CONVENIENT REPRESENTATION AND CRYSTALLOGRAPHIC COMPUTING. CHAIN A (1_555) IS COVALENTLY LINKED TO CHAIN C OF ANOTHER ASYMMETRIC UNIT (3_555); AND CHAIN C (1_555) IS COVALENTLY LINKED TO CHAIN A OF ANOTHER ASYMMETRIC UNIT (2_555).  
 
THE #2 STRAND FORM A CIRCULAR DNA MOLECULE AS A CONSEQUENCE OF INTERNAL 3-FOLD SYMMETRY OF THE TRIANGLE CHAIN D IN THE ASYMMETRIC UNIT REPRESENTS ONE OF THESE REPEATING UNITS. IT HAS 3 SYMMETRIC AND SEQUENTIAL REPEATING UNITS THAT ARE COVALENTLY LINKED TO EACH OTHER VIA THE O3' END OF RESIDUE 17D TO THE O5' END OF RESIDUE 1D) CHAIN D (1_555) IS COVALENTLY LINKED TO CHAIN D OF TWO NEIGHBOURING ASYMMETRIC UNITS (2_555) AND (3_555). THE SELECTION OF RESIDUES FROM THE DNA #2 AND #3 ARE DICTATED BY THEIR PROXIMITY (BASE PAIRING) TO CHAINS A AND C. CHAIN B IN THE ASYMMETRIC UNIT REPRESENTS THE THIRD OF THESE REPEATING UNITS.
;
_pdbx_entry_details.source_details           ? 
_pdbx_entry_details.has_ligand_of_interest   ? 
# 
loop_
_chem_comp_atom.comp_id 
_chem_comp_atom.atom_id 
_chem_comp_atom.type_symbol 
_chem_comp_atom.pdbx_aromatic_flag 
_chem_comp_atom.pdbx_stereo_config 
_chem_comp_atom.pdbx_ordinal 
DA OP3    O N N 1   
DA P      P N N 2   
DA OP1    O N N 3   
DA OP2    O N N 4   
DA "O5'"  O N N 5   
DA "C5'"  C N N 6   
DA "C4'"  C N R 7   
DA "O4'"  O N N 8   
DA "C3'"  C N S 9   
DA "O3'"  O N N 10  
DA "C2'"  C N N 11  
DA "C1'"  C N R 12  
DA N9     N Y N 13  
DA C8     C Y N 14  
DA N7     N Y N 15  
DA C5     C Y N 16  
DA C6     C Y N 17  
DA N6     N N N 18  
DA N1     N Y N 19  
DA C2     C Y N 20  
DA N3     N Y N 21  
DA C4     C Y N 22  
DA HOP3   H N N 23  
DA HOP2   H N N 24  
DA "H5'"  H N N 25  
DA "H5''" H N N 26  
DA "H4'"  H N N 27  
DA "H3'"  H N N 28  
DA "HO3'" H N N 29  
DA "H2'"  H N N 30  
DA "H2''" H N N 31  
DA "H1'"  H N N 32  
DA H8     H N N 33  
DA H61    H N N 34  
DA H62    H N N 35  
DA H2     H N N 36  
DC OP3    O N N 37  
DC P      P N N 38  
DC OP1    O N N 39  
DC OP2    O N N 40  
DC "O5'"  O N N 41  
DC "C5'"  C N N 42  
DC "C4'"  C N R 43  
DC "O4'"  O N N 44  
DC "C3'"  C N S 45  
DC "O3'"  O N N 46  
DC "C2'"  C N N 47  
DC "C1'"  C N R 48  
DC N1     N N N 49  
DC C2     C N N 50  
DC O2     O N N 51  
DC N3     N N N 52  
DC C4     C N N 53  
DC N4     N N N 54  
DC C5     C N N 55  
DC C6     C N N 56  
DC HOP3   H N N 57  
DC HOP2   H N N 58  
DC "H5'"  H N N 59  
DC "H5''" H N N 60  
DC "H4'"  H N N 61  
DC "H3'"  H N N 62  
DC "HO3'" H N N 63  
DC "H2'"  H N N 64  
DC "H2''" H N N 65  
DC "H1'"  H N N 66  
DC H41    H N N 67  
DC H42    H N N 68  
DC H5     H N N 69  
DC H6     H N N 70  
DG OP3    O N N 71  
DG P      P N N 72  
DG OP1    O N N 73  
DG OP2    O N N 74  
DG "O5'"  O N N 75  
DG "C5'"  C N N 76  
DG "C4'"  C N R 77  
DG "O4'"  O N N 78  
DG "C3'"  C N S 79  
DG "O3'"  O N N 80  
DG "C2'"  C N N 81  
DG "C1'"  C N R 82  
DG N9     N Y N 83  
DG C8     C Y N 84  
DG N7     N Y N 85  
DG C5     C Y N 86  
DG C6     C N N 87  
DG O6     O N N 88  
DG N1     N N N 89  
DG C2     C N N 90  
DG N2     N N N 91  
DG N3     N N N 92  
DG C4     C Y N 93  
DG HOP3   H N N 94  
DG HOP2   H N N 95  
DG "H5'"  H N N 96  
DG "H5''" H N N 97  
DG "H4'"  H N N 98  
DG "H3'"  H N N 99  
DG "HO3'" H N N 100 
DG "H2'"  H N N 101 
DG "H2''" H N N 102 
DG "H1'"  H N N 103 
DG H8     H N N 104 
DG H1     H N N 105 
DG H21    H N N 106 
DG H22    H N N 107 
DT OP3    O N N 108 
DT P      P N N 109 
DT OP1    O N N 110 
DT OP2    O N N 111 
DT "O5'"  O N N 112 
DT "C5'"  C N N 113 
DT "C4'"  C N R 114 
DT "O4'"  O N N 115 
DT "C3'"  C N S 116 
DT "O3'"  O N N 117 
DT "C2'"  C N N 118 
DT "C1'"  C N R 119 
DT N1     N N N 120 
DT C2     C N N 121 
DT O2     O N N 122 
DT N3     N N N 123 
DT C4     C N N 124 
DT O4     O N N 125 
DT C5     C N N 126 
DT C7     C N N 127 
DT C6     C N N 128 
DT HOP3   H N N 129 
DT HOP2   H N N 130 
DT "H5'"  H N N 131 
DT "H5''" H N N 132 
DT "H4'"  H N N 133 
DT "H3'"  H N N 134 
DT "HO3'" H N N 135 
DT "H2'"  H N N 136 
DT "H2''" H N N 137 
DT "H1'"  H N N 138 
DT H3     H N N 139 
DT H71    H N N 140 
DT H72    H N N 141 
DT H73    H N N 142 
DT H6     H N N 143 
# 
loop_
_chem_comp_bond.comp_id 
_chem_comp_bond.atom_id_1 
_chem_comp_bond.atom_id_2 
_chem_comp_bond.value_order 
_chem_comp_bond.pdbx_aromatic_flag 
_chem_comp_bond.pdbx_stereo_config 
_chem_comp_bond.pdbx_ordinal 
DA OP3   P      sing N N 1   
DA OP3   HOP3   sing N N 2   
DA P     OP1    doub N N 3   
DA P     OP2    sing N N 4   
DA P     "O5'"  sing N N 5   
DA OP2   HOP2   sing N N 6   
DA "O5'" "C5'"  sing N N 7   
DA "C5'" "C4'"  sing N N 8   
DA "C5'" "H5'"  sing N N 9   
DA "C5'" "H5''" sing N N 10  
DA "C4'" "O4'"  sing N N 11  
DA "C4'" "C3'"  sing N N 12  
DA "C4'" "H4'"  sing N N 13  
DA "O4'" "C1'"  sing N N 14  
DA "C3'" "O3'"  sing N N 15  
DA "C3'" "C2'"  sing N N 16  
DA "C3'" "H3'"  sing N N 17  
DA "O3'" "HO3'" sing N N 18  
DA "C2'" "C1'"  sing N N 19  
DA "C2'" "H2'"  sing N N 20  
DA "C2'" "H2''" sing N N 21  
DA "C1'" N9     sing N N 22  
DA "C1'" "H1'"  sing N N 23  
DA N9    C8     sing Y N 24  
DA N9    C4     sing Y N 25  
DA C8    N7     doub Y N 26  
DA C8    H8     sing N N 27  
DA N7    C5     sing Y N 28  
DA C5    C6     sing Y N 29  
DA C5    C4     doub Y N 30  
DA C6    N6     sing N N 31  
DA C6    N1     doub Y N 32  
DA N6    H61    sing N N 33  
DA N6    H62    sing N N 34  
DA N1    C2     sing Y N 35  
DA C2    N3     doub Y N 36  
DA C2    H2     sing N N 37  
DA N3    C4     sing Y N 38  
DC OP3   P      sing N N 39  
DC OP3   HOP3   sing N N 40  
DC P     OP1    doub N N 41  
DC P     OP2    sing N N 42  
DC P     "O5'"  sing N N 43  
DC OP2   HOP2   sing N N 44  
DC "O5'" "C5'"  sing N N 45  
DC "C5'" "C4'"  sing N N 46  
DC "C5'" "H5'"  sing N N 47  
DC "C5'" "H5''" sing N N 48  
DC "C4'" "O4'"  sing N N 49  
DC "C4'" "C3'"  sing N N 50  
DC "C4'" "H4'"  sing N N 51  
DC "O4'" "C1'"  sing N N 52  
DC "C3'" "O3'"  sing N N 53  
DC "C3'" "C2'"  sing N N 54  
DC "C3'" "H3'"  sing N N 55  
DC "O3'" "HO3'" sing N N 56  
DC "C2'" "C1'"  sing N N 57  
DC "C2'" "H2'"  sing N N 58  
DC "C2'" "H2''" sing N N 59  
DC "C1'" N1     sing N N 60  
DC "C1'" "H1'"  sing N N 61  
DC N1    C2     sing N N 62  
DC N1    C6     sing N N 63  
DC C2    O2     doub N N 64  
DC C2    N3     sing N N 65  
DC N3    C4     doub N N 66  
DC C4    N4     sing N N 67  
DC C4    C5     sing N N 68  
DC N4    H41    sing N N 69  
DC N4    H42    sing N N 70  
DC C5    C6     doub N N 71  
DC C5    H5     sing N N 72  
DC C6    H6     sing N N 73  
DG OP3   P      sing N N 74  
DG OP3   HOP3   sing N N 75  
DG P     OP1    doub N N 76  
DG P     OP2    sing N N 77  
DG P     "O5'"  sing N N 78  
DG OP2   HOP2   sing N N 79  
DG "O5'" "C5'"  sing N N 80  
DG "C5'" "C4'"  sing N N 81  
DG "C5'" "H5'"  sing N N 82  
DG "C5'" "H5''" sing N N 83  
DG "C4'" "O4'"  sing N N 84  
DG "C4'" "C3'"  sing N N 85  
DG "C4'" "H4'"  sing N N 86  
DG "O4'" "C1'"  sing N N 87  
DG "C3'" "O3'"  sing N N 88  
DG "C3'" "C2'"  sing N N 89  
DG "C3'" "H3'"  sing N N 90  
DG "O3'" "HO3'" sing N N 91  
DG "C2'" "C1'"  sing N N 92  
DG "C2'" "H2'"  sing N N 93  
DG "C2'" "H2''" sing N N 94  
DG "C1'" N9     sing N N 95  
DG "C1'" "H1'"  sing N N 96  
DG N9    C8     sing Y N 97  
DG N9    C4     sing Y N 98  
DG C8    N7     doub Y N 99  
DG C8    H8     sing N N 100 
DG N7    C5     sing Y N 101 
DG C5    C6     sing N N 102 
DG C5    C4     doub Y N 103 
DG C6    O6     doub N N 104 
DG C6    N1     sing N N 105 
DG N1    C2     sing N N 106 
DG N1    H1     sing N N 107 
DG C2    N2     sing N N 108 
DG C2    N3     doub N N 109 
DG N2    H21    sing N N 110 
DG N2    H22    sing N N 111 
DG N3    C4     sing N N 112 
DT OP3   P      sing N N 113 
DT OP3   HOP3   sing N N 114 
DT P     OP1    doub N N 115 
DT P     OP2    sing N N 116 
DT P     "O5'"  sing N N 117 
DT OP2   HOP2   sing N N 118 
DT "O5'" "C5'"  sing N N 119 
DT "C5'" "C4'"  sing N N 120 
DT "C5'" "H5'"  sing N N 121 
DT "C5'" "H5''" sing N N 122 
DT "C4'" "O4'"  sing N N 123 
DT "C4'" "C3'"  sing N N 124 
DT "C4'" "H4'"  sing N N 125 
DT "O4'" "C1'"  sing N N 126 
DT "C3'" "O3'"  sing N N 127 
DT "C3'" "C2'"  sing N N 128 
DT "C3'" "H3'"  sing N N 129 
DT "O3'" "HO3'" sing N N 130 
DT "C2'" "C1'"  sing N N 131 
DT "C2'" "H2'"  sing N N 132 
DT "C2'" "H2''" sing N N 133 
DT "C1'" N1     sing N N 134 
DT "C1'" "H1'"  sing N N 135 
DT N1    C2     sing N N 136 
DT N1    C6     sing N N 137 
DT C2    O2     doub N N 138 
DT C2    N3     sing N N 139 
DT N3    C4     sing N N 140 
DT N3    H3     sing N N 141 
DT C4    O4     doub N N 142 
DT C4    C5     sing N N 143 
DT C5    C7     sing N N 144 
DT C5    C6     doub N N 145 
DT C7    H71    sing N N 146 
DT C7    H72    sing N N 147 
DT C7    H73    sing N N 148 
DT C6    H6     sing N N 149 
# 
loop_
_ndb_struct_conf_na.entry_id 
_ndb_struct_conf_na.feature 
3UBI 'double helix'         
3UBI 'b-form double helix'  
3UBI 'mismatched base pair' 
3UBI 'internal loop'        
# 
loop_
_ndb_struct_na_base_pair.model_number 
_ndb_struct_na_base_pair.i_label_asym_id 
_ndb_struct_na_base_pair.i_label_comp_id 
_ndb_struct_na_base_pair.i_label_seq_id 
_ndb_struct_na_base_pair.i_symmetry 
_ndb_struct_na_base_pair.j_label_asym_id 
_ndb_struct_na_base_pair.j_label_comp_id 
_ndb_struct_na_base_pair.j_label_seq_id 
_ndb_struct_na_base_pair.j_symmetry 
_ndb_struct_na_base_pair.shear 
_ndb_struct_na_base_pair.stretch 
_ndb_struct_na_base_pair.stagger 
_ndb_struct_na_base_pair.buckle 
_ndb_struct_na_base_pair.propeller 
_ndb_struct_na_base_pair.opening 
_ndb_struct_na_base_pair.pair_number 
_ndb_struct_na_base_pair.pair_name 
_ndb_struct_na_base_pair.i_auth_asym_id 
_ndb_struct_na_base_pair.i_auth_seq_id 
_ndb_struct_na_base_pair.i_PDB_ins_code 
_ndb_struct_na_base_pair.j_auth_asym_id 
_ndb_struct_na_base_pair.j_auth_seq_id 
_ndb_struct_na_base_pair.j_PDB_ins_code 
_ndb_struct_na_base_pair.hbond_type_28 
_ndb_struct_na_base_pair.hbond_type_12 
1 A DG 3  1_555 C DC 14 1_555 -0.194 0.594  -0.062 2.629   -8.251  -18.996 1  A_DG3:DC14_B  A 3  ? B 14 ? ?  ? 
1 A DA 5  1_555 C DT 12 1_555 1.041  -0.144 -0.011 -5.714  -26.416 -8.063  2  A_DA5:DT12_B  A 5  ? B 12 ? 20 1 
1 A DC 7  1_555 C DG 10 1_555 0.998  -0.433 0.866  -4.408  -4.013  2.016   3  A_DC7:DG10_B  A 7  ? B 10 ? 19 1 
1 A DC 8  1_555 C DG 9  1_555 -1.045 0.035  0.512  5.026   -12.862 -0.841  4  A_DC8:DG9_B   A 8  ? B 9  ? 19 1 
1 A DC 9  1_555 B DG 9  1_555 -0.655 0.229  -1.355 17.140  -16.540 -21.219 5  A_DC9:DG9_D   A 9  ? D 9  ? ?  ? 
1 A DG 10 1_555 B DC 8  1_555 -1.371 0.146  -0.800 -13.712 -19.253 7.370   6  A_DG10:DC8_D  A 10 ? D 8  ? ?  1 
1 A DA 12 1_555 B DT 6  1_555 -0.019 -0.105 0.347  8.383   -20.859 -11.168 7  A_DA12:DT6_D  A 12 ? D 6  ? 20 1 
1 A DC 13 1_555 B DG 5  1_555 -0.042 0.218  0.481  3.760   -17.578 1.652   8  A_DC13:DG5_D  A 13 ? D 5  ? 19 1 
1 A DC 15 1_555 B DG 3  1_555 0.497  0.103  0.156  -3.224  2.422   -24.115 9  A_DC15:DG3_D  A 15 ? D 3  ? ?  1 
1 A DG 16 1_555 B DC 2  1_555 0.258  0.580  -0.093 0.770   -3.104  5.441   10 A_DG16:DC2_D  A 16 ? D 2  ? ?  ? 
1 B DG 12 1_555 D DC 7  1_555 -0.864 0.013  -0.696 -19.477 -22.553 -11.465 11 D_DG12:DC23_C D 12 ? C 23 ? ?  1 
1 B DA 16 1_555 D DT 3  1_555 0.638  -0.078 0.020  -1.476  -13.137 -3.852  12 D_DA16:DT19_C D 16 ? C 19 ? 20 1 
1 B DG 17 1_555 D DC 2  1_555 2.107  0.296  -1.096 -6.600  -8.339  22.261  13 D_DG17:DC18_C D 17 ? C 18 ? ?  1 
1 C DT 3  1_555 D DA 15 1_555 -1.350 -0.151 0.145  14.086  -24.298 -15.155 14 B_DT3:DA31_C  B 3  ? C 31 ? 20 1 
1 C DG 4  1_555 D DC 14 1_555 1.718  1.210  -0.336 -5.926  -11.946 14.407  15 B_DG4:DC30_C  B 4  ? C 30 ? ?  ? 
1 C DA 8  1_555 D DT 10 1_555 -0.027 0.781  -0.351 -8.096  -17.681 -17.938 16 B_DA8:DT26_C  B 8  ? C 26 ? ?  ? 
# 
loop_
_ndb_struct_na_base_pair_step.model_number 
_ndb_struct_na_base_pair_step.i_label_asym_id_1 
_ndb_struct_na_base_pair_step.i_label_comp_id_1 
_ndb_struct_na_base_pair_step.i_label_seq_id_1 
_ndb_struct_na_base_pair_step.i_symmetry_1 
_ndb_struct_na_base_pair_step.j_label_asym_id_1 
_ndb_struct_na_base_pair_step.j_label_comp_id_1 
_ndb_struct_na_base_pair_step.j_label_seq_id_1 
_ndb_struct_na_base_pair_step.j_symmetry_1 
_ndb_struct_na_base_pair_step.i_label_asym_id_2 
_ndb_struct_na_base_pair_step.i_label_comp_id_2 
_ndb_struct_na_base_pair_step.i_label_seq_id_2 
_ndb_struct_na_base_pair_step.i_symmetry_2 
_ndb_struct_na_base_pair_step.j_label_asym_id_2 
_ndb_struct_na_base_pair_step.j_label_comp_id_2 
_ndb_struct_na_base_pair_step.j_label_seq_id_2 
_ndb_struct_na_base_pair_step.j_symmetry_2 
_ndb_struct_na_base_pair_step.shift 
_ndb_struct_na_base_pair_step.slide 
_ndb_struct_na_base_pair_step.rise 
_ndb_struct_na_base_pair_step.tilt 
_ndb_struct_na_base_pair_step.roll 
_ndb_struct_na_base_pair_step.twist 
_ndb_struct_na_base_pair_step.x_displacement 
_ndb_struct_na_base_pair_step.y_displacement 
_ndb_struct_na_base_pair_step.helical_rise 
_ndb_struct_na_base_pair_step.inclination 
_ndb_struct_na_base_pair_step.tip 
_ndb_struct_na_base_pair_step.helical_twist 
_ndb_struct_na_base_pair_step.step_number 
_ndb_struct_na_base_pair_step.step_name 
_ndb_struct_na_base_pair_step.i_auth_asym_id_1 
_ndb_struct_na_base_pair_step.i_auth_seq_id_1 
_ndb_struct_na_base_pair_step.i_PDB_ins_code_1 
_ndb_struct_na_base_pair_step.j_auth_asym_id_1 
_ndb_struct_na_base_pair_step.j_auth_seq_id_1 
_ndb_struct_na_base_pair_step.j_PDB_ins_code_1 
_ndb_struct_na_base_pair_step.i_auth_asym_id_2 
_ndb_struct_na_base_pair_step.i_auth_seq_id_2 
_ndb_struct_na_base_pair_step.i_PDB_ins_code_2 
_ndb_struct_na_base_pair_step.j_auth_asym_id_2 
_ndb_struct_na_base_pair_step.j_auth_seq_id_2 
_ndb_struct_na_base_pair_step.j_PDB_ins_code_2 
1 A DG 3  1_555 C DC 14 1_555 A DA 5  1_555 C DT 12 1_555 -0.739 -0.845 7.345 -10.725 4.973   74.244 -1.037 -0.133 7.321 4.095   
8.831   75.045 1  AA_DG3DA5:DT12DC14_BB   A 3  ? B 14 ? A 5  ? B 12 ? 
1 A DA 5  1_555 C DT 12 1_555 A DC 7  1_555 C DG 10 1_555 1.004  -1.142 6.586 -7.714  -13.956 65.479 0.076  -1.520 6.546 -12.707 
7.024   67.182 2  AA_DA5DC7:DG10DT12_BB   A 5  ? B 12 ? A 7  ? B 10 ? 
1 A DC 7  1_555 C DG 10 1_555 A DC 8  1_555 C DG 9  1_555 -0.520 -0.500 3.162 -0.360  -13.396 34.498 1.018  0.772  3.141 -21.605 
0.580   36.936 3  AA_DC7DC8:DG9DG10_BB    A 7  ? B 10 ? A 8  ? B 9  ? 
1 A DC 8  1_555 C DG 9  1_555 A DC 9  1_555 B DG 9  1_555 -2.235 -1.411 2.999 7.360   -6.996  25.063 -1.452 6.435  2.547 -15.341 
-16.141 27.011 4  AA_DC8DC9:DG9DG9_DB     A 8  ? B 9  ? A 9  ? D 9  ? 
1 A DC 9  1_555 B DG 9  1_555 A DG 10 1_555 B DC 8  1_555 1.711  -0.903 4.609 6.621   31.698  28.070 -5.627 -1.439 2.679 49.071  
-10.250 42.607 5  AA_DC9DG10:DC8DG9_DD    A 9  ? D 9  ? A 10 ? D 8  ? 
1 A DG 10 1_555 B DC 8  1_555 A DA 12 1_555 B DT 6  1_555 -0.401 -0.994 6.158 -16.246 -3.267  74.945 -0.620 -0.585 6.160 -2.654  
13.197  76.492 6  AA_DG10DA12:DT6DC8_DD   A 10 ? D 8  ? A 12 ? D 6  ? 
1 A DA 12 1_555 B DT 6  1_555 A DC 13 1_555 B DG 5  1_555 1.106  -1.024 3.279 1.249   -2.157  31.224 -1.483 -1.808 3.381 -3.999  
-2.317  31.321 7  AA_DA12DC13:DG5DT6_DD   A 12 ? D 6  ? A 13 ? D 5  ? 
1 A DC 15 1_555 B DG 3  1_555 A DG 16 1_555 B DC 2  1_555 4.139  1.014  3.090 14.464  9.691   34.072 0.034  -4.067 4.543 15.359  
-22.923 38.144 8  AA_DC15DG16:DC2DG3_DD   A 15 ? D 3  ? A 16 ? D 2  ? 
1 B DA 16 1_555 D DT 3  1_555 B DG 17 1_555 D DC 2  1_555 1.929  -0.351 4.283 6.702   -0.963  36.921 -0.374 -1.805 4.559 -1.505  
-10.475 37.515 9  DD_DA16DG17:DC18DT19_CC D 16 ? C 19 ? D 17 ? C 18 ? 
1 C DT 3  1_555 D DA 15 1_555 C DG 4  1_555 D DC 14 1_555 2.147  -0.656 4.369 10.072  8.028   45.125 -1.753 -1.538 4.549 10.218  
-12.819 46.834 10 BB_DT3DG4:DC30DA31_CC   B 3  ? C 31 ? B 4  ? C 30 ? 
# 
_atom_sites.entry_id                    3UBI 
_atom_sites.fract_transf_matrix[1][1]   0.00574269 
_atom_sites.fract_transf_matrix[1][2]   -0.00149205 
_atom_sites.fract_transf_matrix[1][3]   -0.00330826 
_atom_sites.fract_transf_matrix[2][1]   0.00265993 
_atom_sites.fract_transf_matrix[2][2]   -0.00623408 
_atom_sites.fract_transf_matrix[2][3]   0.00045368 
_atom_sites.fract_transf_matrix[3][1]   -0.00601344 
_atom_sites.fract_transf_matrix[3][2]   -0.00321977 
_atom_sites.fract_transf_matrix[3][3]   -0.00898638 
_atom_sites.fract_transf_vector[1]      -0.190302 
_atom_sites.fract_transf_vector[2]      -0.180060 
_atom_sites.fract_transf_vector[3]      0.091483 
# 
loop_
_atom_type.symbol 
C 
N 
O 
P 
# 
loop_
_atom_site.group_PDB 
_atom_site.id 
_atom_site.type_symbol 
_atom_site.label_atom_id 
_atom_site.label_alt_id 
_atom_site.label_comp_id 
_atom_site.label_asym_id 
_atom_site.label_entity_id 
_atom_site.label_seq_id 
_atom_site.pdbx_PDB_ins_code 
_atom_site.Cartn_x 
_atom_site.Cartn_y 
_atom_site.Cartn_z 
_atom_site.occupancy 
_atom_site.B_iso_or_equiv 
_atom_site.pdbx_formal_charge 
_atom_site.auth_seq_id 
_atom_site.auth_comp_id 
_atom_site.auth_asym_id 
_atom_site.auth_atom_id 
_atom_site.pdbx_PDB_model_num 
ATOM 1    O "O5'" . DG A 1 1  ? -11.257 9.701   25.151  1.00 236.00 ? 1  DG A "O5'" 1 
ATOM 2    C "C5'" . DG A 1 1  ? -11.636 11.002  24.696  1.00 236.00 ? 1  DG A "C5'" 1 
ATOM 3    C "C4'" . DG A 1 1  ? -12.481 10.911  23.437  1.00 236.00 ? 1  DG A "C4'" 1 
ATOM 4    O "O4'" . DG A 1 1  ? -12.893 12.242  23.037  1.00 236.00 ? 1  DG A "O4'" 1 
ATOM 5    C "C3'" . DG A 1 1  ? -11.762 10.336  22.224  1.00 236.00 ? 1  DG A "C3'" 1 
ATOM 6    O "O3'" . DG A 1 1  ? -12.695 9.734   21.336  1.00 236.00 ? 1  DG A "O3'" 1 
ATOM 7    C "C2'" . DG A 1 1  ? -11.126 11.577  21.610  1.00 236.00 ? 1  DG A "C2'" 1 
ATOM 8    C "C1'" . DG A 1 1  ? -12.183 12.643  21.879  1.00 236.00 ? 1  DG A "C1'" 1 
ATOM 9    N N9    . DG A 1 1  ? -11.595 13.962  22.099  1.00 236.00 ? 1  DG A N9    1 
ATOM 10   C C8    . DG A 1 1  ? -10.753 14.332  23.121  1.00 236.00 ? 1  DG A C8    1 
ATOM 11   N N7    . DG A 1 1  ? -10.381 15.580  23.056  1.00 236.00 ? 1  DG A N7    1 
ATOM 12   C C5    . DG A 1 1  ? -11.014 16.067  21.919  1.00 236.00 ? 1  DG A C5    1 
ATOM 13   C C6    . DG A 1 1  ? -10.984 17.359  21.343  1.00 236.00 ? 1  DG A C6    1 
ATOM 14   O O6    . DG A 1 1  ? -10.373 18.360  21.740  1.00 236.00 ? 1  DG A O6    1 
ATOM 15   N N1    . DG A 1 1  ? -11.767 17.428  20.194  1.00 236.00 ? 1  DG A N1    1 
ATOM 16   C C2    . DG A 1 1  ? -12.486 16.380  19.667  1.00 236.00 ? 1  DG A C2    1 
ATOM 17   N N2    . DG A 1 1  ? -13.181 16.640  18.550  1.00 236.00 ? 1  DG A N2    1 
ATOM 18   N N3    . DG A 1 1  ? -12.521 15.165  20.196  1.00 236.00 ? 1  DG A N3    1 
ATOM 19   C C4    . DG A 1 1  ? -11.764 15.081  21.318  1.00 236.00 ? 1  DG A C4    1 
ATOM 20   P P     . DA A 1 2  ? -12.327 8.360   20.587  1.00 236.00 ? 2  DA A P     1 
ATOM 21   O OP1   . DA A 1 2  ? -13.394 7.382   20.892  1.00 236.00 ? 2  DA A OP1   1 
ATOM 22   O OP2   . DA A 1 2  ? -10.920 8.040   20.921  1.00 236.00 ? 2  DA A OP2   1 
ATOM 23   O "O5'" . DA A 1 2  ? -12.388 8.737   19.032  1.00 236.00 ? 2  DA A "O5'" 1 
ATOM 24   C "C5'" . DA A 1 2  ? -13.609 9.180   18.443  1.00 236.00 ? 2  DA A "C5'" 1 
ATOM 25   C "C4'" . DA A 1 2  ? -13.372 10.308  17.449  1.00 236.00 ? 2  DA A "C4'" 1 
ATOM 26   O "O4'" . DA A 1 2  ? -12.440 11.261  18.023  1.00 236.00 ? 2  DA A "O4'" 1 
ATOM 27   C "C3'" . DA A 1 2  ? -12.777 9.901   16.104  1.00 236.00 ? 2  DA A "C3'" 1 
ATOM 28   O "O3'" . DA A 1 2  ? -13.286 10.752  15.084  1.00 236.00 ? 2  DA A "O3'" 1 
ATOM 29   C "C2'" . DA A 1 2  ? -11.285 10.135  16.315  1.00 236.00 ? 2  DA A "C2'" 1 
ATOM 30   C "C1'" . DA A 1 2  ? -11.286 11.367  17.214  1.00 236.00 ? 2  DA A "C1'" 1 
ATOM 31   N N9    . DA A 1 2  ? -10.114 11.454  18.085  1.00 236.00 ? 2  DA A N9    1 
ATOM 32   C C8    . DA A 1 2  ? -9.394  10.408  18.590  1.00 236.00 ? 2  DA A C8    1 
ATOM 33   N N7    . DA A 1 2  ? -8.387  10.773  19.347  1.00 236.00 ? 2  DA A N7    1 
ATOM 34   C C5    . DA A 1 2  ? -8.451  12.156  19.341  1.00 236.00 ? 2  DA A C5    1 
ATOM 35   C C6    . DA A 1 2  ? -7.658  13.144  19.960  1.00 236.00 ? 2  DA A C6    1 
ATOM 36   N N6    . DA A 1 2  ? -6.604  12.865  20.733  1.00 236.00 ? 2  DA A N6    1 
ATOM 37   N N1    . DA A 1 2  ? -7.991  14.435  19.751  1.00 236.00 ? 2  DA A N1    1 
ATOM 38   C C2    . DA A 1 2  ? -9.047  14.710  18.975  1.00 236.00 ? 2  DA A C2    1 
ATOM 39   N N3    . DA A 1 2  ? -9.866  13.870  18.342  1.00 236.00 ? 2  DA A N3    1 
ATOM 40   C C4    . DA A 1 2  ? -9.510  12.595  18.568  1.00 236.00 ? 2  DA A C4    1 
ATOM 41   P P     . DG A 1 3  ? -13.889 10.131  13.728  1.00 236.00 ? 3  DG A P     1 
ATOM 42   O OP1   . DG A 1 3  ? -15.303 9.774   13.985  1.00 236.00 ? 3  DG A OP1   1 
ATOM 43   O OP2   . DG A 1 3  ? -12.944 9.099   13.247  1.00 236.00 ? 3  DG A OP2   1 
ATOM 44   O "O5'" . DG A 1 3  ? -13.840 11.358  12.701  1.00 236.00 ? 3  DG A "O5'" 1 
ATOM 45   C "C5'" . DG A 1 3  ? -14.343 12.638  13.088  1.00 236.00 ? 3  DG A "C5'" 1 
ATOM 46   C "C4'" . DG A 1 3  ? -13.620 13.739  12.329  1.00 236.00 ? 3  DG A "C4'" 1 
ATOM 47   O "O4'" . DG A 1 3  ? -12.669 14.410  13.199  1.00 236.00 ? 3  DG A "O4'" 1 
ATOM 48   C "C3'" . DG A 1 3  ? -12.825 13.247  11.124  1.00 236.00 ? 3  DG A "C3'" 1 
ATOM 49   O "O3'" . DG A 1 3  ? -12.989 14.131  10.022  1.00 236.00 ? 3  DG A "O3'" 1 
ATOM 50   C "C2'" . DG A 1 3  ? -11.385 13.246  11.625  1.00 236.00 ? 3  DG A "C2'" 1 
ATOM 51   C "C1'" . DG A 1 3  ? -11.395 14.430  12.583  1.00 236.00 ? 3  DG A "C1'" 1 
ATOM 52   N N9    . DG A 1 3  ? -10.364 14.343  13.613  1.00 236.00 ? 3  DG A N9    1 
ATOM 53   C C8    . DG A 1 3  ? -10.127 13.277  14.448  1.00 236.00 ? 3  DG A C8    1 
ATOM 54   N N7    . DG A 1 3  ? -9.139  13.475  15.276  1.00 236.00 ? 3  DG A N7    1 
ATOM 55   C C5    . DG A 1 3  ? -8.689  14.754  14.972  1.00 236.00 ? 3  DG A C5    1 
ATOM 56   C C6    . DG A 1 3  ? -7.636  15.505  15.545  1.00 236.00 ? 3  DG A C6    1 
ATOM 57   O O6    . DG A 1 3  ? -6.869  15.178  16.462  1.00 236.00 ? 3  DG A O6    1 
ATOM 58   N N1    . DG A 1 3  ? -7.512  16.758  14.947  1.00 236.00 ? 3  DG A N1    1 
ATOM 59   C C2    . DG A 1 3  ? -8.307  17.222  13.925  1.00 236.00 ? 3  DG A C2    1 
ATOM 60   N N2    . DG A 1 3  ? -8.035  18.457  13.478  1.00 236.00 ? 3  DG A N2    1 
ATOM 61   N N3    . DG A 1 3  ? -9.298  16.526  13.380  1.00 236.00 ? 3  DG A N3    1 
ATOM 62   C C4    . DG A 1 3  ? -9.433  15.304  13.951  1.00 236.00 ? 3  DG A C4    1 
ATOM 63   P P     . DC A 1 4  ? -12.529 13.677  8.551   1.00 236.00 ? 4  DC A P     1 
ATOM 64   O OP1   . DC A 1 4  ? -13.485 14.258  7.582   1.00 236.00 ? 4  DC A OP1   1 
ATOM 65   O OP2   . DC A 1 4  ? -12.321 12.211  8.589   1.00 236.00 ? 4  DC A OP2   1 
ATOM 66   O "O5'" . DC A 1 4  ? -11.101 14.375  8.358   1.00 236.00 ? 4  DC A "O5'" 1 
ATOM 67   C "C5'" . DC A 1 4  ? -11.001 15.798  8.374   1.00 236.00 ? 4  DC A "C5'" 1 
ATOM 68   C "C4'" . DC A 1 4  ? -9.559  16.268  8.477   1.00 236.00 ? 4  DC A "C4'" 1 
ATOM 69   O "O4'" . DC A 1 4  ? -8.939  15.695  9.658   1.00 236.00 ? 4  DC A "O4'" 1 
ATOM 70   C "C3'" . DC A 1 4  ? -8.652  15.893  7.309   1.00 236.00 ? 4  DC A "C3'" 1 
ATOM 71   O "O3'" . DC A 1 4  ? -7.720  16.940  7.085   1.00 236.00 ? 4  DC A "O3'" 1 
ATOM 72   C "C2'" . DC A 1 4  ? -7.941  14.648  7.827   1.00 236.00 ? 4  DC A "C2'" 1 
ATOM 73   C "C1'" . DC A 1 4  ? -7.748  15.032  9.289   1.00 236.00 ? 4  DC A "C1'" 1 
ATOM 74   N N1    . DC A 1 4  ? -7.553  13.875  10.210  1.00 236.00 ? 4  DC A N1    1 
ATOM 75   C C2    . DC A 1 4  ? -6.737  14.026  11.338  1.00 236.00 ? 4  DC A C2    1 
ATOM 76   O O2    . DC A 1 4  ? -6.194  15.119  11.545  1.00 236.00 ? 4  DC A O2    1 
ATOM 77   N N3    . DC A 1 4  ? -6.567  12.970  12.172  1.00 236.00 ? 4  DC A N3    1 
ATOM 78   C C4    . DC A 1 4  ? -7.172  11.810  11.912  1.00 236.00 ? 4  DC A C4    1 
ATOM 79   N N4    . DC A 1 4  ? -6.973  10.797  12.762  1.00 236.00 ? 4  DC A N4    1 
ATOM 80   C C5    . DC A 1 4  ? -8.007  11.637  10.768  1.00 236.00 ? 4  DC A C5    1 
ATOM 81   C C6    . DC A 1 4  ? -8.168  12.685  9.954   1.00 236.00 ? 4  DC A C6    1 
ATOM 82   P P     . DA A 1 5  ? -7.931  17.971  5.867   1.00 236.00 ? 5  DA A P     1 
ATOM 83   O OP1   . DA A 1 5  ? -9.144  18.766  6.158   1.00 236.00 ? 5  DA A OP1   1 
ATOM 84   O OP2   . DA A 1 5  ? -7.842  17.204  4.605   1.00 236.00 ? 5  DA A OP2   1 
ATOM 85   O "O5'" . DA A 1 5  ? -6.652  18.930  5.954   1.00 236.00 ? 5  DA A "O5'" 1 
ATOM 86   C "C5'" . DA A 1 5  ? -6.420  19.734  7.116   1.00 236.00 ? 5  DA A "C5'" 1 
ATOM 87   C "C4'" . DA A 1 5  ? -4.934  19.992  7.320   1.00 236.00 ? 5  DA A "C4'" 1 
ATOM 88   O "O4'" . DA A 1 5  ? -4.408  19.072  8.311   1.00 236.00 ? 5  DA A "O4'" 1 
ATOM 89   C "C3'" . DA A 1 5  ? -4.069  19.818  6.074   1.00 236.00 ? 5  DA A "C3'" 1 
ATOM 90   O "O3'" . DA A 1 5  ? -3.030  20.796  6.035   1.00 236.00 ? 5  DA A "O3'" 1 
ATOM 91   C "C2'" . DA A 1 5  ? -3.506  18.410  6.234   1.00 236.00 ? 5  DA A "C2'" 1 
ATOM 92   C "C1'" . DA A 1 5  ? -3.401  18.254  7.747   1.00 236.00 ? 5  DA A "C1'" 1 
ATOM 93   N N9    . DA A 1 5  ? -3.621  16.879  8.194   1.00 236.00 ? 5  DA A N9    1 
ATOM 94   C C8    . DA A 1 5  ? -4.606  16.034  7.766   1.00 236.00 ? 5  DA A C8    1 
ATOM 95   N N7    . DA A 1 5  ? -4.574  14.852  8.333   1.00 236.00 ? 5  DA A N7    1 
ATOM 96   C C5    . DA A 1 5  ? -3.495  14.926  9.195   1.00 236.00 ? 5  DA A C5    1 
ATOM 97   C C6    . DA A 1 5  ? -2.933  13.994  10.089  1.00 236.00 ? 5  DA A C6    1 
ATOM 98   N N6    . DA A 1 5  ? -3.414  12.758  10.257  1.00 236.00 ? 5  DA A N6    1 
ATOM 99   N N1    . DA A 1 5  ? -1.856  14.384  10.803  1.00 236.00 ? 5  DA A N1    1 
ATOM 100  C C2    . DA A 1 5  ? -1.381  15.623  10.630  1.00 236.00 ? 5  DA A C2    1 
ATOM 101  N N3    . DA A 1 5  ? -1.825  16.584  9.821   1.00 236.00 ? 5  DA A N3    1 
ATOM 102  C C4    . DA A 1 5  ? -2.894  16.169  9.123   1.00 236.00 ? 5  DA A C4    1 
ATOM 103  P P     . DG A 1 6  ? -2.136  20.974  4.710   1.00 236.00 ? 6  DG A P     1 
ATOM 104  O OP1   . DG A 1 6  ? -1.923  22.425  4.501   1.00 236.00 ? 6  DG A OP1   1 
ATOM 105  O OP2   . DG A 1 6  ? -2.754  20.163  3.638   1.00 236.00 ? 6  DG A OP2   1 
ATOM 106  O "O5'" . DG A 1 6  ? -0.735  20.300  5.096   1.00 236.00 ? 6  DG A "O5'" 1 
ATOM 107  C "C5'" . DG A 1 6  ? 0.102   20.922  6.068   1.00 236.00 ? 6  DG A "C5'" 1 
ATOM 108  C "C4'" . DG A 1 6  ? 1.068   19.931  6.698   1.00 236.00 ? 6  DG A "C4'" 1 
ATOM 109  O "O4'" . DG A 1 6  ? 0.341   18.758  7.143   1.00 236.00 ? 6  DG A "O4'" 1 
ATOM 110  C "C3'" . DG A 1 6  ? 2.191   19.429  5.790   1.00 236.00 ? 6  DG A "C3'" 1 
ATOM 111  O "O3'" . DG A 1 6  ? 3.451   19.777  6.369   1.00 236.00 ? 6  DG A "O3'" 1 
ATOM 112  C "C2'" . DG A 1 6  ? 1.986   17.915  5.714   1.00 236.00 ? 6  DG A "C2'" 1 
ATOM 113  C "C1'" . DG A 1 6  ? 1.136   17.611  6.942   1.00 236.00 ? 6  DG A "C1'" 1 
ATOM 114  N N9    . DG A 1 6  ? 0.245   16.465  6.772   1.00 236.00 ? 6  DG A N9    1 
ATOM 115  C C8    . DG A 1 6  ? -0.800  16.361  5.885   1.00 236.00 ? 6  DG A C8    1 
ATOM 116  N N7    . DG A 1 6  ? -1.432  15.224  5.953   1.00 236.00 ? 6  DG A N7    1 
ATOM 117  C C5    . DG A 1 6  ? -0.764  14.524  6.949   1.00 236.00 ? 6  DG A C5    1 
ATOM 118  C C6    . DG A 1 6  ? -1.001  13.227  7.460   1.00 236.00 ? 6  DG A C6    1 
ATOM 119  O O6    . DG A 1 6  ? -1.875  12.416  7.124   1.00 236.00 ? 6  DG A O6    1 
ATOM 120  N N1    . DG A 1 6  ? -0.094  12.898  8.465   1.00 236.00 ? 6  DG A N1    1 
ATOM 121  C C2    . DG A 1 6  ? 0.913   13.719  8.916   1.00 236.00 ? 6  DG A C2    1 
ATOM 122  N N2    . DG A 1 6  ? 1.687   13.226  9.893   1.00 236.00 ? 6  DG A N2    1 
ATOM 123  N N3    . DG A 1 6  ? 1.145   14.938  8.444   1.00 236.00 ? 6  DG A N3    1 
ATOM 124  C C4    . DG A 1 6  ? 0.269   15.274  7.464   1.00 236.00 ? 6  DG A C4    1 
ATOM 125  P P     . DC A 1 7  ? 4.826   19.371  5.641   1.00 236.00 ? 7  DC A P     1 
ATOM 126  O OP1   . DC A 1 7  ? 5.858   20.347  6.060   1.00 236.00 ? 7  DC A OP1   1 
ATOM 127  O OP2   . DC A 1 7  ? 4.540   19.183  4.201   1.00 236.00 ? 7  DC A OP2   1 
ATOM 128  O "O5'" . DC A 1 7  ? 5.182   17.941  6.267   1.00 236.00 ? 7  DC A "O5'" 1 
ATOM 129  C "C5'" . DC A 1 7  ? 5.249   17.789  7.684   1.00 236.00 ? 7  DC A "C5'" 1 
ATOM 130  C "C4'" . DC A 1 7  ? 5.406   16.331  8.089   1.00 236.00 ? 7  DC A "C4'" 1 
ATOM 131  O "O4'" . DC A 1 7  ? 4.216   15.581  7.733   1.00 236.00 ? 7  DC A "O4'" 1 
ATOM 132  C "C3'" . DC A 1 7  ? 6.583   15.602  7.443   1.00 236.00 ? 7  DC A "C3'" 1 
ATOM 133  O "O3'" . DC A 1 7  ? 7.467   15.100  8.442   1.00 236.00 ? 7  DC A "O3'" 1 
ATOM 134  C "C2'" . DC A 1 7  ? 5.936   14.465  6.653   1.00 236.00 ? 7  DC A "C2'" 1 
ATOM 135  C "C1'" . DC A 1 7  ? 4.620   14.272  7.393   1.00 236.00 ? 7  DC A "C1'" 1 
ATOM 136  N N1    . DC A 1 7  ? 3.565   13.616  6.568   1.00 236.00 ? 7  DC A N1    1 
ATOM 137  C C2    . DC A 1 7  ? 3.223   12.283  6.820   1.00 236.00 ? 7  DC A C2    1 
ATOM 138  O O2    . DC A 1 7  ? 3.801   11.673  7.728   1.00 236.00 ? 7  DC A O2    1 
ATOM 139  N N3    . DC A 1 7  ? 2.264   11.695  6.062   1.00 236.00 ? 7  DC A N3    1 
ATOM 140  C C4    . DC A 1 7  ? 1.664   12.387  5.091   1.00 236.00 ? 7  DC A C4    1 
ATOM 141  N N4    . DC A 1 7  ? 0.724   11.767  4.369   1.00 236.00 ? 7  DC A N4    1 
ATOM 142  C C5    . DC A 1 7  ? 2.000   13.745  4.819   1.00 236.00 ? 7  DC A C5    1 
ATOM 143  C C6    . DC A 1 7  ? 2.947   14.314  5.573   1.00 236.00 ? 7  DC A C6    1 
ATOM 144  P P     . DC A 1 8  ? 9.041   14.973  8.138   1.00 236.00 ? 8  DC A P     1 
ATOM 145  O OP1   . DC A 1 8  ? 9.751   15.818  9.123   1.00 236.00 ? 8  DC A OP1   1 
ATOM 146  O OP2   . DC A 1 8  ? 9.243   15.204  6.690   1.00 236.00 ? 8  DC A OP2   1 
ATOM 147  O "O5'" . DC A 1 8  ? 9.372   13.437  8.442   1.00 236.00 ? 8  DC A "O5'" 1 
ATOM 148  C "C5'" . DC A 1 8  ? 9.719   13.039  9.764   1.00 236.00 ? 8  DC A "C5'" 1 
ATOM 149  C "C4'" . DC A 1 8  ? 9.322   11.598  10.037  1.00 236.00 ? 8  DC A "C4'" 1 
ATOM 150  O "O4'" . DC A 1 8  ? 7.909   11.424  9.761   1.00 236.00 ? 8  DC A "O4'" 1 
ATOM 151  C "C3'" . DC A 1 8  ? 9.999   10.545  9.172   1.00 236.00 ? 8  DC A "C3'" 1 
ATOM 152  O "O3'" . DC A 1 8  ? 11.288  10.221  9.688   1.00 236.00 ? 8  DC A "O3'" 1 
ATOM 153  C "C2'" . DC A 1 8  ? 9.023   9.381   9.313   1.00 236.00 ? 8  DC A "C2'" 1 
ATOM 154  C "C1'" . DC A 1 8  ? 7.670   10.088  9.354   1.00 236.00 ? 8  DC A "C1'" 1 
ATOM 155  N N1    . DC A 1 8  ? 6.961   10.082  8.036   1.00 236.00 ? 8  DC A N1    1 
ATOM 156  C C2    . DC A 1 8  ? 6.093   9.029   7.729   1.00 236.00 ? 8  DC A C2    1 
ATOM 157  O O2    . DC A 1 8  ? 5.926   8.126   8.557   1.00 236.00 ? 8  DC A O2    1 
ATOM 158  N N3    . DC A 1 8  ? 5.454   9.028   6.532   1.00 236.00 ? 8  DC A N3    1 
ATOM 159  C C4    . DC A 1 8  ? 5.658   10.021  5.666   1.00 236.00 ? 8  DC A C4    1 
ATOM 160  N N4    . DC A 1 8  ? 5.008   9.979   4.498   1.00 236.00 ? 8  DC A N4    1 
ATOM 161  C C5    . DC A 1 8  ? 6.541   11.101  5.958   1.00 236.00 ? 8  DC A C5    1 
ATOM 162  C C6    . DC A 1 8  ? 7.164   11.093  7.141   1.00 236.00 ? 8  DC A C6    1 
ATOM 163  P P     . DC A 1 9  ? 12.150  9.031   9.033   1.00 236.00 ? 9  DC A P     1 
ATOM 164  O OP1   . DC A 1 9  ? 13.570  9.269   9.374   1.00 236.00 ? 9  DC A OP1   1 
ATOM 165  O OP2   . DC A 1 9  ? 11.746  8.904   7.615   1.00 236.00 ? 9  DC A OP2   1 
ATOM 166  O "O5'" . DC A 1 9  ? 11.643  7.721   9.802   1.00 236.00 ? 9  DC A "O5'" 1 
ATOM 167  C "C5'" . DC A 1 9  ? 11.848  6.428   9.243   1.00 236.00 ? 9  DC A "C5'" 1 
ATOM 168  C "C4'" . DC A 1 9  ? 10.888  5.424   9.860   1.00 236.00 ? 9  DC A "C4'" 1 
ATOM 169  O "O4'" . DC A 1 9  ? 9.541   5.963   9.807   1.00 236.00 ? 9  DC A "O4'" 1 
ATOM 170  C "C3'" . DC A 1 9  ? 10.813  4.077   9.152   1.00 236.00 ? 9  DC A "C3'" 1 
ATOM 171  O "O3'" . DC A 1 9  ? 11.752  3.173   9.724   1.00 236.00 ? 9  DC A "O3'" 1 
ATOM 172  C "C2'" . DC A 1 9  ? 9.380   3.632   9.428   1.00 236.00 ? 9  DC A "C2'" 1 
ATOM 173  C "C1'" . DC A 1 9  ? 8.618   4.955   9.435   1.00 236.00 ? 9  DC A "C1'" 1 
ATOM 174  N N1    . DC A 1 9  ? 8.011   5.321   8.116   1.00 236.00 ? 9  DC A N1    1 
ATOM 175  C C2    . DC A 1 9  ? 6.828   4.700   7.695   1.00 236.00 ? 9  DC A C2    1 
ATOM 176  O O2    . DC A 1 9  ? 6.298   3.849   8.421   1.00 236.00 ? 9  DC A O2    1 
ATOM 177  N N3    . DC A 1 9  ? 6.296   5.048   6.496   1.00 236.00 ? 9  DC A N3    1 
ATOM 178  C C4    . DC A 1 9  ? 6.894   5.969   5.738   1.00 236.00 ? 9  DC A C4    1 
ATOM 179  N N4    . DC A 1 9  ? 6.331   6.280   4.565   1.00 236.00 ? 9  DC A N4    1 
ATOM 180  C C5    . DC A 1 9  ? 8.097   6.614   6.150   1.00 236.00 ? 9  DC A C5    1 
ATOM 181  C C6    . DC A 1 9  ? 8.612   6.263   7.332   1.00 236.00 ? 9  DC A C6    1 
ATOM 182  P P     . DG A 1 10 ? 12.956  2.589   8.835   1.00 236.00 ? 10 DG A P     1 
ATOM 183  O OP1   . DG A 1 10 ? 13.897  1.900   9.749   1.00 236.00 ? 10 DG A OP1   1 
ATOM 184  O OP2   . DG A 1 10 ? 13.443  3.690   7.975   1.00 236.00 ? 10 DG A OP2   1 
ATOM 185  O "O5'" . DG A 1 10 ? 12.252  1.502   7.890   1.00 236.00 ? 10 DG A "O5'" 1 
ATOM 186  C "C5'" . DG A 1 10 ? 11.588  0.364   8.438   1.00 236.00 ? 10 DG A "C5'" 1 
ATOM 187  C "C4'" . DG A 1 10 ? 10.852  -0.400  7.349   1.00 236.00 ? 10 DG A "C4'" 1 
ATOM 188  O "O4'" . DG A 1 10 ? 9.975   0.515   6.642   1.00 236.00 ? 10 DG A "O4'" 1 
ATOM 189  C "C3'" . DG A 1 10 ? 11.750  -1.055  6.301   1.00 236.00 ? 10 DG A "C3'" 1 
ATOM 190  O "O3'" . DG A 1 10 ? 11.555  -2.473  6.299   1.00 236.00 ? 10 DG A "O3'" 1 
ATOM 191  C "C2'" . DG A 1 10 ? 11.344  -0.424  4.968   1.00 236.00 ? 10 DG A "C2'" 1 
ATOM 192  C "C1'" . DG A 1 10 ? 10.007  0.253   5.255   1.00 236.00 ? 10 DG A "C1'" 1 
ATOM 193  N N9    . DG A 1 10 ? 9.840   1.520   4.540   1.00 236.00 ? 10 DG A N9    1 
ATOM 194  C C8    . DG A 1 10 ? 10.475  2.706   4.813   1.00 236.00 ? 10 DG A C8    1 
ATOM 195  N N7    . DG A 1 10 ? 10.137  3.678   4.013   1.00 236.00 ? 10 DG A N7    1 
ATOM 196  C C5    . DG A 1 10 ? 9.216   3.101   3.149   1.00 236.00 ? 10 DG A C5    1 
ATOM 197  C C6    . DG A 1 10 ? 8.504   3.671   2.066   1.00 236.00 ? 10 DG A C6    1 
ATOM 198  O O6    . DG A 1 10 ? 8.551   4.837   1.645   1.00 236.00 ? 10 DG A O6    1 
ATOM 199  N N1    . DG A 1 10 ? 7.671   2.743   1.450   1.00 236.00 ? 10 DG A N1    1 
ATOM 200  C C2    . DG A 1 10 ? 7.542   1.428   1.832   1.00 236.00 ? 10 DG A C2    1 
ATOM 201  N N2    . DG A 1 10 ? 6.687   0.684   1.115   1.00 236.00 ? 10 DG A N2    1 
ATOM 202  N N3    . DG A 1 10 ? 8.203   0.881   2.846   1.00 236.00 ? 10 DG A N3    1 
ATOM 203  C C4    . DG A 1 10 ? 9.020   1.771   3.458   1.00 236.00 ? 10 DG A C4    1 
ATOM 204  P P     . DT A 1 11 ? 12.715  -3.452  5.767   1.00 236.00 ? 11 DT A P     1 
ATOM 205  O OP1   . DT A 1 11 ? 12.436  -4.805  6.299   1.00 236.00 ? 11 DT A OP1   1 
ATOM 206  O OP2   . DT A 1 11 ? 14.016  -2.810  6.050   1.00 236.00 ? 11 DT A OP2   1 
ATOM 207  O "O5'" . DT A 1 11 ? 12.505  -3.471  4.181   1.00 236.00 ? 11 DT A "O5'" 1 
ATOM 208  C "C5'" . DT A 1 11 ? 11.321  -4.047  3.641   1.00 236.00 ? 11 DT A "C5'" 1 
ATOM 209  C "C4'" . DT A 1 11 ? 11.029  -3.561  2.229   1.00 236.00 ? 11 DT A "C4'" 1 
ATOM 210  O "O4'" . DT A 1 11 ? 10.992  -2.108  2.180   1.00 236.00 ? 11 DT A "O4'" 1 
ATOM 211  C "C3'" . DT A 1 11 ? 12.021  -3.984  1.146   1.00 236.00 ? 11 DT A "C3'" 1 
ATOM 212  O "O3'" . DT A 1 11 ? 11.280  -4.376  0.003   1.00 236.00 ? 11 DT A "O3'" 1 
ATOM 213  C "C2'" . DT A 1 11 ? 12.767  -2.683  0.858   1.00 236.00 ? 11 DT A "C2'" 1 
ATOM 214  C "C1'" . DT A 1 11 ? 11.581  -1.733  0.954   1.00 236.00 ? 11 DT A "C1'" 1 
ATOM 215  N N1    . DT A 1 11 ? 11.891  -0.265  0.936   1.00 236.00 ? 11 DT A N1    1 
ATOM 216  C C2    . DT A 1 11 ? 10.969  0.591   0.371   1.00 236.00 ? 11 DT A C2    1 
ATOM 217  O O2    . DT A 1 11 ? 9.915   0.214   -0.110  1.00 236.00 ? 11 DT A O2    1 
ATOM 218  N N3    . DT A 1 11 ? 11.324  1.916   0.391   1.00 236.00 ? 11 DT A N3    1 
ATOM 219  C C4    . DT A 1 11 ? 12.485  2.461   0.905   1.00 236.00 ? 11 DT A C4    1 
ATOM 220  O O4    . DT A 1 11 ? 12.713  3.666   0.875   1.00 236.00 ? 11 DT A O4    1 
ATOM 221  C C5    . DT A 1 11 ? 13.406  1.512   1.480   1.00 236.00 ? 11 DT A C5    1 
ATOM 222  C C7    . DT A 1 11 ? 14.700  1.992   2.069   1.00 236.00 ? 11 DT A C7    1 
ATOM 223  C C6    . DT A 1 11 ? 13.073  0.213   1.468   1.00 236.00 ? 11 DT A C6    1 
ATOM 224  P P     . DA A 1 12 ? 11.503  -5.816  -0.675  1.00 236.00 ? 12 DA A P     1 
ATOM 225  O OP1   . DA A 1 12 ? 10.793  -6.817  0.153   1.00 236.00 ? 12 DA A OP1   1 
ATOM 226  O OP2   . DA A 1 12 ? 12.949  -5.981  -0.941  1.00 236.00 ? 12 DA A OP2   1 
ATOM 227  O "O5'" . DA A 1 12 ? 10.753  -5.681  -2.082  1.00 236.00 ? 12 DA A "O5'" 1 
ATOM 228  C "C5'" . DA A 1 12 ? 9.394   -5.247  -2.110  1.00 236.00 ? 12 DA A "C5'" 1 
ATOM 229  C "C4'" . DA A 1 12 ? 9.119   -4.263  -3.238  1.00 236.00 ? 12 DA A "C4'" 1 
ATOM 230  O "O4'" . DA A 1 12 ? 9.512   -2.921  -2.850  1.00 236.00 ? 12 DA A "O4'" 1 
ATOM 231  C "C3'" . DA A 1 12 ? 9.839   -4.558  -4.552  1.00 236.00 ? 12 DA A "C3'" 1 
ATOM 232  O "O3'" . DA A 1 12 ? 8.882   -4.800  -5.580  1.00 236.00 ? 12 DA A "O3'" 1 
ATOM 233  C "C2'" . DA A 1 12 ? 10.660  -3.299  -4.832  1.00 236.00 ? 12 DA A "C2'" 1 
ATOM 234  C "C1'" . DA A 1 12 ? 9.965   -2.231  -3.995  1.00 236.00 ? 12 DA A "C1'" 1 
ATOM 235  N N9    . DA A 1 12 ? 10.858  -1.152  -3.573  1.00 236.00 ? 12 DA A N9    1 
ATOM 236  C C8    . DA A 1 12 ? 11.845  -1.249  -2.632  1.00 236.00 ? 12 DA A C8    1 
ATOM 237  N N7    . DA A 1 12 ? 12.507  -0.135  -2.437  1.00 236.00 ? 12 DA A N7    1 
ATOM 238  C C5    . DA A 1 12 ? 11.917  0.760   -3.310  1.00 236.00 ? 12 DA A C5    1 
ATOM 239  C C6    . DA A 1 12 ? 12.173  2.117   -3.577  1.00 236.00 ? 12 DA A C6    1 
ATOM 240  N N6    . DA A 1 12 ? 13.135  2.799   -2.949  1.00 236.00 ? 12 DA A N6    1 
ATOM 241  N N1    . DA A 1 12 ? 11.415  2.742   -4.505  1.00 236.00 ? 12 DA A N1    1 
ATOM 242  C C2    . DA A 1 12 ? 10.459  2.026   -5.116  1.00 236.00 ? 12 DA A C2    1 
ATOM 243  N N3    . DA A 1 12 ? 10.124  0.742   -4.950  1.00 236.00 ? 12 DA A N3    1 
ATOM 244  C C4    . DA A 1 12 ? 10.898  0.155   -4.021  1.00 236.00 ? 12 DA A C4    1 
ATOM 245  P P     . DC A 1 13 ? 9.349   -5.402  -6.995  1.00 236.00 ? 13 DC A P     1 
ATOM 246  O OP1   . DC A 1 13 ? 8.165   -6.021  -7.634  1.00 236.00 ? 13 DC A OP1   1 
ATOM 247  O OP2   . DC A 1 13 ? 10.561  -6.216  -6.757  1.00 236.00 ? 13 DC A OP2   1 
ATOM 248  O "O5'" . DC A 1 13 ? 9.780   -4.109  -7.836  1.00 236.00 ? 13 DC A "O5'" 1 
ATOM 249  C "C5'" . DC A 1 13 ? 8.873   -3.018  -7.967  1.00 236.00 ? 13 DC A "C5'" 1 
ATOM 250  C "C4'" . DC A 1 13 ? 9.570   -1.747  -8.429  1.00 236.00 ? 13 DC A "C4'" 1 
ATOM 251  O "O4'" . DC A 1 13 ? 10.416  -1.202  -7.380  1.00 236.00 ? 13 DC A "O4'" 1 
ATOM 252  C "C3'" . DC A 1 13 ? 10.476  -1.900  -9.652  1.00 236.00 ? 13 DC A "C3'" 1 
ATOM 253  O "O3'" . DC A 1 13 ? 10.284  -0.792  -10.517 1.00 236.00 ? 13 DC A "O3'" 1 
ATOM 254  C "C2'" . DC A 1 13 ? 11.866  -1.821  -9.029  1.00 236.00 ? 13 DC A "C2'" 1 
ATOM 255  C "C1'" . DC A 1 13 ? 11.574  -0.717  -8.025  1.00 236.00 ? 13 DC A "C1'" 1 
ATOM 256  N N1    . DC A 1 13 ? 12.664  -0.417  -7.044  1.00 236.00 ? 13 DC A N1    1 
ATOM 257  C C2    . DC A 1 13 ? 13.142  0.896   -6.946  1.00 236.00 ? 13 DC A C2    1 
ATOM 258  O O2    . DC A 1 13 ? 12.650  1.771   -7.670  1.00 236.00 ? 13 DC A O2    1 
ATOM 259  N N3    . DC A 1 13 ? 14.130  1.176   -6.061  1.00 236.00 ? 13 DC A N3    1 
ATOM 260  C C4    . DC A 1 13 ? 14.635  0.206   -5.298  1.00 236.00 ? 13 DC A C4    1 
ATOM 261  N N4    . DC A 1 13 ? 15.608  0.528   -4.439  1.00 236.00 ? 13 DC A N4    1 
ATOM 262  C C5    . DC A 1 13 ? 14.164  -1.138  -5.382  1.00 236.00 ? 13 DC A C5    1 
ATOM 263  C C6    . DC A 1 13 ? 13.189  -1.402  -6.260  1.00 236.00 ? 13 DC A C6    1 
ATOM 264  P P     . DT A 1 14 ? 9.214   -0.861  -11.713 1.00 236.00 ? 14 DT A P     1 
ATOM 265  O OP1   . DT A 1 14 ? 7.864   -0.745  -11.116 1.00 236.00 ? 14 DT A OP1   1 
ATOM 266  O OP2   . DT A 1 14 ? 9.546   -2.032  -12.555 1.00 236.00 ? 14 DT A OP2   1 
ATOM 267  O "O5'" . DT A 1 14 ? 9.518   0.463   -12.558 1.00 236.00 ? 14 DT A "O5'" 1 
ATOM 268  C "C5'" . DT A 1 14 ? 9.512   1.731   -11.906 1.00 236.00 ? 14 DT A "C5'" 1 
ATOM 269  C "C4'" . DT A 1 14 ? 10.834  2.462   -12.090 1.00 236.00 ? 14 DT A "C4'" 1 
ATOM 270  O "O4'" . DT A 1 14 ? 11.786  2.097   -11.054 1.00 236.00 ? 14 DT A "O4'" 1 
ATOM 271  C "C3'" . DT A 1 14 ? 11.544  2.209   -13.420 1.00 236.00 ? 14 DT A "C3'" 1 
ATOM 272  O "O3'" . DT A 1 14 ? 11.815  3.450   -14.059 1.00 236.00 ? 14 DT A "O3'" 1 
ATOM 273  C "C2'" . DT A 1 14 ? 12.841  1.516   -13.005 1.00 236.00 ? 14 DT A "C2'" 1 
ATOM 274  C "C1'" . DT A 1 14 ? 13.063  2.172   -11.649 1.00 236.00 ? 14 DT A "C1'" 1 
ATOM 275  N N1    . DT A 1 14 ? 14.096  1.527   -10.776 1.00 236.00 ? 14 DT A N1    1 
ATOM 276  C C2    . DT A 1 14 ? 14.863  2.329   -9.957  1.00 236.00 ? 14 DT A C2    1 
ATOM 277  O O2    . DT A 1 14 ? 14.738  3.540   -9.900  1.00 236.00 ? 14 DT A O2    1 
ATOM 278  N N3    . DT A 1 14 ? 15.785  1.658   -9.194  1.00 236.00 ? 14 DT A N3    1 
ATOM 279  C C4    . DT A 1 14 ? 16.016  0.294   -9.171  1.00 236.00 ? 14 DT A C4    1 
ATOM 280  O O4    . DT A 1 14 ? 16.870  -0.216  -8.451  1.00 236.00 ? 14 DT A O4    1 
ATOM 281  C C5    . DT A 1 14 ? 15.184  -0.485  -10.054 1.00 236.00 ? 14 DT A C5    1 
ATOM 282  C C7    . DT A 1 14 ? 15.348  -1.976  -10.113 1.00 236.00 ? 14 DT A C7    1 
ATOM 283  C C6    . DT A 1 14 ? 14.278  0.158   -10.804 1.00 236.00 ? 14 DT A C6    1 
ATOM 284  P P     . DC A 1 15 ? 11.082  3.835   -15.436 1.00 236.00 ? 15 DC A P     1 
ATOM 285  O OP1   . DC A 1 15 ? 9.726   4.325   -15.101 1.00 236.00 ? 15 DC A OP1   1 
ATOM 286  O OP2   . DC A 1 15 ? 11.240  2.692   -16.363 1.00 236.00 ? 15 DC A OP2   1 
ATOM 287  O "O5'" . DC A 1 15 ? 11.949  5.059   -15.999 1.00 236.00 ? 15 DC A "O5'" 1 
ATOM 288  C "C5'" . DC A 1 15 ? 12.042  6.278   -15.264 1.00 236.00 ? 15 DC A "C5'" 1 
ATOM 289  C "C4'" . DC A 1 15 ? 13.446  6.855   -15.356 1.00 236.00 ? 15 DC A "C4'" 1 
ATOM 290  O "O4'" . DC A 1 15 ? 14.316  6.171   -14.420 1.00 236.00 ? 15 DC A "O4'" 1 
ATOM 291  C "C3'" . DC A 1 15 ? 14.099  6.724   -16.728 1.00 236.00 ? 15 DC A "C3'" 1 
ATOM 292  O "O3'" . DC A 1 15 ? 14.570  7.996   -17.155 1.00 236.00 ? 15 DC A "O3'" 1 
ATOM 293  C "C2'" . DC A 1 15 ? 15.247  5.736   -16.519 1.00 236.00 ? 15 DC A "C2'" 1 
ATOM 294  C "C1'" . DC A 1 15 ? 15.558  5.905   -15.036 1.00 236.00 ? 15 DC A "C1'" 1 
ATOM 295  N N1    . DC A 1 15 ? 16.139  4.688   -14.398 1.00 236.00 ? 15 DC A N1    1 
ATOM 296  C C2    . DC A 1 15 ? 17.248  4.803   -13.551 1.00 236.00 ? 15 DC A C2    1 
ATOM 297  O O2    . DC A 1 15 ? 17.738  5.920   -13.342 1.00 236.00 ? 15 DC A O2    1 
ATOM 298  N N3    . DC A 1 15 ? 17.759  3.684   -12.979 1.00 236.00 ? 15 DC A N3    1 
ATOM 299  C C4    . DC A 1 15 ? 17.207  2.495   -13.225 1.00 236.00 ? 15 DC A C4    1 
ATOM 300  N N4    . DC A 1 15 ? 17.744  1.420   -12.640 1.00 236.00 ? 15 DC A N4    1 
ATOM 301  C C5    . DC A 1 15 ? 16.078  2.358   -14.085 1.00 236.00 ? 15 DC A C5    1 
ATOM 302  C C6    . DC A 1 15 ? 15.582  3.467   -14.643 1.00 236.00 ? 15 DC A C6    1 
ATOM 303  P P     . DG A 1 16 ? 14.965  8.237   -18.695 1.00 236.00 ? 16 DG A P     1 
ATOM 304  O OP1   . DG A 1 16 ? 14.907  9.691   -18.957 1.00 236.00 ? 16 DG A OP1   1 
ATOM 305  O OP2   . DG A 1 16 ? 14.151  7.316   -19.519 1.00 236.00 ? 16 DG A OP2   1 
ATOM 306  O "O5'" . DG A 1 16 ? 16.494  7.778   -18.772 1.00 236.00 ? 16 DG A "O5'" 1 
ATOM 307  C "C5'" . DG A 1 16 ? 17.433  8.312   -17.844 1.00 236.00 ? 16 DG A "C5'" 1 
ATOM 308  C "C4'" . DG A 1 16 ? 18.701  7.472   -17.838 1.00 236.00 ? 16 DG A "C4'" 1 
ATOM 309  O "O4'" . DG A 1 16 ? 18.442  6.156   -17.276 1.00 236.00 ? 16 DG A "O4'" 1 
ATOM 310  C "C3'" . DG A 1 16 ? 19.332  7.226   -19.208 1.00 236.00 ? 16 DG A "C3'" 1 
ATOM 311  O "O3'" . DG A 1 16 ? 20.696  7.618   -19.167 1.00 236.00 ? 16 DG A "O3'" 1 
ATOM 312  C "C2'" . DG A 1 16 ? 19.196  5.719   -19.417 1.00 236.00 ? 16 DG A "C2'" 1 
ATOM 313  C "C1'" . DG A 1 16 ? 19.218  5.210   -17.981 1.00 236.00 ? 16 DG A "C1'" 1 
ATOM 314  N N9    . DG A 1 16 ? 18.633  3.877   -17.855 1.00 236.00 ? 16 DG A N9    1 
ATOM 315  C C8    . DG A 1 16 ? 17.658  3.349   -18.667 1.00 236.00 ? 16 DG A C8    1 
ATOM 316  N N7    . DG A 1 16 ? 17.309  2.135   -18.350 1.00 236.00 ? 16 DG A N7    1 
ATOM 317  C C5    . DG A 1 16 ? 18.107  1.833   -17.255 1.00 236.00 ? 16 DG A C5    1 
ATOM 318  C C6    . DG A 1 16 ? 18.166  0.649   -16.486 1.00 236.00 ? 16 DG A C6    1 
ATOM 319  O O6    . DG A 1 16 ? 17.506  -0.388  -16.630 1.00 236.00 ? 16 DG A O6    1 
ATOM 320  N N1    . DG A 1 16 ? 19.104  0.740   -15.463 1.00 236.00 ? 16 DG A N1    1 
ATOM 321  C C2    . DG A 1 16 ? 19.886  1.841   -15.217 1.00 236.00 ? 16 DG A C2    1 
ATOM 322  N N2    . DG A 1 16 ? 20.733  1.733   -14.183 1.00 236.00 ? 16 DG A N2    1 
ATOM 323  N N3    . DG A 1 16 ? 19.843  2.962   -15.932 1.00 236.00 ? 16 DG A N3    1 
ATOM 324  C C4    . DG A 1 16 ? 18.932  2.890   -16.936 1.00 236.00 ? 16 DG A C4    1 
ATOM 325  P P     . DC B 2 1  ? 26.918  -5.903  -13.578 1.00 236.00 ? 1  DC D P     1 
ATOM 326  O OP1   . DC B 2 1  ? 26.845  -6.960  -12.536 1.00 236.00 ? 1  DC D OP1   1 
ATOM 327  O OP2   . DC B 2 1  ? 26.829  -6.219  -15.028 1.00 236.00 ? 1  DC D OP2   1 
ATOM 328  O "O5'" . DC B 2 1  ? 28.237  -5.026  -13.343 1.00 236.00 ? 1  DC D "O5'" 1 
ATOM 329  C "C5'" . DC B 2 1  ? 28.957  -5.130  -12.113 1.00 236.00 ? 1  DC D "C5'" 1 
ATOM 330  C "C4'" . DC B 2 1  ? 28.750  -3.913  -11.223 1.00 236.00 ? 1  DC D "C4'" 1 
ATOM 331  O "O4'" . DC B 2 1  ? 28.730  -2.701  -12.019 1.00 236.00 ? 1  DC D "O4'" 1 
ATOM 332  C "C3'" . DC B 2 1  ? 27.435  -3.877  -10.460 1.00 236.00 ? 1  DC D "C3'" 1 
ATOM 333  O "O3'" . DC B 2 1  ? 27.526  -4.670  -9.273  1.00 236.00 ? 1  DC D "O3'" 1 
ATOM 334  C "C2'" . DC B 2 1  ? 27.301  -2.386  -10.150 1.00 236.00 ? 1  DC D "C2'" 1 
ATOM 335  C "C1'" . DC B 2 1  ? 27.966  -1.712  -11.350 1.00 236.00 ? 1  DC D "C1'" 1 
ATOM 336  N N1    . DC B 2 1  ? 26.974  -1.119  -12.293 1.00 236.00 ? 1  DC D N1    1 
ATOM 337  C C2    . DC B 2 1  ? 26.684  0.248   -12.220 1.00 236.00 ? 1  DC D C2    1 
ATOM 338  O O2    . DC B 2 1  ? 27.270  0.941   -11.379 1.00 236.00 ? 1  DC D O2    1 
ATOM 339  N N3    . DC B 2 1  ? 25.773  0.771   -13.077 1.00 236.00 ? 1  DC D N3    1 
ATOM 340  C C4    . DC B 2 1  ? 25.168  -0.019  -13.967 1.00 236.00 ? 1  DC D C4    1 
ATOM 341  N N4    . DC B 2 1  ? 24.277  0.534   -14.794 1.00 236.00 ? 1  DC D N4    1 
ATOM 342  C C5    . DC B 2 1  ? 25.447  -1.413  -14.054 1.00 236.00 ? 1  DC D C5    1 
ATOM 343  C C6    . DC B 2 1  ? 26.346  -1.915  -13.204 1.00 236.00 ? 1  DC D C6    1 
ATOM 344  P P     . DC B 2 2  ? 26.602  -5.976  -9.093  1.00 236.00 ? 2  DC D P     1 
ATOM 345  O OP1   . DC B 2 2  ? 27.358  -6.978  -8.304  1.00 236.00 ? 2  DC D OP1   1 
ATOM 346  O OP2   . DC B 2 2  ? 26.094  -6.327  -10.438 1.00 236.00 ? 2  DC D OP2   1 
ATOM 347  O "O5'" . DC B 2 2  ? 25.361  -5.462  -8.222  1.00 236.00 ? 2  DC D "O5'" 1 
ATOM 348  C "C5'" . DC B 2 2  ? 24.121  -5.136  -8.850  1.00 236.00 ? 2  DC D "C5'" 1 
ATOM 349  C "C4'" . DC B 2 2  ? 24.040  -3.656  -9.183  1.00 236.00 ? 2  DC D "C4'" 1 
ATOM 350  O "O4'" . DC B 2 2  ? 23.317  -3.481  -10.425 1.00 236.00 ? 2  DC D "O4'" 1 
ATOM 351  C "C3'" . DC B 2 2  ? 23.333  -2.781  -8.150  1.00 236.00 ? 2  DC D "C3'" 1 
ATOM 352  O "O3'" . DC B 2 2  ? 24.136  -1.641  -7.896  1.00 236.00 ? 2  DC D "O3'" 1 
ATOM 353  C "C2'" . DC B 2 2  ? 22.028  -2.382  -8.837  1.00 236.00 ? 2  DC D "C2'" 1 
ATOM 354  C "C1'" . DC B 2 2  ? 22.474  -2.361  -10.296 1.00 236.00 ? 2  DC D "C1'" 1 
ATOM 355  N N1    . DC B 2 2  ? 21.390  -2.522  -11.306 1.00 236.00 ? 2  DC D N1    1 
ATOM 356  C C2    . DC B 2 2  ? 21.117  -1.492  -12.217 1.00 236.00 ? 2  DC D C2    1 
ATOM 357  O O2    . DC B 2 2  ? 21.778  -0.445  -12.168 1.00 236.00 ? 2  DC D O2    1 
ATOM 358  N N3    . DC B 2 2  ? 20.128  -1.669  -13.129 1.00 236.00 ? 2  DC D N3    1 
ATOM 359  C C4    . DC B 2 2  ? 19.437  -2.812  -13.151 1.00 236.00 ? 2  DC D C4    1 
ATOM 360  N N4    . DC B 2 2  ? 18.471  -2.947  -14.066 1.00 236.00 ? 2  DC D N4    1 
ATOM 361  C C5    . DC B 2 2  ? 19.707  -3.872  -12.235 1.00 236.00 ? 2  DC D C5    1 
ATOM 362  C C6    . DC B 2 2  ? 20.682  -3.687  -11.342 1.00 236.00 ? 2  DC D C6    1 
ATOM 363  P P     . DG B 2 3  ? 24.508  -1.230  -6.385  1.00 236.00 ? 3  DG D P     1 
ATOM 364  O OP1   . DG B 2 3  ? 25.510  -2.196  -5.885  1.00 236.00 ? 3  DG D OP1   1 
ATOM 365  O OP2   . DG B 2 3  ? 23.231  -1.048  -5.660  1.00 236.00 ? 3  DG D OP2   1 
ATOM 366  O "O5'" . DG B 2 3  ? 25.213  0.198   -6.551  1.00 236.00 ? 3  DG D "O5'" 1 
ATOM 367  C "C5'" . DG B 2 3  ? 25.478  1.037   -5.436  1.00 236.00 ? 3  DG D "C5'" 1 
ATOM 368  C "C4'" . DG B 2 3  ? 25.744  2.449   -5.921  1.00 236.00 ? 3  DG D "C4'" 1 
ATOM 369  O "O4'" . DG B 2 3  ? 25.260  2.597   -7.282  1.00 236.00 ? 3  DG D "O4'" 1 
ATOM 370  C "C3'" . DG B 2 3  ? 25.015  3.519   -5.128  1.00 236.00 ? 3  DG D "C3'" 1 
ATOM 371  O "O3'" . DG B 2 3  ? 25.692  4.757   -5.248  1.00 236.00 ? 3  DG D "O3'" 1 
ATOM 372  C "C2'" . DG B 2 3  ? 23.665  3.551   -5.835  1.00 236.00 ? 3  DG D "C2'" 1 
ATOM 373  C "C1'" . DG B 2 3  ? 24.089  3.395   -7.292  1.00 236.00 ? 3  DG D "C1'" 1 
ATOM 374  N N9    . DG B 2 3  ? 23.074  2.742   -8.116  1.00 236.00 ? 3  DG D N9    1 
ATOM 375  C C8    . DG B 2 3  ? 22.811  1.395   -8.176  1.00 236.00 ? 3  DG D C8    1 
ATOM 376  N N7    . DG B 2 3  ? 21.846  1.089   -8.998  1.00 236.00 ? 3  DG D N7    1 
ATOM 377  C C5    . DG B 2 3  ? 21.438  2.311   -9.518  1.00 236.00 ? 3  DG D C5    1 
ATOM 378  C C6    . DG B 2 3  ? 20.424  2.611   -10.461 1.00 236.00 ? 3  DG D C6    1 
ATOM 379  O O6    . DG B 2 3  ? 19.658  1.829   -11.043 1.00 236.00 ? 3  DG D O6    1 
ATOM 380  N N1    . DG B 2 3  ? 20.337  3.978   -10.713 1.00 236.00 ? 3  DG D N1    1 
ATOM 381  C C2    . DG B 2 3  ? 21.130  4.935   -10.128 1.00 236.00 ? 3  DG D C2    1 
ATOM 382  N N2    . DG B 2 3  ? 20.898  6.203   -10.497 1.00 236.00 ? 3  DG D N2    1 
ATOM 383  N N3    . DG B 2 3  ? 22.084  4.667   -9.243  1.00 236.00 ? 3  DG D N3    1 
ATOM 384  C C4    . DG B 2 3  ? 22.183  3.340   -8.984  1.00 236.00 ? 3  DG D C4    1 
ATOM 385  P P     . DA B 2 4  ? 25.358  5.954   -4.231  1.00 236.00 ? 4  DA D P     1 
ATOM 386  O OP1   . DA B 2 4  ? 26.477  6.921   -4.299  1.00 236.00 ? 4  DA D OP1   1 
ATOM 387  O OP2   . DA B 2 4  ? 24.985  5.335   -2.939  1.00 236.00 ? 4  DA D OP2   1 
ATOM 388  O "O5'" . DA B 2 4  ? 24.039  6.627   -4.843  1.00 236.00 ? 4  DA D "O5'" 1 
ATOM 389  C "C5'" . DA B 2 4  ? 24.098  7.341   -6.075  1.00 236.00 ? 4  DA D "C5'" 1 
ATOM 390  C "C4'" . DA B 2 4  ? 22.761  7.995   -6.383  1.00 236.00 ? 4  DA D "C4'" 1 
ATOM 391  O "O4'" . DA B 2 4  ? 21.811  6.980   -6.795  1.00 236.00 ? 4  DA D "O4'" 1 
ATOM 392  C "C3'" . DA B 2 4  ? 22.142  8.759   -5.213  1.00 236.00 ? 4  DA D "C3'" 1 
ATOM 393  O "O3'" . DA B 2 4  ? 22.169  10.184  -5.504  1.00 236.00 ? 4  DA D "O3'" 1 
ATOM 394  C "C2'" . DA B 2 4  ? 20.765  8.128   -4.977  1.00 236.00 ? 4  DA D "C2'" 1 
ATOM 395  C "C1'" . DA B 2 4  ? 20.621  7.032   -6.032  1.00 236.00 ? 4  DA D "C1'" 1 
ATOM 396  N N9    . DA B 2 4  ? 20.383  5.701   -5.472  1.00 236.00 ? 4  DA D N9    1 
ATOM 397  C C8    . DA B 2 4  ? 20.868  5.196   -4.298  1.00 236.00 ? 4  DA D C8    1 
ATOM 398  N N7    . DA B 2 4  ? 20.490  3.962   -4.053  1.00 236.00 ? 4  DA D N7    1 
ATOM 399  C C5    . DA B 2 4  ? 19.705  3.632   -5.145  1.00 236.00 ? 4  DA D C5    1 
ATOM 400  C C6    . DA B 2 4  ? 19.003  2.461   -5.493  1.00 236.00 ? 4  DA D C6    1 
ATOM 401  N N6    . DA B 2 4  ? 18.986  1.359   -4.735  1.00 236.00 ? 4  DA D N6    1 
ATOM 402  N N1    . DA B 2 4  ? 18.317  2.465   -6.655  1.00 236.00 ? 4  DA D N1    1 
ATOM 403  C C2    . DA B 2 4  ? 18.335  3.568   -7.413  1.00 236.00 ? 4  DA D C2    1 
ATOM 404  N N3    . DA B 2 4  ? 18.956  4.725   -7.191  1.00 236.00 ? 4  DA D N3    1 
ATOM 405  C C4    . DA B 2 4  ? 19.629  4.693   -6.030  1.00 236.00 ? 4  DA D C4    1 
ATOM 406  P P     . DG B 2 5  ? 20.853  10.998  -5.957  1.00 236.00 ? 5  DG D P     1 
ATOM 407  O OP1   . DG B 2 5  ? 21.328  12.298  -6.481  1.00 236.00 ? 5  DG D OP1   1 
ATOM 408  O OP2   . DG B 2 5  ? 19.868  11.000  -4.851  1.00 236.00 ? 5  DG D OP2   1 
ATOM 409  O "O5'" . DG B 2 5  ? 20.270  10.162  -7.192  1.00 236.00 ? 5  DG D "O5'" 1 
ATOM 410  C "C5'" . DG B 2 5  ? 19.391  10.786  -8.127  1.00 236.00 ? 5  DG D "C5'" 1 
ATOM 411  C "C4'" . DG B 2 5  ? 17.947  10.352  -7.930  1.00 236.00 ? 5  DG D "C4'" 1 
ATOM 412  O "O4'" . DG B 2 5  ? 17.899  9.029   -7.338  1.00 236.00 ? 5  DG D "O4'" 1 
ATOM 413  C "C3'" . DG B 2 5  ? 17.091  11.246  -7.032  1.00 236.00 ? 5  DG D "C3'" 1 
ATOM 414  O "O3'" . DG B 2 5  ? 16.102  11.903  -7.836  1.00 236.00 ? 5  DG D "O3'" 1 
ATOM 415  C "C2'" . DG B 2 5  ? 16.489  10.286  -6.002  1.00 236.00 ? 5  DG D "C2'" 1 
ATOM 416  C "C1'" . DG B 2 5  ? 16.667  8.927   -6.663  1.00 236.00 ? 5  DG D "C1'" 1 
ATOM 417  N N9    . DG B 2 5  ? 16.720  7.819   -5.713  1.00 236.00 ? 5  DG D N9    1 
ATOM 418  C C8    . DG B 2 5  ? 17.396  7.781   -4.519  1.00 236.00 ? 5  DG D C8    1 
ATOM 419  N N7    . DG B 2 5  ? 17.259  6.653   -3.879  1.00 236.00 ? 5  DG D N7    1 
ATOM 420  C C5    . DG B 2 5  ? 16.437  5.894   -4.700  1.00 236.00 ? 5  DG D C5    1 
ATOM 421  C C6    . DG B 2 5  ? 15.941  4.580   -4.530  1.00 236.00 ? 5  DG D C6    1 
ATOM 422  O O6    . DG B 2 5  ? 16.140  3.803   -3.586  1.00 236.00 ? 5  DG D O6    1 
ATOM 423  N N1    . DG B 2 5  ? 15.141  4.190   -5.601  1.00 236.00 ? 5  DG D N1    1 
ATOM 424  C C2    . DG B 2 5  ? 14.857  4.970   -6.697  1.00 236.00 ? 5  DG D C2    1 
ATOM 425  N N2    . DG B 2 5  ? 14.065  4.424   -7.632  1.00 236.00 ? 5  DG D N2    1 
ATOM 426  N N3    . DG B 2 5  ? 15.316  6.203   -6.867  1.00 236.00 ? 5  DG D N3    1 
ATOM 427  C C4    . DG B 2 5  ? 16.096  6.598   -5.834  1.00 236.00 ? 5  DG D C4    1 
ATOM 428  P P     . DT B 2 6  ? 14.836  12.637  -7.164  1.00 236.00 ? 6  DT D P     1 
ATOM 429  O OP1   . DT B 2 6  ? 14.282  13.568  -8.171  1.00 236.00 ? 6  DT D OP1   1 
ATOM 430  O OP2   . DT B 2 6  ? 15.246  13.160  -5.841  1.00 236.00 ? 6  DT D OP2   1 
ATOM 431  O "O5'" . DT B 2 6  ? 13.787  11.450  -6.936  1.00 236.00 ? 6  DT D "O5'" 1 
ATOM 432  C "C5'" . DT B 2 6  ? 12.391  11.638  -7.132  1.00 236.00 ? 6  DT D "C5'" 1 
ATOM 433  C "C4'" . DT B 2 6  ? 11.812  10.441  -7.868  1.00 236.00 ? 6  DT D "C4'" 1 
ATOM 434  O "O4'" . DT B 2 6  ? 12.678  9.292   -7.686  1.00 236.00 ? 6  DT D "O4'" 1 
ATOM 435  C "C3'" . DT B 2 6  ? 10.444  9.980   -7.387  1.00 236.00 ? 6  DT D "C3'" 1 
ATOM 436  O "O3'" . DT B 2 6  ? 9.420   10.701  -8.063  1.00 236.00 ? 6  DT D "O3'" 1 
ATOM 437  C "C2'" . DT B 2 6  ? 10.447  8.509   -7.794  1.00 236.00 ? 6  DT D "C2'" 1 
ATOM 438  C "C1'" . DT B 2 6  ? 11.910  8.103   -7.633  1.00 236.00 ? 6  DT D "C1'" 1 
ATOM 439  N N1    . DT B 2 6  ? 12.209  7.403   -6.348  1.00 236.00 ? 6  DT D N1    1 
ATOM 440  C C2    . DT B 2 6  ? 11.784  6.105   -6.145  1.00 236.00 ? 6  DT D C2    1 
ATOM 441  O O2    . DT B 2 6  ? 11.156  5.466   -6.971  1.00 236.00 ? 6  DT D O2    1 
ATOM 442  N N3    . DT B 2 6  ? 12.125  5.571   -4.924  1.00 236.00 ? 6  DT D N3    1 
ATOM 443  C C4    . DT B 2 6  ? 12.833  6.209   -3.918  1.00 236.00 ? 6  DT D C4    1 
ATOM 444  O O4    . DT B 2 6  ? 13.101  5.670   -2.851  1.00 236.00 ? 6  DT D O4    1 
ATOM 445  C C5    . DT B 2 6  ? 13.245  7.558   -4.199  1.00 236.00 ? 6  DT D C5    1 
ATOM 446  C C7    . DT B 2 6  ? 14.018  8.333   -3.174  1.00 236.00 ? 6  DT D C7    1 
ATOM 447  C C6    . DT B 2 6  ? 12.919  8.084   -5.383  1.00 236.00 ? 6  DT D C6    1 
ATOM 448  P P     . DA B 2 7  ? 8.072   11.113  -7.291  1.00 236.00 ? 7  DA D P     1 
ATOM 449  O OP1   . DA B 2 7  ? 7.237   11.886  -8.236  1.00 236.00 ? 7  DA D OP1   1 
ATOM 450  O OP2   . DA B 2 7  ? 8.464   11.717  -5.997  1.00 236.00 ? 7  DA D OP2   1 
ATOM 451  O "O5'" . DA B 2 7  ? 7.357   9.712   -6.987  1.00 236.00 ? 7  DA D "O5'" 1 
ATOM 452  C "C5'" . DA B 2 7  ? 6.917   8.882   -8.059  1.00 236.00 ? 7  DA D "C5'" 1 
ATOM 453  C "C4'" . DA B 2 7  ? 6.733   7.440   -7.612  1.00 236.00 ? 7  DA D "C4'" 1 
ATOM 454  O "O4'" . DA B 2 7  ? 7.836   7.052   -6.751  1.00 236.00 ? 7  DA D "O4'" 1 
ATOM 455  C "C3'" . DA B 2 7  ? 5.465   7.156   -6.813  1.00 236.00 ? 7  DA D "C3'" 1 
ATOM 456  O "O3'" . DA B 2 7  ? 4.959   5.868   -7.146  1.00 236.00 ? 7  DA D "O3'" 1 
ATOM 457  C "C2'" . DA B 2 7  ? 5.961   7.197   -5.371  1.00 236.00 ? 7  DA D "C2'" 1 
ATOM 458  C "C1'" . DA B 2 7  ? 7.330   6.550   -5.531  1.00 236.00 ? 7  DA D "C1'" 1 
ATOM 459  N N9    . DA B 2 7  ? 8.266   6.874   -4.457  1.00 236.00 ? 7  DA D N9    1 
ATOM 460  C C8    . DA B 2 7  ? 8.788   8.100   -4.153  1.00 236.00 ? 7  DA D C8    1 
ATOM 461  N N7    . DA B 2 7  ? 9.609   8.088   -3.129  1.00 236.00 ? 7  DA D N7    1 
ATOM 462  C C5    . DA B 2 7  ? 9.628   6.762   -2.733  1.00 236.00 ? 7  DA D C5    1 
ATOM 463  C C6    . DA B 2 7  ? 10.307  6.087   -1.698  1.00 236.00 ? 7  DA D C6    1 
ATOM 464  N N6    . DA B 2 7  ? 11.135  6.694   -0.841  1.00 236.00 ? 7  DA D N6    1 
ATOM 465  N N1    . DA B 2 7  ? 10.104  4.759   -1.578  1.00 236.00 ? 7  DA D N1    1 
ATOM 466  C C2    . DA B 2 7  ? 9.277   4.152   -2.438  1.00 236.00 ? 7  DA D C2    1 
ATOM 467  N N3    . DA B 2 7  ? 8.584   4.679   -3.446  1.00 236.00 ? 7  DA D N3    1 
ATOM 468  C C4    . DA B 2 7  ? 8.806   6.000   -3.541  1.00 236.00 ? 7  DA D C4    1 
ATOM 469  P P     . DC B 2 8  ? 3.384   5.653   -7.375  1.00 236.00 ? 8  DC D P     1 
ATOM 470  O OP1   . DC B 2 8  ? 3.185   5.262   -8.788  1.00 236.00 ? 8  DC D OP1   1 
ATOM 471  O OP2   . DC B 2 8  ? 2.686   6.840   -6.831  1.00 236.00 ? 8  DC D OP2   1 
ATOM 472  O "O5'" . DC B 2 8  ? 3.025   4.403   -6.443  1.00 236.00 ? 8  DC D "O5'" 1 
ATOM 473  C "C5'" . DC B 2 8  ? 3.461   3.097   -6.804  1.00 236.00 ? 8  DC D "C5'" 1 
ATOM 474  C "C4'" . DC B 2 8  ? 3.449   2.175   -5.597  1.00 236.00 ? 8  DC D "C4'" 1 
ATOM 475  O "O4'" . DC B 2 8  ? 4.473   2.605   -4.665  1.00 236.00 ? 8  DC D "O4'" 1 
ATOM 476  C "C3'" . DC B 2 8  ? 2.135   2.143   -4.819  1.00 236.00 ? 8  DC D "C3'" 1 
ATOM 477  O "O3'" . DC B 2 8  ? 1.778   0.797   -4.509  1.00 236.00 ? 8  DC D "O3'" 1 
ATOM 478  C "C2'" . DC B 2 8  ? 2.435   2.951   -3.559  1.00 236.00 ? 8  DC D "C2'" 1 
ATOM 479  C "C1'" . DC B 2 8  ? 3.927   2.712   -3.368  1.00 236.00 ? 8  DC D "C1'" 1 
ATOM 480  N N1    . DC B 2 8  ? 4.618   3.828   -2.663  1.00 236.00 ? 8  DC D N1    1 
ATOM 481  C C2    . DC B 2 8  ? 5.706   3.553   -1.827  1.00 236.00 ? 8  DC D C2    1 
ATOM 482  O O2    . DC B 2 8  ? 6.078   2.381   -1.689  1.00 236.00 ? 8  DC D O2    1 
ATOM 483  N N3    . DC B 2 8  ? 6.322   4.581   -1.193  1.00 236.00 ? 8  DC D N3    1 
ATOM 484  C C4    . DC B 2 8  ? 5.890   5.831   -1.369  1.00 236.00 ? 8  DC D C4    1 
ATOM 485  N N4    . DC B 2 8  ? 6.527   6.812   -0.723  1.00 236.00 ? 8  DC D N4    1 
ATOM 486  C C5    . DC B 2 8  ? 4.782   6.130   -2.215  1.00 236.00 ? 8  DC D C5    1 
ATOM 487  C C6    . DC B 2 8  ? 4.183   5.109   -2.836  1.00 236.00 ? 8  DC D C6    1 
ATOM 488  P P     . DG B 2 9  ? 0.235   0.396   -4.299  1.00 236.00 ? 9  DG D P     1 
ATOM 489  O OP1   . DG B 2 9  ? -0.003  -0.863  -5.041  1.00 236.00 ? 9  DG D OP1   1 
ATOM 490  O OP2   . DG B 2 9  ? -0.589  1.590   -4.592  1.00 236.00 ? 9  DG D OP2   1 
ATOM 491  O "O5'" . DG B 2 9  ? 0.123   0.096   -2.732  1.00 236.00 ? 9  DG D "O5'" 1 
ATOM 492  C "C5'" . DG B 2 9  ? 0.706   -1.085  -2.188  1.00 236.00 ? 9  DG D "C5'" 1 
ATOM 493  C "C4'" . DG B 2 9  ? 0.869   -0.958  -0.686  1.00 236.00 ? 9  DG D "C4'" 1 
ATOM 494  O "O4'" . DG B 2 9  ? 1.962   -0.058  -0.389  1.00 236.00 ? 9  DG D "O4'" 1 
ATOM 495  C "C3'" . DG B 2 9  ? -0.342  -0.372  0.037   1.00 236.00 ? 9  DG D "C3'" 1 
ATOM 496  O "O3'" . DG B 2 9  ? -1.173  -1.371  0.663   1.00 236.00 ? 9  DG D "O3'" 1 
ATOM 497  C "C2'" . DG B 2 9  ? 0.240   0.605   1.061   1.00 236.00 ? 9  DG D "C2'" 1 
ATOM 498  C "C1'" . DG B 2 9  ? 1.749   0.460   0.905   1.00 236.00 ? 9  DG D "C1'" 1 
ATOM 499  N N9    . DG B 2 9  ? 2.461   1.728   1.042   1.00 236.00 ? 9  DG D N9    1 
ATOM 500  C C8    . DG B 2 9  ? 2.486   2.774   0.152   1.00 236.00 ? 9  DG D C8    1 
ATOM 501  N N7    . DG B 2 9  ? 3.213   3.779   0.557   1.00 236.00 ? 9  DG D N7    1 
ATOM 502  C C5    . DG B 2 9  ? 3.699   3.375   1.793   1.00 236.00 ? 9  DG D C5    1 
ATOM 503  C C6    . DG B 2 9  ? 4.543   4.046   2.710   1.00 236.00 ? 9  DG D C6    1 
ATOM 504  O O6    . DG B 2 9  ? 5.047   5.173   2.605   1.00 236.00 ? 9  DG D O6    1 
ATOM 505  N N1    . DG B 2 9  ? 4.788   3.274   3.844   1.00 236.00 ? 9  DG D N1    1 
ATOM 506  C C2    . DG B 2 9  ? 4.283   2.015   4.065   1.00 236.00 ? 9  DG D C2    1 
ATOM 507  N N2    . DG B 2 9  ? 4.629   1.425   5.218   1.00 236.00 ? 9  DG D N2    1 
ATOM 508  N N3    . DG B 2 9  ? 3.491   1.375   3.214   1.00 236.00 ? 9  DG D N3    1 
ATOM 509  C C4    . DG B 2 9  ? 3.243   2.114   2.105   1.00 236.00 ? 9  DG D C4    1 
ATOM 510  P P     . DA B 2 10 ? -0.552  -2.719  1.281   1.00 236.00 ? 10 DA D P     1 
ATOM 511  O OP1   . DA B 2 10 ? 0.585   -2.359  2.160   1.00 236.00 ? 10 DA D OP1   1 
ATOM 512  O OP2   . DA B 2 10 ? -0.359  -3.686  0.177   1.00 236.00 ? 10 DA D OP2   1 
ATOM 513  O "O5'" . DA B 2 10 ? -1.731  -3.297  2.198   1.00 236.00 ? 10 DA D "O5'" 1 
ATOM 514  C "C5'" . DA B 2 10 ? -2.054  -2.668  3.436   1.00 236.00 ? 10 DA D "C5'" 1 
ATOM 515  C "C4'" . DA B 2 10 ? -3.555  -2.497  3.624   1.00 236.00 ? 10 DA D "C4'" 1 
ATOM 516  O "O4'" . DA B 2 10 ? -4.147  -2.028  2.387   1.00 236.00 ? 10 DA D "O4'" 1 
ATOM 517  C "C3'" . DA B 2 10 ? -4.337  -3.750  4.006   1.00 236.00 ? 10 DA D "C3'" 1 
ATOM 518  O "O3'" . DA B 2 10 ? -5.450  -3.403  4.824   1.00 236.00 ? 10 DA D "O3'" 1 
ATOM 519  C "C2'" . DA B 2 10 ? -4.804  -4.285  2.658   1.00 236.00 ? 10 DA D "C2'" 1 
ATOM 520  C "C1'" . DA B 2 10 ? -5.024  -3.005  1.860   1.00 236.00 ? 10 DA D "C1'" 1 
ATOM 521  N N9    . DA B 2 10 ? -4.715  -3.166  0.444   1.00 236.00 ? 10 DA D N9    1 
ATOM 522  C C8    . DA B 2 10 ? -3.748  -2.509  -0.263  1.00 236.00 ? 10 DA D C8    1 
ATOM 523  N N7    . DA B 2 10 ? -3.686  -2.855  -1.527  1.00 236.00 ? 10 DA D N7    1 
ATOM 524  C C5    . DA B 2 10 ? -4.682  -3.807  -1.655  1.00 236.00 ? 10 DA D C5    1 
ATOM 525  C C6    . DA B 2 10 ? -5.131  -4.565  -2.753  1.00 236.00 ? 10 DA D C6    1 
ATOM 526  N N6    . DA B 2 10 ? -4.601  -4.470  -3.976  1.00 236.00 ? 10 DA D N6    1 
ATOM 527  N N1    . DA B 2 10 ? -6.148  -5.428  -2.543  1.00 236.00 ? 10 DA D N1    1 
ATOM 528  C C2    . DA B 2 10 ? -6.675  -5.521  -1.315  1.00 236.00 ? 10 DA D C2    1 
ATOM 529  N N3    . DA B 2 10 ? -6.339  -4.861  -0.209  1.00 236.00 ? 10 DA D N3    1 
ATOM 530  C C4    . DA B 2 10 ? -5.327  -4.012  -0.449  1.00 236.00 ? 10 DA D C4    1 
ATOM 531  P P     . DC B 2 11 ? -5.799  -4.274  6.126   1.00 236.00 ? 11 DC D P     1 
ATOM 532  O OP1   . DC B 2 11 ? -7.000  -3.680  6.757   1.00 236.00 ? 11 DC D OP1   1 
ATOM 533  O OP2   . DC B 2 11 ? -4.555  -4.425  6.913   1.00 236.00 ? 11 DC D OP2   1 
ATOM 534  O "O5'" . DC B 2 11 ? -6.189  -5.712  5.541   1.00 236.00 ? 11 DC D "O5'" 1 
ATOM 535  C "C5'" . DC B 2 11 ? -7.459  -5.928  4.930   1.00 236.00 ? 11 DC D "C5'" 1 
ATOM 536  C "C4'" . DC B 2 11 ? -7.616  -7.364  4.450   1.00 236.00 ? 11 DC D "C4'" 1 
ATOM 537  O "O4'" . DC B 2 11 ? -6.688  -7.620  3.367   1.00 236.00 ? 11 DC D "O4'" 1 
ATOM 538  C "C3'" . DC B 2 11 ? -7.351  -8.445  5.492   1.00 236.00 ? 11 DC D "C3'" 1 
ATOM 539  O "O3'" . DC B 2 11 ? -8.210  -9.560  5.277   1.00 236.00 ? 11 DC D "O3'" 1 
ATOM 540  C "C2'" . DC B 2 11 ? -5.892  -8.828  5.259   1.00 236.00 ? 11 DC D "C2'" 1 
ATOM 541  C "C1'" . DC B 2 11 ? -5.658  -8.494  3.788   1.00 236.00 ? 11 DC D "C1'" 1 
ATOM 542  N N1    . DC B 2 11 ? -4.358  -7.810  3.550   1.00 236.00 ? 11 DC D N1    1 
ATOM 543  C C2    . DC B 2 11 ? -3.918  -7.589  2.239   1.00 236.00 ? 11 DC D C2    1 
ATOM 544  O O2    . DC B 2 11 ? -4.619  -7.968  1.294   1.00 236.00 ? 11 DC D O2    1 
ATOM 545  N N3    . DC B 2 11 ? -2.732  -6.960  2.047   1.00 236.00 ? 11 DC D N3    1 
ATOM 546  C C4    . DC B 2 11 ? -2.006  -6.566  3.094   1.00 236.00 ? 11 DC D C4    1 
ATOM 547  N N4    . DC B 2 11 ? -0.843  -5.951  2.855   1.00 236.00 ? 11 DC D N4    1 
ATOM 548  C C5    . DC B 2 11 ? -2.439  -6.784  4.435   1.00 236.00 ? 11 DC D C5    1 
ATOM 549  C C6    . DC B 2 11 ? -3.609  -7.402  4.614   1.00 236.00 ? 11 DC D C6    1 
ATOM 550  P P     . DG B 2 12 ? -8.626  -10.507 6.507   1.00 236.00 ? 12 DG D P     1 
ATOM 551  O OP1   . DG B 2 12 ? -9.928  -10.023 7.014   1.00 236.00 ? 12 DG D OP1   1 
ATOM 552  O OP2   . DG B 2 12 ? -7.470  -10.593 7.426   1.00 236.00 ? 12 DG D OP2   1 
ATOM 553  O "O5'" . DG B 2 12 ? -8.834  -11.945 5.832   1.00 236.00 ? 12 DG D "O5'" 1 
ATOM 554  C "C5'" . DG B 2 12 ? -10.119 -12.321 5.342   1.00 236.00 ? 12 DG D "C5'" 1 
ATOM 555  C "C4'" . DG B 2 12 ? -10.059 -12.845 3.917   1.00 236.00 ? 12 DG D "C4'" 1 
ATOM 556  O "O4'" . DG B 2 12 ? -9.289  -11.936 3.091   1.00 236.00 ? 12 DG D "O4'" 1 
ATOM 557  C "C3'" . DG B 2 12 ? -9.365  -14.185 3.714   1.00 236.00 ? 12 DG D "C3'" 1 
ATOM 558  O "O3'" . DG B 2 12 ? -10.252 -15.265 4.014   1.00 236.00 ? 12 DG D "O3'" 1 
ATOM 559  C "C2'" . DG B 2 12 ? -9.031  -14.131 2.225   1.00 236.00 ? 12 DG D "C2'" 1 
ATOM 560  C "C1'" . DG B 2 12 ? -8.821  -12.641 1.956   1.00 236.00 ? 12 DG D "C1'" 1 
ATOM 561  N N9    . DG B 2 12 ? -7.421  -12.306 1.714   1.00 236.00 ? 12 DG D N9    1 
ATOM 562  C C8    . DG B 2 12 ? -6.553  -11.673 2.570   1.00 236.00 ? 12 DG D C8    1 
ATOM 563  N N7    . DG B 2 12 ? -5.358  -11.516 2.073   1.00 236.00 ? 12 DG D N7    1 
ATOM 564  C C5    . DG B 2 12 ? -5.438  -12.085 0.807   1.00 236.00 ? 12 DG D C5    1 
ATOM 565  C C6    . DG B 2 12 ? -4.452  -12.214 -0.199  1.00 236.00 ? 12 DG D C6    1 
ATOM 566  O O6    . DG B 2 12 ? -3.272  -11.836 -0.170  1.00 236.00 ? 12 DG D O6    1 
ATOM 567  N N1    . DG B 2 12 ? -4.950  -12.856 -1.331  1.00 236.00 ? 12 DG D N1    1 
ATOM 568  C C2    . DG B 2 12 ? -6.238  -13.314 -1.471  1.00 236.00 ? 12 DG D C2    1 
ATOM 569  N N2    . DG B 2 12 ? -6.534  -13.908 -2.637  1.00 236.00 ? 12 DG D N2    1 
ATOM 570  N N3    . DG B 2 12 ? -7.171  -13.201 -0.536  1.00 236.00 ? 12 DG D N3    1 
ATOM 571  C C4    . DG B 2 12 ? -6.701  -12.577 0.572   1.00 236.00 ? 12 DG D C4    1 
ATOM 572  P P     . DA B 2 13 ? -9.733  -16.787 3.943   1.00 236.00 ? 13 DA D P     1 
ATOM 573  O OP1   . DA B 2 13 ? -10.687 -17.626 4.703   1.00 236.00 ? 13 DA D OP1   1 
ATOM 574  O OP2   . DA B 2 13 ? -8.300  -16.792 4.310   1.00 236.00 ? 13 DA D OP2   1 
ATOM 575  O "O5'" . DA B 2 13 ? -9.843  -17.157 2.389   1.00 236.00 ? 13 DA D "O5'" 1 
ATOM 576  C "C5'" . DA B 2 13 ? -9.265  -18.350 1.877   1.00 236.00 ? 13 DA D "C5'" 1 
ATOM 577  C "C4'" . DA B 2 13 ? -9.445  -18.424 0.369   1.00 236.00 ? 13 DA D "C4'" 1 
ATOM 578  O "O4'" . DA B 2 13 ? -9.025  -17.169 -0.226  1.00 236.00 ? 13 DA D "O4'" 1 
ATOM 579  C "C3'" . DA B 2 13 ? -8.657  -19.540 -0.308  1.00 236.00 ? 13 DA D "C3'" 1 
ATOM 580  O "O3'" . DA B 2 13 ? -9.561  -20.449 -0.933  1.00 236.00 ? 13 DA D "O3'" 1 
ATOM 581  C "C2'" . DA B 2 13 ? -7.771  -18.849 -1.347  1.00 236.00 ? 13 DA D "C2'" 1 
ATOM 582  C "C1'" . DA B 2 13 ? -7.907  -17.353 -1.072  1.00 236.00 ? 13 DA D "C1'" 1 
ATOM 583  N N9    . DA B 2 13 ? -6.726  -16.755 -0.448  1.00 236.00 ? 13 DA D N9    1 
ATOM 584  C C8    . DA B 2 13 ? -6.615  -16.301 0.837   1.00 236.00 ? 13 DA D C8    1 
ATOM 585  N N7    . DA B 2 13 ? -5.434  -15.812 1.129   1.00 236.00 ? 13 DA D N7    1 
ATOM 586  C C5    . DA B 2 13 ? -4.715  -15.954 -0.045  1.00 236.00 ? 13 DA D C5    1 
ATOM 587  C C6    . DA B 2 13 ? -3.389  -15.622 -0.392  1.00 236.00 ? 13 DA D C6    1 
ATOM 588  N N6    . DA B 2 13 ? -2.524  -15.059 0.458   1.00 236.00 ? 13 DA D N6    1 
ATOM 589  N N1    . DA B 2 13 ? -2.985  -15.897 -1.650  1.00 236.00 ? 13 DA D N1    1 
ATOM 590  C C2    . DA B 2 13 ? -3.855  -16.461 -2.497  1.00 236.00 ? 13 DA D C2    1 
ATOM 591  N N3    . DA B 2 13 ? -5.122  -16.817 -2.286  1.00 236.00 ? 13 DA D N3    1 
ATOM 592  C C4    . DA B 2 13 ? -5.496  -16.534 -1.029  1.00 236.00 ? 13 DA D C4    1 
ATOM 593  P P     . DC B 2 14 ? -9.374  -22.037 -0.745  1.00 236.00 ? 14 DC D P     1 
ATOM 594  O OP1   . DC B 2 14 ? -10.043 -22.703 -1.885  1.00 236.00 ? 14 DC D OP1   1 
ATOM 595  O OP2   . DC B 2 14 ? -9.771  -22.377 0.639   1.00 236.00 ? 14 DC D OP2   1 
ATOM 596  O "O5'" . DC B 2 14 ? -7.794  -22.251 -0.870  1.00 236.00 ? 14 DC D "O5'" 1 
ATOM 597  C "C5'" . DC B 2 14 ? -7.255  -23.203 -1.783  1.00 236.00 ? 14 DC D "C5'" 1 
ATOM 598  C "C4'" . DC B 2 14 ? -6.286  -22.522 -2.733  1.00 236.00 ? 14 DC D "C4'" 1 
ATOM 599  O "O4'" . DC B 2 14 ? -5.785  -21.312 -2.116  1.00 236.00 ? 14 DC D "O4'" 1 
ATOM 600  C "C3'" . DC B 2 14 ? -5.051  -23.339 -3.104  1.00 236.00 ? 14 DC D "C3'" 1 
ATOM 601  O "O3'" . DC B 2 14 ? -5.203  -23.906 -4.407  1.00 236.00 ? 14 DC D "O3'" 1 
ATOM 602  C "C2'" . DC B 2 14 ? -3.890  -22.343 -3.052  1.00 236.00 ? 14 DC D "C2'" 1 
ATOM 603  C "C1'" . DC B 2 14 ? -4.529  -21.007 -2.682  1.00 236.00 ? 14 DC D "C1'" 1 
ATOM 604  N N1    . DC B 2 14 ? -3.747  -20.206 -1.689  1.00 236.00 ? 14 DC D N1    1 
ATOM 605  C C2    . DC B 2 14 ? -2.581  -19.538 -2.086  1.00 236.00 ? 14 DC D C2    1 
ATOM 606  O O2    . DC B 2 14 ? -2.205  -19.617 -3.262  1.00 236.00 ? 14 DC D O2    1 
ATOM 607  N N3    . DC B 2 14 ? -1.891  -18.817 -1.166  1.00 236.00 ? 14 DC D N3    1 
ATOM 608  C C4    . DC B 2 14 ? -2.323  -18.751 0.094   1.00 236.00 ? 14 DC D C4    1 
ATOM 609  N N4    . DC B 2 14 ? -1.610  -18.029 0.964   1.00 236.00 ? 14 DC D N4    1 
ATOM 610  C C5    . DC B 2 14 ? -3.508  -19.422 0.517   1.00 236.00 ? 14 DC D C5    1 
ATOM 611  C C6    . DC B 2 14 ? -4.180  -20.129 -0.398  1.00 236.00 ? 14 DC D C6    1 
ATOM 612  P P     . DA B 2 15 ? -4.254  -25.115 -4.881  1.00 236.00 ? 15 DA D P     1 
ATOM 613  O OP1   . DA B 2 15 ? -4.940  -25.815 -5.991  1.00 236.00 ? 15 DA D OP1   1 
ATOM 614  O OP2   . DA B 2 15 ? -3.852  -25.872 -3.675  1.00 236.00 ? 15 DA D OP2   1 
ATOM 615  O "O5'" . DA B 2 15 ? -2.954  -24.382 -5.457  1.00 236.00 ? 15 DA D "O5'" 1 
ATOM 616  C "C5'" . DA B 2 15 ? -1.789  -25.133 -5.790  1.00 236.00 ? 15 DA D "C5'" 1 
ATOM 617  C "C4'" . DA B 2 15 ? -0.713  -24.236 -6.376  1.00 236.00 ? 15 DA D "C4'" 1 
ATOM 618  O "O4'" . DA B 2 15 ? -0.644  -23.004 -5.612  1.00 236.00 ? 15 DA D "O4'" 1 
ATOM 619  C "C3'" . DA B 2 15 ? 0.694   -24.823 -6.344  1.00 236.00 ? 15 DA D "C3'" 1 
ATOM 620  O "O3'" . DA B 2 15 ? 1.465   -24.355 -7.448  1.00 236.00 ? 15 DA D "O3'" 1 
ATOM 621  C "C2'" . DA B 2 15 ? 1.235   -24.288 -5.023  1.00 236.00 ? 15 DA D "C2'" 1 
ATOM 622  C "C1'" . DA B 2 15 ? 0.623   -22.892 -4.995  1.00 236.00 ? 15 DA D "C1'" 1 
ATOM 623  N N9    . DA B 2 15 ? 0.450   -22.370 -3.643  1.00 236.00 ? 15 DA D N9    1 
ATOM 624  C C8    . DA B 2 15 ? -0.538  -22.685 -2.754  1.00 236.00 ? 15 DA D C8    1 
ATOM 625  N N7    . DA B 2 15 ? -0.439  -22.059 -1.604  1.00 236.00 ? 15 DA D N7    1 
ATOM 626  C C5    . DA B 2 15 ? 0.697   -21.279 -1.750  1.00 236.00 ? 15 DA D C5    1 
ATOM 627  C C6    . DA B 2 15 ? 1.351   -20.377 -0.886  1.00 236.00 ? 15 DA D C6    1 
ATOM 628  N N6    . DA B 2 15 ? 0.926   -20.103 0.351   1.00 236.00 ? 15 DA D N6    1 
ATOM 629  N N1    . DA B 2 15 ? 2.464   -19.769 -1.348  1.00 236.00 ? 15 DA D N1    1 
ATOM 630  C C2    . DA B 2 15 ? 2.889   -20.047 -2.586  1.00 236.00 ? 15 DA D C2    1 
ATOM 631  N N3    . DA B 2 15 ? 2.360   -20.871 -3.487  1.00 236.00 ? 15 DA D N3    1 
ATOM 632  C C4    . DA B 2 15 ? 1.258   -21.461 -3.001  1.00 236.00 ? 15 DA D C4    1 
ATOM 633  P P     . DA B 2 16 ? 2.960   -24.902 -7.677  1.00 236.00 ? 16 DA D P     1 
ATOM 634  O OP1   . DA B 2 16 ? 3.267   -24.781 -9.120  1.00 236.00 ? 16 DA D OP1   1 
ATOM 635  O OP2   . DA B 2 16 ? 3.060   -26.220 -7.010  1.00 236.00 ? 16 DA D OP2   1 
ATOM 636  O "O5'" . DA B 2 16 ? 3.878   -23.874 -6.863  1.00 236.00 ? 16 DA D "O5'" 1 
ATOM 637  C "C5'" . DA B 2 16 ? 5.253   -24.165 -6.635  1.00 236.00 ? 16 DA D "C5'" 1 
ATOM 638  C "C4'" . DA B 2 16 ? 5.954   -22.989 -5.977  1.00 236.00 ? 16 DA D "C4'" 1 
ATOM 639  O "O4'" . DA B 2 16 ? 5.133   -22.482 -4.892  1.00 236.00 ? 16 DA D "O4'" 1 
ATOM 640  C "C3'" . DA B 2 16 ? 7.313   -23.311 -5.363  1.00 236.00 ? 16 DA D "C3'" 1 
ATOM 641  O "O3'" . DA B 2 16 ? 8.200   -22.203 -5.521  1.00 236.00 ? 16 DA D "O3'" 1 
ATOM 642  C "C2'" . DA B 2 16 ? 6.960   -23.562 -3.900  1.00 236.00 ? 16 DA D "C2'" 1 
ATOM 643  C "C1'" . DA B 2 16 ? 5.850   -22.542 -3.675  1.00 236.00 ? 16 DA D "C1'" 1 
ATOM 644  N N9    . DA B 2 16 ? 4.926   -22.911 -2.605  1.00 236.00 ? 16 DA D N9    1 
ATOM 645  C C8    . DA B 2 16 ? 3.921   -23.834 -2.674  1.00 236.00 ? 16 DA D C8    1 
ATOM 646  N N7    . DA B 2 16 ? 3.243   -23.967 -1.558  1.00 236.00 ? 16 DA D N7    1 
ATOM 647  C C5    . DA B 2 16 ? 3.844   -23.066 -0.695  1.00 236.00 ? 16 DA D C5    1 
ATOM 648  C C6    . DA B 2 16 ? 3.591   -22.722 0.648   1.00 236.00 ? 16 DA D C6    1 
ATOM 649  N N6    . DA B 2 16 ? 2.620   -23.274 1.385   1.00 236.00 ? 16 DA D N6    1 
ATOM 650  N N1    . DA B 2 16 ? 4.378   -21.783 1.211   1.00 236.00 ? 16 DA D N1    1 
ATOM 651  C C2    . DA B 2 16 ? 5.350   -21.227 0.477   1.00 236.00 ? 16 DA D C2    1 
ATOM 652  N N3    . DA B 2 16 ? 5.683   -21.467 -0.790  1.00 236.00 ? 16 DA D N3    1 
ATOM 653  C C4    . DA B 2 16 ? 4.885   -22.406 -1.324  1.00 236.00 ? 16 DA D C4    1 
ATOM 654  P P     . DG B 2 17 ? 9.747   -22.339 -5.106  1.00 236.00 ? 17 DG D P     1 
ATOM 655  O OP1   . DG B 2 17 ? 10.493  -21.232 -5.747  1.00 236.00 ? 17 DG D OP1   1 
ATOM 656  O OP2   . DG B 2 17 ? 10.159  -23.739 -5.345  1.00 236.00 ? 17 DG D OP2   1 
ATOM 657  O "O5'" . DG B 2 17 ? 9.739   -22.100 -3.527  1.00 236.00 ? 17 DG D "O5'" 1 
ATOM 658  C "C5'" . DG B 2 17 ? 10.563  -22.888 -2.682  1.00 236.00 ? 17 DG D "C5'" 1 
ATOM 659  C "C4'" . DG B 2 17 ? 10.088  -22.783 -1.244  1.00 236.00 ? 17 DG D "C4'" 1 
ATOM 660  O "O4'" . DG B 2 17 ? 8.734   -23.302 -1.133  1.00 236.00 ? 17 DG D "O4'" 1 
ATOM 661  C "C3'" . DG B 2 17 ? 10.931  -23.554 -0.230  1.00 236.00 ? 17 DG D "C3'" 1 
ATOM 662  O "O3'" . DG B 2 17 ? 11.255  -22.710 0.871   1.00 236.00 ? 17 DG D "O3'" 1 
ATOM 663  C "C2'" . DG B 2 17 ? 10.015  -24.700 0.187   1.00 236.00 ? 17 DG D "C2'" 1 
ATOM 664  C "C1'" . DG B 2 17 ? 8.652   -24.035 0.071   1.00 236.00 ? 17 DG D "C1'" 1 
ATOM 665  N N9    . DG B 2 17 ? 7.551   -24.993 0.033   1.00 236.00 ? 17 DG D N9    1 
ATOM 666  C C8    . DG B 2 17 ? 7.233   -25.889 -0.962  1.00 236.00 ? 17 DG D C8    1 
ATOM 667  N N7    . DG B 2 17 ? 6.185   -26.620 -0.689  1.00 236.00 ? 17 DG D N7    1 
ATOM 668  C C5    . DG B 2 17 ? 5.784   -26.187 0.569   1.00 236.00 ? 17 DG D C5    1 
ATOM 669  C C6    . DG B 2 17 ? 4.707   -26.602 1.392   1.00 236.00 ? 17 DG D C6    1 
ATOM 670  O O6    . DG B 2 17 ? 3.857   -27.474 1.165   1.00 236.00 ? 17 DG D O6    1 
ATOM 671  N N1    . DG B 2 17 ? 4.667   -25.895 2.591   1.00 236.00 ? 17 DG D N1    1 
ATOM 672  C C2    . DG B 2 17 ? 5.555   -24.909 2.953   1.00 236.00 ? 17 DG D C2    1 
ATOM 673  N N2    . DG B 2 17 ? 5.360   -24.335 4.149   1.00 236.00 ? 17 DG D N2    1 
ATOM 674  N N3    . DG B 2 17 ? 6.565   -24.510 2.194   1.00 236.00 ? 17 DG D N3    1 
ATOM 675  C C4    . DG B 2 17 ? 6.617   -25.189 1.025   1.00 236.00 ? 17 DG D C4    1 
ATOM 676  O "O5'" . DT C 3 1  ? -28.421 16.639  -5.132  1.00 236.00 ? 1  DT B "O5'" 1 
ATOM 677  C "C5'" . DT C 3 1  ? -28.372 15.263  -4.770  1.00 236.00 ? 1  DT B "C5'" 1 
ATOM 678  C "C4'" . DT C 3 1  ? -28.312 14.384  -6.007  1.00 236.00 ? 1  DT B "C4'" 1 
ATOM 679  O "O4'" . DT C 3 1  ? -27.279 14.887  -6.891  1.00 236.00 ? 1  DT B "O4'" 1 
ATOM 680  C "C3'" . DT C 3 1  ? -27.965 12.924  -5.742  1.00 236.00 ? 1  DT B "C3'" 1 
ATOM 681  O "O3'" . DT C 3 1  ? -28.598 12.069  -6.694  1.00 236.00 ? 1  DT B "O3'" 1 
ATOM 682  C "C2'" . DT C 3 1  ? -26.450 12.915  -5.908  1.00 236.00 ? 1  DT B "C2'" 1 
ATOM 683  C "C1'" . DT C 3 1  ? -26.257 13.920  -7.040  1.00 236.00 ? 1  DT B "C1'" 1 
ATOM 684  N N1    . DT C 3 1  ? -24.931 14.604  -7.002  1.00 236.00 ? 1  DT B N1    1 
ATOM 685  C C2    . DT C 3 1  ? -24.161 14.653  -8.145  1.00 236.00 ? 1  DT B C2    1 
ATOM 686  O O2    . DT C 3 1  ? -24.506 14.166  -9.206  1.00 236.00 ? 1  DT B O2    1 
ATOM 687  N N3    . DT C 3 1  ? -22.961 15.301  -7.998  1.00 236.00 ? 1  DT B N3    1 
ATOM 688  C C4    . DT C 3 1  ? -22.464 15.891  -6.849  1.00 236.00 ? 1  DT B C4    1 
ATOM 689  O O4    . DT C 3 1  ? -21.373 16.451  -6.819  1.00 236.00 ? 1  DT B O4    1 
ATOM 690  C C5    . DT C 3 1  ? -23.320 15.801  -5.692  1.00 236.00 ? 1  DT B C5    1 
ATOM 691  C C7    . DT C 3 1  ? -22.890 16.402  -4.386  1.00 236.00 ? 1  DT B C7    1 
ATOM 692  C C6    . DT C 3 1  ? -24.495 15.170  -5.821  1.00 236.00 ? 1  DT B C6    1 
ATOM 693  P P     . DC C 3 2  ? -29.049 10.583  -6.275  1.00 236.00 ? 2  DC B P     1 
ATOM 694  O OP1   . DC C 3 2  ? -30.364 10.686  -5.605  1.00 236.00 ? 2  DC B OP1   1 
ATOM 695  O OP2   . DC C 3 2  ? -27.914 9.950   -5.568  1.00 236.00 ? 2  DC B OP2   1 
ATOM 696  O "O5'" . DC C 3 2  ? -29.237 9.825   -7.674  1.00 236.00 ? 2  DC B "O5'" 1 
ATOM 697  C "C5'" . DC C 3 2  ? -28.547 8.602   -7.937  1.00 236.00 ? 2  DC B "C5'" 1 
ATOM 698  C "C4'" . DC C 3 2  ? -27.572 8.761   -9.093  1.00 236.00 ? 2  DC B "C4'" 1 
ATOM 699  O "O4'" . DC C 3 2  ? -26.605 9.795   -8.774  1.00 236.00 ? 2  DC B "O4'" 1 
ATOM 700  C "C3'" . DC C 3 2  ? -26.765 7.511   -9.445  1.00 236.00 ? 2  DC B "C3'" 1 
ATOM 701  O "O3'" . DC C 3 2  ? -27.036 7.106   -10.787 1.00 236.00 ? 2  DC B "O3'" 1 
ATOM 702  C "C2'" . DC C 3 2  ? -25.303 7.926   -9.274  1.00 236.00 ? 2  DC B "C2'" 1 
ATOM 703  C "C1'" . DC C 3 2  ? -25.359 9.446   -9.339  1.00 236.00 ? 2  DC B "C1'" 1 
ATOM 704  N N1    . DC C 3 2  ? -24.269 10.104  -8.561  1.00 236.00 ? 2  DC B N1    1 
ATOM 705  C C2    . DC C 3 2  ? -23.364 10.954  -9.207  1.00 236.00 ? 2  DC B C2    1 
ATOM 706  O O2    . DC C 3 2  ? -23.484 11.153  -10.423 1.00 236.00 ? 2  DC B O2    1 
ATOM 707  N N3    . DC C 3 2  ? -22.379 11.541  -8.481  1.00 236.00 ? 2  DC B N3    1 
ATOM 708  C C4    . DC C 3 2  ? -22.281 11.303  -7.172  1.00 236.00 ? 2  DC B C4    1 
ATOM 709  N N4    . DC C 3 2  ? -21.293 11.904  -6.500  1.00 236.00 ? 2  DC B N4    1 
ATOM 710  C C5    . DC C 3 2  ? -23.191 10.438  -6.497  1.00 236.00 ? 2  DC B C5    1 
ATOM 711  C C6    . DC C 3 2  ? -24.158 9.865   -7.222  1.00 236.00 ? 2  DC B C6    1 
ATOM 712  P P     . DT C 3 3  ? -26.395 5.751   -11.373 1.00 236.00 ? 3  DT B P     1 
ATOM 713  O OP1   . DT C 3 3  ? -27.409 5.139   -12.262 1.00 236.00 ? 3  DT B OP1   1 
ATOM 714  O OP2   . DT C 3 3  ? -25.861 4.971   -10.234 1.00 236.00 ? 3  DT B OP2   1 
ATOM 715  O "O5'" . DT C 3 3  ? -25.153 6.255   -12.253 1.00 236.00 ? 3  DT B "O5'" 1 
ATOM 716  C "C5'" . DT C 3 3  ? -24.113 5.344   -12.626 1.00 236.00 ? 3  DT B "C5'" 1 
ATOM 717  C "C4'" . DT C 3 3  ? -23.241 5.879   -13.755 1.00 236.00 ? 3  DT B "C4'" 1 
ATOM 718  O "O4'" . DT C 3 3  ? -22.923 7.276   -13.509 1.00 236.00 ? 3  DT B "O4'" 1 
ATOM 719  C "C3'" . DT C 3 3  ? -21.890 5.185   -13.916 1.00 236.00 ? 3  DT B "C3'" 1 
ATOM 720  O "O3'" . DT C 3 3  ? -21.974 4.087   -14.828 1.00 236.00 ? 3  DT B "O3'" 1 
ATOM 721  C "C2'" . DT C 3 3  ? -21.001 6.299   -14.468 1.00 236.00 ? 3  DT B "C2'" 1 
ATOM 722  C "C1'" . DT C 3 3  ? -21.559 7.544   -13.782 1.00 236.00 ? 3  DT B "C1'" 1 
ATOM 723  N N1    . DT C 3 3  ? -20.890 7.889   -12.486 1.00 236.00 ? 3  DT B N1    1 
ATOM 724  C C2    . DT C 3 3  ? -19.653 8.511   -12.468 1.00 236.00 ? 3  DT B C2    1 
ATOM 725  O O2    . DT C 3 3  ? -19.039 8.813   -13.479 1.00 236.00 ? 3  DT B O2    1 
ATOM 726  N N3    . DT C 3 3  ? -19.154 8.771   -11.208 1.00 236.00 ? 3  DT B N3    1 
ATOM 727  C C4    . DT C 3 3  ? -19.768 8.472   -10.002 1.00 236.00 ? 3  DT B C4    1 
ATOM 728  O O4    . DT C 3 3  ? -19.269 8.727   -8.915  1.00 236.00 ? 3  DT B O4    1 
ATOM 729  C C5    . DT C 3 3  ? -21.049 7.827   -10.096 1.00 236.00 ? 3  DT B C5    1 
ATOM 730  C C7    . DT C 3 3  ? -21.788 7.464   -8.841  1.00 236.00 ? 3  DT B C7    1 
ATOM 731  C C6    . DT C 3 3  ? -21.544 7.572   -11.311 1.00 236.00 ? 3  DT B C6    1 
ATOM 732  P P     . DG C 3 4  ? -21.362 2.652   -14.434 1.00 236.00 ? 4  DG B P     1 
ATOM 733  O OP1   . DG C 3 4  ? -21.544 1.752   -15.594 1.00 236.00 ? 4  DG B OP1   1 
ATOM 734  O OP2   . DG C 3 4  ? -21.926 2.267   -13.121 1.00 236.00 ? 4  DG B OP2   1 
ATOM 735  O "O5'" . DG C 3 4  ? -19.797 2.932   -14.237 1.00 236.00 ? 4  DG B "O5'" 1 
ATOM 736  C "C5'" . DG C 3 4  ? -18.990 3.346   -15.337 1.00 236.00 ? 4  DG B "C5'" 1 
ATOM 737  C "C4'" . DG C 3 4  ? -17.730 4.060   -14.869 1.00 236.00 ? 4  DG B "C4'" 1 
ATOM 738  O "O4'" . DG C 3 4  ? -18.037 4.868   -13.702 1.00 236.00 ? 4  DG B "O4'" 1 
ATOM 739  C "C3'" . DG C 3 4  ? -16.572 3.159   -14.450 1.00 236.00 ? 4  DG B "C3'" 1 
ATOM 740  O "O3'" . DG C 3 4  ? -15.328 3.786   -14.752 1.00 236.00 ? 4  DG B "O3'" 1 
ATOM 741  C "C2'" . DG C 3 4  ? -16.775 3.036   -12.944 1.00 236.00 ? 4  DG B "C2'" 1 
ATOM 742  C "C1'" . DG C 3 4  ? -17.266 4.436   -12.596 1.00 236.00 ? 4  DG B "C1'" 1 
ATOM 743  N N9    . DG C 3 4  ? -18.101 4.478   -11.396 1.00 236.00 ? 4  DG B N9    1 
ATOM 744  C C8    . DG C 3 4  ? -19.372 3.977   -11.253 1.00 236.00 ? 4  DG B C8    1 
ATOM 745  N N7    . DG C 3 4  ? -19.874 4.160   -10.064 1.00 236.00 ? 4  DG B N7    1 
ATOM 746  C C5    . DG C 3 4  ? -18.871 4.826   -9.371  1.00 236.00 ? 4  DG B C5    1 
ATOM 747  C C6    . DG C 3 4  ? -18.841 5.290   -8.033  1.00 236.00 ? 4  DG B C6    1 
ATOM 748  O O6    . DG C 3 4  ? -19.724 5.199   -7.168  1.00 236.00 ? 4  DG B O6    1 
ATOM 749  N N1    . DG C 3 4  ? -17.632 5.912   -7.732  1.00 236.00 ? 4  DG B N1    1 
ATOM 750  C C2    . DG C 3 4  ? -16.586 6.069   -8.611  1.00 236.00 ? 4  DG B C2    1 
ATOM 751  N N2    . DG C 3 4  ? -15.499 6.697   -8.138  1.00 236.00 ? 4  DG B N2    1 
ATOM 752  N N3    . DG C 3 4  ? -16.603 5.639   -9.867  1.00 236.00 ? 4  DG B N3    1 
ATOM 753  C C4    . DG C 3 4  ? -17.773 5.030   -10.178 1.00 236.00 ? 4  DG B C4    1 
ATOM 754  P P     . DA C 3 5  ? -14.090 2.911   -15.285 1.00 236.00 ? 5  DA B P     1 
ATOM 755  O OP1   . DA C 3 5  ? -13.851 3.285   -16.696 1.00 236.00 ? 5  DA B OP1   1 
ATOM 756  O OP2   . DA C 3 5  ? -14.362 1.498   -14.937 1.00 236.00 ? 5  DA B OP2   1 
ATOM 757  O "O5'" . DA C 3 5  ? -12.851 3.405   -14.397 1.00 236.00 ? 5  DA B "O5'" 1 
ATOM 758  C "C5'" . DA C 3 5  ? -12.234 4.665   -14.650 1.00 236.00 ? 5  DA B "C5'" 1 
ATOM 759  C "C4'" . DA C 3 5  ? -11.329 5.095   -13.504 1.00 236.00 ? 5  DA B "C4'" 1 
ATOM 760  O "O4'" . DA C 3 5  ? -12.109 5.187   -12.283 1.00 236.00 ? 5  DA B "O4'" 1 
ATOM 761  C "C3'" . DA C 3 5  ? -10.158 4.166   -13.190 1.00 236.00 ? 5  DA B "C3'" 1 
ATOM 762  O "O3'" . DA C 3 5  ? -9.007  4.936   -12.850 1.00 236.00 ? 5  DA B "O3'" 1 
ATOM 763  C "C2'" . DA C 3 5  ? -10.665 3.372   -11.990 1.00 236.00 ? 5  DA B "C2'" 1 
ATOM 764  C "C1'" . DA C 3 5  ? -11.489 4.427   -11.265 1.00 236.00 ? 5  DA B "C1'" 1 
ATOM 765  N N9    . DA C 3 5  ? -12.523 3.859   -10.406 1.00 236.00 ? 5  DA B N9    1 
ATOM 766  C C8    . DA C 3 5  ? -13.512 2.992   -10.774 1.00 236.00 ? 5  DA B C8    1 
ATOM 767  N N7    . DA C 3 5  ? -14.305 2.644   -9.789  1.00 236.00 ? 5  DA B N7    1 
ATOM 768  C C5    . DA C 3 5  ? -13.799 3.331   -8.698  1.00 236.00 ? 5  DA B C5    1 
ATOM 769  C C6    . DA C 3 5  ? -14.194 3.392   -7.347  1.00 236.00 ? 5  DA B C6    1 
ATOM 770  N N6    . DA C 3 5  ? -15.237 2.716   -6.855  1.00 236.00 ? 5  DA B N6    1 
ATOM 771  N N1    . DA C 3 5  ? -13.473 4.176   -6.519  1.00 236.00 ? 5  DA B N1    1 
ATOM 772  C C2    . DA C 3 5  ? -12.429 4.851   -7.015  1.00 236.00 ? 5  DA B C2    1 
ATOM 773  N N3    . DA C 3 5  ? -11.964 4.875   -8.263  1.00 236.00 ? 5  DA B N3    1 
ATOM 774  C C4    . DA C 3 5  ? -12.700 4.086   -9.061  1.00 236.00 ? 5  DA B C4    1 
ATOM 775  P P     . DT C 3 6  ? -7.545  4.264   -12.843 1.00 236.00 ? 6  DT B P     1 
ATOM 776  O OP1   . DT C 3 6  ? -6.693  5.045   -13.767 1.00 236.00 ? 6  DT B OP1   1 
ATOM 777  O OP2   . DT C 3 6  ? -7.706  2.807   -13.052 1.00 236.00 ? 6  DT B OP2   1 
ATOM 778  O "O5'" . DT C 3 6  ? -7.023  4.497   -11.347 1.00 236.00 ? 6  DT B "O5'" 1 
ATOM 779  C "C5'" . DT C 3 6  ? -6.759  5.824   -10.896 1.00 236.00 ? 6  DT B "C5'" 1 
ATOM 780  C "C4'" . DT C 3 6  ? -6.748  5.923   -9.378  1.00 236.00 ? 6  DT B "C4'" 1 
ATOM 781  O "O4'" . DT C 3 6  ? -7.956  5.323   -8.842  1.00 236.00 ? 6  DT B "O4'" 1 
ATOM 782  C "C3'" . DT C 3 6  ? -5.577  5.237   -8.675  1.00 236.00 ? 6  DT B "C3'" 1 
ATOM 783  O "O3'" . DT C 3 6  ? -5.019  6.119   -7.701  1.00 236.00 ? 6  DT B "O3'" 1 
ATOM 784  C "C2'" . DT C 3 6  ? -6.220  4.015   -8.023  1.00 236.00 ? 6  DT B "C2'" 1 
ATOM 785  C "C1'" . DT C 3 6  ? -7.612  4.551   -7.712  1.00 236.00 ? 6  DT B "C1'" 1 
ATOM 786  N N1    . DT C 3 6  ? -8.648  3.496   -7.507  1.00 236.00 ? 6  DT B N1    1 
ATOM 787  C C2    . DT C 3 6  ? -9.342  3.464   -6.318  1.00 236.00 ? 6  DT B C2    1 
ATOM 788  O O2    . DT C 3 6  ? -9.156  4.260   -5.416  1.00 236.00 ? 6  DT B O2    1 
ATOM 789  N N3    . DT C 3 6  ? -10.272 2.460   -6.226  1.00 236.00 ? 6  DT B N3    1 
ATOM 790  C C4    . DT C 3 6  ? -10.567 1.507   -7.182  1.00 236.00 ? 6  DT B C4    1 
ATOM 791  O O4    . DT C 3 6  ? -11.421 0.643   -7.005  1.00 236.00 ? 6  DT B O4    1 
ATOM 792  C C5    . DT C 3 6  ? -9.804  1.597   -8.401  1.00 236.00 ? 6  DT B C5    1 
ATOM 793  C C7    . DT C 3 6  ? -10.038 0.614   -9.510  1.00 236.00 ? 6  DT B C7    1 
ATOM 794  C C6    . DT C 3 6  ? -8.892  2.573   -8.505  1.00 236.00 ? 6  DT B C6    1 
ATOM 795  P P     . DG C 3 7  ? -3.428  6.186   -7.477  1.00 236.00 ? 7  DG B P     1 
ATOM 796  O OP1   . DG C 3 7  ? -3.128  7.451   -6.769  1.00 236.00 ? 7  DG B OP1   1 
ATOM 797  O OP2   . DG C 3 7  ? -2.780  5.906   -8.777  1.00 236.00 ? 7  DG B OP2   1 
ATOM 798  O "O5'" . DG C 3 7  ? -3.122  4.948   -6.508  1.00 236.00 ? 7  DG B "O5'" 1 
ATOM 799  C "C5'" . DG C 3 7  ? -2.346  5.116   -5.322  1.00 236.00 ? 7  DG B "C5'" 1 
ATOM 800  C "C4'" . DG C 3 7  ? -3.223  5.559   -4.165  1.00 236.00 ? 7  DG B "C4'" 1 
ATOM 801  O "O4'" . DG C 3 7  ? -4.566  5.052   -4.368  1.00 236.00 ? 7  DG B "O4'" 1 
ATOM 802  C "C3'" . DG C 3 7  ? -2.812  5.042   -2.794  1.00 236.00 ? 7  DG B "C3'" 1 
ATOM 803  O "O3'" . DG C 3 7  ? -3.317  5.904   -1.783  1.00 236.00 ? 7  DG B "O3'" 1 
ATOM 804  C "C2'" . DG C 3 7  ? -3.508  3.687   -2.762  1.00 236.00 ? 7  DG B "C2'" 1 
ATOM 805  C "C1'" . DG C 3 7  ? -4.834  4.022   -3.436  1.00 236.00 ? 7  DG B "C1'" 1 
ATOM 806  N N9    . DG C 3 7  ? -5.426  2.895   -4.154  1.00 236.00 ? 7  DG B N9    1 
ATOM 807  C C8    . DG C 3 7  ? -4.948  2.289   -5.290  1.00 236.00 ? 7  DG B C8    1 
ATOM 808  N N7    . DG C 3 7  ? -5.694  1.304   -5.705  1.00 236.00 ? 7  DG B N7    1 
ATOM 809  C C5    . DG C 3 7  ? -6.735  1.254   -4.786  1.00 236.00 ? 7  DG B C5    1 
ATOM 810  C C6    . DG C 3 7  ? -7.852  0.388   -4.716  1.00 236.00 ? 7  DG B C6    1 
ATOM 811  O O6    . DG C 3 7  ? -8.154  -0.538  -5.482  1.00 236.00 ? 7  DG B O6    1 
ATOM 812  N N1    . DG C 3 7  ? -8.664  0.681   -3.624  1.00 236.00 ? 7  DG B N1    1 
ATOM 813  C C2    . DG C 3 7  ? -8.426  1.683   -2.712  1.00 236.00 ? 7  DG B C2    1 
ATOM 814  N N2    . DG C 3 7  ? -9.320  1.815   -1.723  1.00 236.00 ? 7  DG B N2    1 
ATOM 815  N N3    . DG C 3 7  ? -7.383  2.500   -2.767  1.00 236.00 ? 7  DG B N3    1 
ATOM 816  C C4    . DG C 3 7  ? -6.584  2.228   -3.825  1.00 236.00 ? 7  DG B C4    1 
ATOM 817  P P     . DA C 3 8  ? -2.723  5.842   -0.293  1.00 236.00 ? 8  DA B P     1 
ATOM 818  O OP1   . DA C 3 8  ? -3.111  7.096   0.391   1.00 236.00 ? 8  DA B OP1   1 
ATOM 819  O OP2   . DA C 3 8  ? -1.293  5.472   -0.391  1.00 236.00 ? 8  DA B OP2   1 
ATOM 820  O "O5'" . DA C 3 8  ? -3.502  4.619   0.385   1.00 236.00 ? 8  DA B "O5'" 1 
ATOM 821  C "C5'" . DA C 3 8  ? -4.915  4.681   0.555   1.00 236.00 ? 8  DA B "C5'" 1 
ATOM 822  C "C4'" . DA C 3 8  ? -5.442  3.480   1.326   1.00 236.00 ? 8  DA B "C4'" 1 
ATOM 823  O "O4'" . DA C 3 8  ? -6.144  2.579   0.430   1.00 236.00 ? 8  DA B "O4'" 1 
ATOM 824  C "C3'" . DA C 3 8  ? -4.380  2.636   2.030   1.00 236.00 ? 8  DA B "C3'" 1 
ATOM 825  O "O3'" . DA C 3 8  ? -4.792  2.331   3.361   1.00 236.00 ? 8  DA B "O3'" 1 
ATOM 826  C "C2'" . DA C 3 8  ? -4.330  1.368   1.180   1.00 236.00 ? 8  DA B "C2'" 1 
ATOM 827  C "C1'" . DA C 3 8  ? -5.797  1.260   0.787   1.00 236.00 ? 8  DA B "C1'" 1 
ATOM 828  N N9    . DA C 3 8  ? -6.057  0.363   -0.336  1.00 236.00 ? 8  DA B N9    1 
ATOM 829  C C8    . DA C 3 8  ? -5.353  0.272   -1.505  1.00 236.00 ? 8  DA B C8    1 
ATOM 830  N N7    . DA C 3 8  ? -5.822  -0.629  -2.336  1.00 236.00 ? 8  DA B N7    1 
ATOM 831  C C5    . DA C 3 8  ? -6.908  -1.167  -1.665  1.00 236.00 ? 8  DA B C5    1 
ATOM 832  C C6    . DA C 3 8  ? -7.835  -2.173  -2.009  1.00 236.00 ? 8  DA B C6    1 
ATOM 833  N N6    . DA C 3 8  ? -7.803  -2.837  -3.168  1.00 236.00 ? 8  DA B N6    1 
ATOM 834  N N1    . DA C 3 8  ? -8.798  -2.468  -1.112  1.00 236.00 ? 8  DA B N1    1 
ATOM 835  C C2    . DA C 3 8  ? -8.828  -1.801  0.048   1.00 236.00 ? 8  DA B C2    1 
ATOM 836  N N3    . DA C 3 8  ? -8.013  -0.838  0.481   1.00 236.00 ? 8  DA B N3    1 
ATOM 837  C C4    . DA C 3 8  ? -7.067  -0.566  -0.432  1.00 236.00 ? 8  DA B C4    1 
ATOM 838  P P     . DG C 3 9  ? -3.855  2.709   4.612   1.00 236.00 ? 9  DG B P     1 
ATOM 839  O OP1   . DG C 3 9  ? -4.742  3.010   5.758   1.00 236.00 ? 9  DG B OP1   1 
ATOM 840  O OP2   . DG C 3 9  ? -2.876  3.718   4.152   1.00 236.00 ? 9  DG B OP2   1 
ATOM 841  O "O5'" . DG C 3 9  ? -3.057  1.357   4.929   1.00 236.00 ? 9  DG B "O5'" 1 
ATOM 842  C "C5'" . DG C 3 9  ? -2.071  0.856   4.031   1.00 236.00 ? 9  DG B "C5'" 1 
ATOM 843  C "C4'" . DG C 3 9  ? -0.671  1.228   4.482   1.00 236.00 ? 9  DG B "C4'" 1 
ATOM 844  O "O4'" . DG C 3 9  ? -0.182  2.355   3.721   1.00 236.00 ? 9  DG B "O4'" 1 
ATOM 845  C "C3'" . DG C 3 9  ? -0.557  1.637   5.947   1.00 236.00 ? 9  DG B "C3'" 1 
ATOM 846  O "O3'" . DG C 3 9  ? 0.016   0.564   6.686   1.00 236.00 ? 9  DG B "O3'" 1 
ATOM 847  C "C2'" . DG C 3 9  ? 0.338   2.879   5.938   1.00 236.00 ? 9  DG B "C2'" 1 
ATOM 848  C "C1'" . DG C 3 9  ? 0.821   2.977   4.492   1.00 236.00 ? 9  DG B "C1'" 1 
ATOM 849  N N9    . DG C 3 9  ? 1.011   4.334   3.979   1.00 236.00 ? 9  DG B N9    1 
ATOM 850  C C8    . DG C 3 9  ? 0.430   4.866   2.852   1.00 236.00 ? 9  DG B C8    1 
ATOM 851  N N7    . DG C 3 9  ? 0.774   6.101   2.616   1.00 236.00 ? 9  DG B N7    1 
ATOM 852  C C5    . DG C 3 9  ? 1.645   6.413   3.653   1.00 236.00 ? 9  DG B C5    1 
ATOM 853  C C6    . DG C 3 9  ? 2.337   7.617   3.924   1.00 236.00 ? 9  DG B C6    1 
ATOM 854  O O6    . DG C 3 9  ? 2.316   8.676   3.281   1.00 236.00 ? 9  DG B O6    1 
ATOM 855  N N1    . DG C 3 9  ? 3.116   7.515   5.075   1.00 236.00 ? 9  DG B N1    1 
ATOM 856  C C2    . DG C 3 9  ? 3.212   6.390   5.861   1.00 236.00 ? 9  DG B C2    1 
ATOM 857  N N2    . DG C 3 9  ? 4.013   6.480   6.932   1.00 236.00 ? 9  DG B N2    1 
ATOM 858  N N3    . DG C 3 9  ? 2.568   5.255   5.616   1.00 236.00 ? 9  DG B N3    1 
ATOM 859  C C4    . DG C 3 9  ? 1.803   5.337   4.499   1.00 236.00 ? 9  DG B C4    1 
ATOM 860  P P     . DG C 3 10 ? -0.656  0.085   8.064   1.00 236.00 ? 10 DG B P     1 
ATOM 861  O OP1   . DG C 3 10 ? -0.192  -1.292  8.341   1.00 236.00 ? 10 DG B OP1   1 
ATOM 862  O OP2   . DG C 3 10 ? -2.107  0.367   7.977   1.00 236.00 ? 10 DG B OP2   1 
ATOM 863  O "O5'" . DG C 3 10 ? -0.033  1.076   9.153   1.00 236.00 ? 10 DG B "O5'" 1 
ATOM 864  C "C5'" . DG C 3 10 ? 1.380   1.206   9.274   1.00 236.00 ? 10 DG B "C5'" 1 
ATOM 865  C "C4'" . DG C 3 10 ? 1.726   2.482   10.020  1.00 236.00 ? 10 DG B "C4'" 1 
ATOM 866  O "O4'" . DG C 3 10 ? 1.730   3.611   9.111   1.00 236.00 ? 10 DG B "O4'" 1 
ATOM 867  C "C3'" . DG C 3 10 ? 0.748   2.832   11.139  1.00 236.00 ? 10 DG B "C3'" 1 
ATOM 868  O "O3'" . DG C 3 10 ? 1.441   2.967   12.376  1.00 236.00 ? 10 DG B "O3'" 1 
ATOM 869  C "C2'" . DG C 3 10 ? 0.121   4.151   10.690  1.00 236.00 ? 10 DG B "C2'" 1 
ATOM 870  C "C1'" . DG C 3 10 ? 1.208   4.730   9.794   1.00 236.00 ? 10 DG B "C1'" 1 
ATOM 871  N N9    . DG C 3 10 ? 0.708   5.704   8.825   1.00 236.00 ? 10 DG B N9    1 
ATOM 872  C C8    . DG C 3 10 ? -0.344  5.540   7.959   1.00 236.00 ? 10 DG B C8    1 
ATOM 873  N N7    . DG C 3 10 ? -0.569  6.581   7.206   1.00 236.00 ? 10 DG B N7    1 
ATOM 874  C C5    . DG C 3 10 ? 0.396   7.500   7.598   1.00 236.00 ? 10 DG B C5    1 
ATOM 875  C C6    . DG C 3 10 ? 0.647   8.814   7.134   1.00 236.00 ? 10 DG B C6    1 
ATOM 876  O O6    . DG C 3 10 ? 0.047   9.450   6.256   1.00 236.00 ? 10 DG B O6    1 
ATOM 877  N N1    . DG C 3 10 ? 1.721   9.399   7.800   1.00 236.00 ? 10 DG B N1    1 
ATOM 878  C C2    . DG C 3 10 ? 2.459   8.790   8.788   1.00 236.00 ? 10 DG B C2    1 
ATOM 879  N N2    . DG C 3 10 ? 3.456   9.515   9.314   1.00 236.00 ? 10 DG B N2    1 
ATOM 880  N N3    . DG C 3 10 ? 2.233   7.560   9.232   1.00 236.00 ? 10 DG B N3    1 
ATOM 881  C C4    . DG C 3 10 ? 1.190   6.974   8.595   1.00 236.00 ? 10 DG B C4    1 
ATOM 882  P P     . DC C 3 11 ? 0.757   2.466   13.741  1.00 236.00 ? 11 DC B P     1 
ATOM 883  O OP1   . DC C 3 11 ? 1.841   2.065   14.667  1.00 236.00 ? 11 DC B OP1   1 
ATOM 884  O OP2   . DC C 3 11 ? -0.298  1.495   13.379  1.00 236.00 ? 11 DC B OP2   1 
ATOM 885  O "O5'" . DC C 3 11 ? 0.028   3.771   14.314  1.00 236.00 ? 11 DC B "O5'" 1 
ATOM 886  C "C5'" . DC C 3 11 ? 0.715   4.701   15.151  1.00 236.00 ? 11 DC B "C5'" 1 
ATOM 887  C "C4'" . DC C 3 11 ? 1.592   5.641   14.341  1.00 236.00 ? 11 DC B "C4'" 1 
ATOM 888  O "O4'" . DC C 3 11 ? 0.892   6.039   13.137  1.00 236.00 ? 11 DC B "O4'" 1 
ATOM 889  C "C3'" . DC C 3 11 ? 1.987   6.931   15.059  1.00 236.00 ? 11 DC B "C3'" 1 
ATOM 890  O "O3'" . DC C 3 11 ? 3.409   7.037   15.137  1.00 236.00 ? 11 DC B "O3'" 1 
ATOM 891  C "C2'" . DC C 3 11 ? 1.374   8.049   14.211  1.00 236.00 ? 11 DC B "C2'" 1 
ATOM 892  C "C1'" . DC C 3 11 ? 1.208   7.382   12.850  1.00 236.00 ? 11 DC B "C1'" 1 
ATOM 893  N N1    . DC C 3 11 ? 0.115   7.957   12.004  1.00 236.00 ? 11 DC B N1    1 
ATOM 894  C C2    . DC C 3 11 ? 0.309   9.171   11.335  1.00 236.00 ? 11 DC B C2    1 
ATOM 895  O O2    . DC C 3 11 ? 1.390   9.762   11.456  1.00 236.00 ? 11 DC B O2    1 
ATOM 896  N N3    . DC C 3 11 ? -0.696  9.670   10.573  1.00 236.00 ? 11 DC B N3    1 
ATOM 897  C C4    . DC C 3 11 ? -1.850  9.007   10.466  1.00 236.00 ? 11 DC B C4    1 
ATOM 898  N N4    . DC C 3 11 ? -2.811  9.540   9.703   1.00 236.00 ? 11 DC B N4    1 
ATOM 899  C C5    . DC C 3 11 ? -2.066  7.768   11.137  1.00 236.00 ? 11 DC B C5    1 
ATOM 900  C C6    . DC C 3 11 ? -1.068  7.286   11.886  1.00 236.00 ? 11 DC B C6    1 
ATOM 901  P P     . DT C 3 12 ? 4.121   7.369   16.538  1.00 236.00 ? 12 DT B P     1 
ATOM 902  O OP1   . DT C 3 12 ? 5.352   6.552   16.625  1.00 236.00 ? 12 DT B OP1   1 
ATOM 903  O OP2   . DT C 3 12 ? 3.091   7.255   17.596  1.00 236.00 ? 12 DT B OP2   1 
ATOM 904  O "O5'" . DT C 3 12 ? 4.527   8.913   16.412  1.00 236.00 ? 12 DT B "O5'" 1 
ATOM 905  C "C5'" . DT C 3 12 ? 3.736   9.927   17.034  1.00 236.00 ? 12 DT B "C5'" 1 
ATOM 906  C "C4'" . DT C 3 12 ? 4.006   11.287  16.413  1.00 236.00 ? 12 DT B "C4'" 1 
ATOM 907  O "O4'" . DT C 3 12 ? 3.449   11.311  15.076  1.00 236.00 ? 12 DT B "O4'" 1 
ATOM 908  C "C3'" . DT C 3 12 ? 3.378   12.474  17.135  1.00 236.00 ? 12 DT B "C3'" 1 
ATOM 909  O "O3'" . DT C 3 12 ? 4.306   13.013  18.076  1.00 236.00 ? 12 DT B "O3'" 1 
ATOM 910  C "C2'" . DT C 3 12 ? 3.105   13.472  16.011  1.00 236.00 ? 12 DT B "C2'" 1 
ATOM 911  C "C1'" . DT C 3 12 ? 3.002   12.614  14.751  1.00 236.00 ? 12 DT B "C1'" 1 
ATOM 912  N N1    . DT C 3 12 ? 1.616   12.524  14.203  1.00 236.00 ? 12 DT B N1    1 
ATOM 913  C C2    . DT C 3 12 ? 1.243   13.352  13.165  1.00 236.00 ? 12 DT B C2    1 
ATOM 914  O O2    . DT C 3 12 ? 1.989   14.170  12.657  1.00 236.00 ? 12 DT B O2    1 
ATOM 915  N N3    . DT C 3 12 ? -0.053  13.183  12.741  1.00 236.00 ? 12 DT B N3    1 
ATOM 916  C C4    . DT C 3 12 ? -0.985  12.291  13.240  1.00 236.00 ? 12 DT B C4    1 
ATOM 917  O O4    . DT C 3 12 ? -2.125  12.213  12.793  1.00 236.00 ? 12 DT B O4    1 
ATOM 918  C C5    . DT C 3 12 ? -0.527  11.457  14.322  1.00 236.00 ? 12 DT B C5    1 
ATOM 919  C C7    . DT C 3 12 ? -1.453  10.454  14.942  1.00 236.00 ? 12 DT B C7    1 
ATOM 920  C C6    . DT C 3 12 ? 0.734   11.612  14.746  1.00 236.00 ? 12 DT B C6    1 
ATOM 921  P P     . DG C 3 13 ? 3.800   13.558  19.504  1.00 236.00 ? 13 DG B P     1 
ATOM 922  O OP1   . DG C 3 13 ? 4.999   13.988  20.258  1.00 236.00 ? 13 DG B OP1   1 
ATOM 923  O OP2   . DG C 3 13 ? 2.894   12.544  20.085  1.00 236.00 ? 13 DG B OP2   1 
ATOM 924  O "O5'" . DG C 3 13 ? 2.927   14.852  19.143  1.00 236.00 ? 13 DG B "O5'" 1 
ATOM 925  C "C5'" . DG C 3 13 ? 3.537   15.995  18.545  1.00 236.00 ? 13 DG B "C5'" 1 
ATOM 926  C "C4'" . DG C 3 13 ? 2.495   16.940  17.970  1.00 236.00 ? 13 DG B "C4'" 1 
ATOM 927  O "O4'" . DG C 3 13 ? 1.489   16.181  17.248  1.00 236.00 ? 13 DG B "O4'" 1 
ATOM 928  C "C3'" . DG C 3 13 ? 1.730   17.776  18.991  1.00 236.00 ? 13 DG B "C3'" 1 
ATOM 929  O "O3'" . DG C 3 13 ? 1.479   19.064  18.450  1.00 236.00 ? 13 DG B "O3'" 1 
ATOM 930  C "C2'" . DG C 3 13 ? 0.427   17.000  19.151  1.00 236.00 ? 13 DG B "C2'" 1 
ATOM 931  C "C1'" . DG C 3 13 ? 0.205   16.541  17.717  1.00 236.00 ? 13 DG B "C1'" 1 
ATOM 932  N N9    . DG C 3 13 ? -0.691  15.393  17.589  1.00 236.00 ? 13 DG B N9    1 
ATOM 933  C C8    . DG C 3 13 ? -0.706  14.260  18.367  1.00 236.00 ? 13 DG B C8    1 
ATOM 934  N N7    . DG C 3 13 ? -1.622  13.399  18.017  1.00 236.00 ? 13 DG B N7    1 
ATOM 935  C C5    . DG C 3 13 ? -2.256  13.999  16.937  1.00 236.00 ? 13 DG B C5    1 
ATOM 936  C C6    . DG C 3 13 ? -3.331  13.538  16.140  1.00 236.00 ? 13 DG B C6    1 
ATOM 937  O O6    . DG C 3 13 ? -3.955  12.471  16.237  1.00 236.00 ? 13 DG B O6    1 
ATOM 938  N N1    . DG C 3 13 ? -3.667  14.455  15.147  1.00 236.00 ? 13 DG B N1    1 
ATOM 939  C C2    . DG C 3 13 ? -3.042  15.665  14.950  1.00 236.00 ? 13 DG B C2    1 
ATOM 940  N N2    . DG C 3 13 ? -3.505  16.417  13.940  1.00 236.00 ? 13 DG B N2    1 
ATOM 941  N N3    . DG C 3 13 ? -2.033  16.108  15.689  1.00 236.00 ? 13 DG B N3    1 
ATOM 942  C C4    . DG C 3 13 ? -1.694  15.226  16.660  1.00 236.00 ? 13 DG B C4    1 
ATOM 943  P P     . DC C 3 14 ? 2.468   20.289  18.774  1.00 236.00 ? 14 DC B P     1 
ATOM 944  O OP1   . DC C 3 14 ? 3.662   20.135  17.914  1.00 236.00 ? 14 DC B OP1   1 
ATOM 945  O OP2   . DC C 3 14 ? 2.627   20.370  20.243  1.00 236.00 ? 14 DC B OP2   1 
ATOM 946  O "O5'" . DC C 3 14 ? 1.644   21.575  18.298  1.00 236.00 ? 14 DC B "O5'" 1 
ATOM 947  C "C5'" . DC C 3 14 ? 1.369   21.778  16.916  1.00 236.00 ? 14 DC B "C5'" 1 
ATOM 948  C "C4'" . DC C 3 14 ? -0.076  22.194  16.697  1.00 236.00 ? 14 DC B "C4'" 1 
ATOM 949  O "O4'" . DC C 3 14 ? -0.855  21.047  16.287  1.00 236.00 ? 14 DC B "O4'" 1 
ATOM 950  C "C3'" . DC C 3 14 ? -0.801  22.722  17.927  1.00 236.00 ? 14 DC B "C3'" 1 
ATOM 951  O "O3'" . DC C 3 14 ? -0.601  24.125  18.046  1.00 236.00 ? 14 DC B "O3'" 1 
ATOM 952  C "C2'" . DC C 3 14 ? -2.266  22.393  17.642  1.00 236.00 ? 14 DC B "C2'" 1 
ATOM 953  C "C1'" . DC C 3 14 ? -2.215  21.300  16.573  1.00 236.00 ? 14 DC B "C1'" 1 
ATOM 954  N N1    . DC C 3 14 ? -2.857  20.019  16.988  1.00 236.00 ? 14 DC B N1    1 
ATOM 955  C C2    . DC C 3 14 ? -3.935  19.518  16.251  1.00 236.00 ? 14 DC B C2    1 
ATOM 956  O O2    . DC C 3 14 ? -4.338  20.148  15.266  1.00 236.00 ? 14 DC B O2    1 
ATOM 957  N N3    . DC C 3 14 ? -4.509  18.352  16.638  1.00 236.00 ? 14 DC B N3    1 
ATOM 958  C C4    . DC C 3 14 ? -4.045  17.701  17.707  1.00 236.00 ? 14 DC B C4    1 
ATOM 959  N N4    . DC C 3 14 ? -4.643  16.556  18.052  1.00 236.00 ? 14 DC B N4    1 
ATOM 960  C C5    . DC C 3 14 ? -2.949  18.197  18.470  1.00 236.00 ? 14 DC B C5    1 
ATOM 961  C C6    . DC C 3 14 ? -2.390  19.348  18.079  1.00 236.00 ? 14 DC B C6    1 
ATOM 962  P P     . DG D 4 1  ? 0.398   -30.882 9.497   1.00 236.00 ? 17 DG C P     1 
ATOM 963  O OP1   . DG D 4 1  ? 0.650   -32.253 10.015  1.00 236.00 ? 17 DG C OP1   1 
ATOM 964  O OP2   . DG D 4 1  ? -0.973  -30.341 9.310   1.00 236.00 ? 17 DG C OP2   1 
ATOM 965  O "O5'" . DG D 4 1  ? 1.216   -29.825 10.378  1.00 236.00 ? 17 DG C "O5'" 1 
ATOM 966  C "C5'" . DG D 4 1  ? 1.316   -30.029 11.785  1.00 236.00 ? 17 DG C "C5'" 1 
ATOM 967  C "C4'" . DG D 4 1  ? 2.610   -29.452 12.330  1.00 236.00 ? 17 DG C "C4'" 1 
ATOM 968  O "O4'" . DG D 4 1  ? 3.713   -30.064 11.623  1.00 236.00 ? 17 DG C "O4'" 1 
ATOM 969  C "C3'" . DG D 4 1  ? 2.837   -27.962 12.118  1.00 236.00 ? 17 DG C "C3'" 1 
ATOM 970  O "O3'" . DG D 4 1  ? 2.163   -27.206 13.112  1.00 236.00 ? 17 DG C "O3'" 1 
ATOM 971  C "C2'" . DG D 4 1  ? 4.350   -27.884 12.286  1.00 236.00 ? 17 DG C "C2'" 1 
ATOM 972  C "C1'" . DG D 4 1  ? 4.775   -29.135 11.518  1.00 236.00 ? 17 DG C "C1'" 1 
ATOM 973  N N9    . DG D 4 1  ? 5.027   -28.923 10.097  1.00 236.00 ? 17 DG C N9    1 
ATOM 974  C C8    . DG D 4 1  ? 4.371   -29.519 9.046   1.00 236.00 ? 17 DG C C8    1 
ATOM 975  N N7    . DG D 4 1  ? 4.812   -29.144 7.879   1.00 236.00 ? 17 DG C N7    1 
ATOM 976  C C5    . DG D 4 1  ? 5.825   -28.243 8.177   1.00 236.00 ? 17 DG C C5    1 
ATOM 977  C C6    . DG D 4 1  ? 6.667   -27.510 7.313   1.00 236.00 ? 17 DG C C6    1 
ATOM 978  O O6    . DG D 4 1  ? 6.677   -27.516 6.076   1.00 236.00 ? 17 DG C O6    1 
ATOM 979  N N1    . DG D 4 1  ? 7.563   -26.709 8.019   1.00 236.00 ? 17 DG C N1    1 
ATOM 980  C C2    . DG D 4 1  ? 7.633   -26.630 9.390   1.00 236.00 ? 17 DG C C2    1 
ATOM 981  N N2    . DG D 4 1  ? 8.561   -25.803 9.890   1.00 236.00 ? 17 DG C N2    1 
ATOM 982  N N3    . DG D 4 1  ? 6.850   -27.313 10.213  1.00 236.00 ? 17 DG C N3    1 
ATOM 983  C C4    . DG D 4 1  ? 5.974   -28.095 9.537   1.00 236.00 ? 17 DG C C4    1 
ATOM 984  P P     . DC D 4 2  ? 1.596   -25.745 12.762  1.00 236.00 ? 18 DC C P     1 
ATOM 985  O OP1   . DC D 4 2  ? 0.718   -25.312 13.875  1.00 236.00 ? 18 DC C OP1   1 
ATOM 986  O OP2   . DC D 4 2  ? 1.055   -25.811 11.387  1.00 236.00 ? 18 DC C OP2   1 
ATOM 987  O "O5'" . DC D 4 2  ? 2.912   -24.834 12.709  1.00 236.00 ? 18 DC C "O5'" 1 
ATOM 988  C "C5'" . DC D 4 2  ? 2.837   -23.462 12.355  1.00 236.00 ? 18 DC C "C5'" 1 
ATOM 989  C "C4'" . DC D 4 2  ? 4.169   -22.968 11.820  1.00 236.00 ? 18 DC C "C4'" 1 
ATOM 990  O "O4'" . DC D 4 2  ? 4.647   -23.875 10.792  1.00 236.00 ? 18 DC C "O4'" 1 
ATOM 991  C "C3'" . DC D 4 2  ? 4.100   -21.592 11.173  1.00 236.00 ? 18 DC C "C3'" 1 
ATOM 992  O "O3'" . DC D 4 2  ? 5.301   -20.875 11.418  1.00 236.00 ? 18 DC C "O3'" 1 
ATOM 993  C "C2'" . DC D 4 2  ? 3.935   -21.922 9.694   1.00 236.00 ? 18 DC C "C2'" 1 
ATOM 994  C "C1'" . DC D 4 2  ? 4.784   -23.182 9.567   1.00 236.00 ? 18 DC C "C1'" 1 
ATOM 995  N N1    . DC D 4 2  ? 4.339   -24.079 8.467   1.00 236.00 ? 18 DC C N1    1 
ATOM 996  C C2    . DC D 4 2  ? 5.166   -24.271 7.355   1.00 236.00 ? 18 DC C C2    1 
ATOM 997  O O2    . DC D 4 2  ? 6.259   -23.691 7.308   1.00 236.00 ? 18 DC C O2    1 
ATOM 998  N N3    . DC D 4 2  ? 4.744   -25.091 6.360   1.00 236.00 ? 18 DC C N3    1 
ATOM 999  C C4    . DC D 4 2  ? 3.558   -25.698 6.449   1.00 236.00 ? 18 DC C C4    1 
ATOM 1000 N N4    . DC D 4 2  ? 3.187   -26.495 5.443   1.00 236.00 ? 18 DC C N4    1 
ATOM 1001 C C5    . DC D 4 2  ? 2.702   -25.513 7.575   1.00 236.00 ? 18 DC C C5    1 
ATOM 1002 C C6    . DC D 4 2  ? 3.127   -24.703 8.549   1.00 236.00 ? 18 DC C C6    1 
ATOM 1003 P P     . DT D 4 3  ? 5.262   -19.286 11.652  1.00 236.00 ? 19 DT C P     1 
ATOM 1004 O OP1   . DT D 4 3  ? 6.282   -18.981 12.678  1.00 236.00 ? 19 DT C OP1   1 
ATOM 1005 O OP2   . DT D 4 3  ? 3.855   -18.880 11.868  1.00 236.00 ? 19 DT C OP2   1 
ATOM 1006 O "O5'" . DT D 4 3  ? 5.732   -18.676 10.250  1.00 236.00 ? 19 DT C "O5'" 1 
ATOM 1007 C "C5'" . DT D 4 3  ? 7.098   -18.777 9.867   1.00 236.00 ? 19 DT C "C5'" 1 
ATOM 1008 C "C4'" . DT D 4 3  ? 7.316   -18.372 8.417   1.00 236.00 ? 19 DT C "C4'" 1 
ATOM 1009 O "O4'" . DT D 4 3  ? 6.689   -19.334 7.530   1.00 236.00 ? 19 DT C "O4'" 1 
ATOM 1010 C "C3'" . DT D 4 3  ? 6.760   -17.003 8.016   1.00 236.00 ? 19 DT C "C3'" 1 
ATOM 1011 O "O3'" . DT D 4 3  ? 7.755   -16.267 7.311   1.00 236.00 ? 19 DT C "O3'" 1 
ATOM 1012 C "C2'" . DT D 4 3  ? 5.588   -17.355 7.101   1.00 236.00 ? 19 DT C "C2'" 1 
ATOM 1013 C "C1'" . DT D 4 3  ? 6.141   -18.614 6.448   1.00 236.00 ? 19 DT C "C1'" 1 
ATOM 1014 N N1    . DT D 4 3  ? 5.138   -19.464 5.739   1.00 236.00 ? 19 DT C N1    1 
ATOM 1015 C C2    . DT D 4 3  ? 5.414   -19.882 4.455   1.00 236.00 ? 19 DT C C2    1 
ATOM 1016 O O2    . DT D 4 3  ? 6.438   -19.594 3.864   1.00 236.00 ? 19 DT C O2    1 
ATOM 1017 N N3    . DT D 4 3  ? 4.439   -20.657 3.883   1.00 236.00 ? 19 DT C N3    1 
ATOM 1018 C C4    . DT D 4 3  ? 3.242   -21.048 4.454   1.00 236.00 ? 19 DT C C4    1 
ATOM 1019 O O4    . DT D 4 3  ? 2.431   -21.748 3.855   1.00 236.00 ? 19 DT C O4    1 
ATOM 1020 C C5    . DT D 4 3  ? 3.015   -20.578 5.797   1.00 236.00 ? 19 DT C C5    1 
ATOM 1021 C C7    . DT D 4 3  ? 1.750   -20.939 6.517   1.00 236.00 ? 19 DT C C7    1 
ATOM 1022 C C6    . DT D 4 3  ? 3.961   -19.819 6.369   1.00 236.00 ? 19 DT C C6    1 
ATOM 1023 P P     . DT D 4 4  ? 7.991   -14.709 7.630   1.00 236.00 ? 20 DT C P     1 
ATOM 1024 O OP1   . DT D 4 4  ? 9.054   -14.621 8.656   1.00 236.00 ? 20 DT C OP1   1 
ATOM 1025 O OP2   . DT D 4 4  ? 6.668   -14.100 7.891   1.00 236.00 ? 20 DT C OP2   1 
ATOM 1026 O "O5'" . DT D 4 4  ? 8.547   -14.113 6.249   1.00 236.00 ? 20 DT C "O5'" 1 
ATOM 1027 C "C5'" . DT D 4 4  ? 9.837   -14.491 5.775   1.00 236.00 ? 20 DT C "C5'" 1 
ATOM 1028 C "C4'" . DT D 4 4  ? 9.889   -14.585 4.258   1.00 236.00 ? 20 DT C "C4'" 1 
ATOM 1029 O "O4'" . DT D 4 4  ? 9.046   -15.674 3.792   1.00 236.00 ? 20 DT C "O4'" 1 
ATOM 1030 C "C3'" . DT D 4 4  ? 9.435   -13.344 3.488   1.00 236.00 ? 20 DT C "C3'" 1 
ATOM 1031 O "O3'" . DT D 4 4  ? 10.373  -13.057 2.449   1.00 236.00 ? 20 DT C "O3'" 1 
ATOM 1032 C "C2'" . DT D 4 4  ? 8.085   -13.773 2.920   1.00 236.00 ? 20 DT C "C2'" 1 
ATOM 1033 C "C1'" . DT D 4 4  ? 8.386   -15.234 2.625   1.00 236.00 ? 20 DT C "C1'" 1 
ATOM 1034 N N1    . DT D 4 4  ? 7.179   -16.074 2.366   1.00 236.00 ? 20 DT C N1    1 
ATOM 1035 C C2    . DT D 4 4  ? 7.183   -16.925 1.281   1.00 236.00 ? 20 DT C C2    1 
ATOM 1036 O O2    . DT D 4 4  ? 8.127   -17.033 0.520   1.00 236.00 ? 20 DT C O2    1 
ATOM 1037 N N3    . DT D 4 4  ? 6.032   -17.653 1.122   1.00 236.00 ? 20 DT C N3    1 
ATOM 1038 C C4    . DT D 4 4  ? 4.904   -17.613 1.920   1.00 236.00 ? 20 DT C C4    1 
ATOM 1039 O O4    . DT D 4 4  ? 3.917   -18.307 1.695   1.00 236.00 ? 20 DT C O4    1 
ATOM 1040 C C5    . DT D 4 4  ? 4.966   -16.701 3.034   1.00 236.00 ? 20 DT C C5    1 
ATOM 1041 C C7    . DT D 4 4  ? 3.797   -16.576 3.966   1.00 236.00 ? 20 DT C C7    1 
ATOM 1042 C C6    . DT D 4 4  ? 6.085   -15.983 3.202   1.00 236.00 ? 20 DT C C6    1 
ATOM 1043 P P     . DG D 4 5  ? 10.276  -11.686 1.617   1.00 236.00 ? 21 DG C P     1 
ATOM 1044 O OP1   . DG D 4 5  ? 11.521  -11.546 0.830   1.00 236.00 ? 21 DG C OP1   1 
ATOM 1045 O OP2   . DG D 4 5  ? 9.879   -10.616 2.560   1.00 236.00 ? 21 DG C OP2   1 
ATOM 1046 O "O5'" . DG D 4 5  ? 9.056   -11.930 0.606   1.00 236.00 ? 21 DG C "O5'" 1 
ATOM 1047 C "C5'" . DG D 4 5  ? 9.276   -11.982 -0.800  1.00 236.00 ? 21 DG C "C5'" 1 
ATOM 1048 C "C4'" . DG D 4 5  ? 8.367   -13.008 -1.455  1.00 236.00 ? 21 DG C "C4'" 1 
ATOM 1049 O "O4'" . DG D 4 5  ? 7.495   -13.595 -0.462  1.00 236.00 ? 21 DG C "O4'" 1 
ATOM 1050 C "C3'" . DG D 4 5  ? 7.433   -12.465 -2.531  1.00 236.00 ? 21 DG C "C3'" 1 
ATOM 1051 O "O3'" . DG D 4 5  ? 8.049   -12.605 -3.814  1.00 236.00 ? 21 DG C "O3'" 1 
ATOM 1052 C "C2'" . DG D 4 5  ? 6.164   -13.314 -2.397  1.00 236.00 ? 21 DG C "C2'" 1 
ATOM 1053 C "C1'" . DG D 4 5  ? 6.370   -14.136 -1.123  1.00 236.00 ? 21 DG C "C1'" 1 
ATOM 1054 N N9    . DG D 4 5  ? 5.240   -14.122 -0.194  1.00 236.00 ? 21 DG C N9    1 
ATOM 1055 C C8    . DG D 4 5  ? 5.133   -13.384 0.961   1.00 236.00 ? 21 DG C C8    1 
ATOM 1056 N N7    . DG D 4 5  ? 4.011   -13.570 1.599   1.00 236.00 ? 21 DG C N7    1 
ATOM 1057 C C5    . DG D 4 5  ? 3.328   -14.494 0.819   1.00 236.00 ? 21 DG C C5    1 
ATOM 1058 C C6    . DG D 4 5  ? 2.051   -15.077 1.010   1.00 236.00 ? 21 DG C C6    1 
ATOM 1059 O O6    . DG D 4 5  ? 1.249   -14.885 1.934   1.00 236.00 ? 21 DG C O6    1 
ATOM 1060 N N1    . DG D 4 5  ? 1.734   -15.965 -0.014  1.00 236.00 ? 21 DG C N1    1 
ATOM 1061 C C2    . DG D 4 5  ? 2.548   -16.252 -1.084  1.00 236.00 ? 21 DG C C2    1 
ATOM 1062 N N2    . DG D 4 5  ? 2.067   -17.135 -1.970  1.00 236.00 ? 21 DG C N2    1 
ATOM 1063 N N3    . DG D 4 5  ? 3.746   -15.713 -1.276  1.00 236.00 ? 21 DG C N3    1 
ATOM 1064 C C4    . DG D 4 5  ? 4.071   -14.844 -0.287  1.00 236.00 ? 21 DG C C4    1 
ATOM 1065 P P     . DT D 4 6  ? 7.471   -11.810 -5.088  1.00 236.00 ? 22 DT C P     1 
ATOM 1066 O OP1   . DT D 4 6  ? 8.620   -11.441 -5.946  1.00 236.00 ? 22 DT C OP1   1 
ATOM 1067 O OP2   . DT D 4 6  ? 6.566   -10.752 -4.585  1.00 236.00 ? 22 DT C OP2   1 
ATOM 1068 O "O5'" . DT D 4 6  ? 6.576   -12.901 -5.848  1.00 236.00 ? 22 DT C "O5'" 1 
ATOM 1069 C "C5'" . DT D 4 6  ? 5.415   -12.515 -6.588  1.00 236.00 ? 22 DT C "C5'" 1 
ATOM 1070 C "C4'" . DT D 4 6  ? 4.744   -13.739 -7.194  1.00 236.00 ? 22 DT C "C4'" 1 
ATOM 1071 O "O4'" . DT D 4 6  ? 4.494   -14.720 -6.154  1.00 236.00 ? 22 DT C "O4'" 1 
ATOM 1072 C "C3'" . DT D 4 6  ? 3.376   -13.517 -7.824  1.00 236.00 ? 22 DT C "C3'" 1 
ATOM 1073 O "O3'" . DT D 4 6  ? 3.483   -13.020 -9.158  1.00 236.00 ? 22 DT C "O3'" 1 
ATOM 1074 C "C2'" . DT D 4 6  ? 2.831   -14.940 -7.814  1.00 236.00 ? 22 DT C "C2'" 1 
ATOM 1075 C "C1'" . DT D 4 6  ? 3.324   -15.458 -6.465  1.00 236.00 ? 22 DT C "C1'" 1 
ATOM 1076 N N1    . DT D 4 6  ? 2.320   -15.283 -5.373  1.00 236.00 ? 22 DT C N1    1 
ATOM 1077 C C2    . DT D 4 6  ? 1.213   -16.106 -5.331  1.00 236.00 ? 22 DT C C2    1 
ATOM 1078 O O2    . DT D 4 6  ? 0.999   -16.987 -6.144  1.00 236.00 ? 22 DT C O2    1 
ATOM 1079 N N3    . DT D 4 6  ? 0.355   -15.857 -4.290  1.00 236.00 ? 22 DT C N3    1 
ATOM 1080 C C4    . DT D 4 6  ? 0.489   -14.887 -3.311  1.00 236.00 ? 22 DT C C4    1 
ATOM 1081 O O4    . DT D 4 6  ? -0.335  -14.742 -2.414  1.00 236.00 ? 22 DT C O4    1 
ATOM 1082 C C5    . DT D 4 6  ? 1.667   -14.065 -3.415  1.00 236.00 ? 22 DT C C5    1 
ATOM 1083 C C7    . DT D 4 6  ? 1.920   -12.982 -2.408  1.00 236.00 ? 22 DT C C7    1 
ATOM 1084 C C6    . DT D 4 6  ? 2.513   -14.298 -4.426  1.00 236.00 ? 22 DT C C6    1 
ATOM 1085 P P     . DC D 4 7  ? 2.491   -11.870 -9.681  1.00 236.00 ? 23 DC C P     1 
ATOM 1086 O OP1   . DC D 4 7  ? 2.452   -11.955 -11.159 1.00 236.00 ? 23 DC C OP1   1 
ATOM 1087 O OP2   . DC D 4 7  ? 2.892   -10.599 -9.034  1.00 236.00 ? 23 DC C OP2   1 
ATOM 1088 O "O5'" . DC D 4 7  ? 1.054   -12.292 -9.106  1.00 236.00 ? 23 DC C "O5'" 1 
ATOM 1089 C "C5'" . DC D 4 7  ? 0.279   -13.300 -9.759  1.00 236.00 ? 23 DC C "C5'" 1 
ATOM 1090 C "C4'" . DC D 4 7  ? -0.907  -13.744 -8.915  1.00 236.00 ? 23 DC C "C4'" 1 
ATOM 1091 O "O4'" . DC D 4 7  ? -0.600  -13.587 -7.510  1.00 236.00 ? 23 DC C "O4'" 1 
ATOM 1092 C "C3'" . DC D 4 7  ? -2.199  -12.956 -9.122  1.00 236.00 ? 23 DC C "C3'" 1 
ATOM 1093 O "O3'" . DC D 4 7  ? -3.070  -13.654 -10.012 1.00 236.00 ? 23 DC C "O3'" 1 
ATOM 1094 C "C2'" . DC D 4 7  ? -2.822  -12.846 -7.728  1.00 236.00 ? 23 DC C "C2'" 1 
ATOM 1095 C "C1'" . DC D 4 7  ? -1.825  -13.547 -6.809  1.00 236.00 ? 23 DC C "C1'" 1 
ATOM 1096 N N1    . DC D 4 7  ? -1.632  -12.840 -5.510  1.00 236.00 ? 23 DC C N1    1 
ATOM 1097 C C2    . DC D 4 7  ? -2.384  -13.231 -4.396  1.00 236.00 ? 23 DC C C2    1 
ATOM 1098 O O2    . DC D 4 7  ? -3.192  -14.160 -4.513  1.00 236.00 ? 23 DC C O2    1 
ATOM 1099 N N3    . DC D 4 7  ? -2.203  -12.582 -3.219  1.00 236.00 ? 23 DC C N3    1 
ATOM 1100 C C4    . DC D 4 7  ? -1.320  -11.586 -3.136  1.00 236.00 ? 23 DC C C4    1 
ATOM 1101 N N4    . DC D 4 7  ? -1.175  -10.976 -1.955  1.00 236.00 ? 23 DC C N4    1 
ATOM 1102 C C5    . DC D 4 7  ? -0.546  -11.171 -4.260  1.00 236.00 ? 23 DC C C5    1 
ATOM 1103 C C6    . DC D 4 7  ? -0.733  -11.819 -5.416  1.00 236.00 ? 23 DC C C6    1 
ATOM 1104 P P     . DG D 4 8  ? -4.244  -12.867 -10.778 1.00 236.00 ? 24 DG C P     1 
ATOM 1105 O OP1   . DG D 4 8  ? -4.554  -13.620 -12.015 1.00 236.00 ? 24 DG C OP1   1 
ATOM 1106 O OP2   . DG D 4 8  ? -3.850  -11.443 -10.863 1.00 236.00 ? 24 DG C OP2   1 
ATOM 1107 O "O5'" . DG D 4 8  ? -5.495  -12.965 -9.782  1.00 236.00 ? 24 DG C "O5'" 1 
ATOM 1108 C "C5'" . DG D 4 8  ? -6.045  -14.231 -9.428  1.00 236.00 ? 24 DG C "C5'" 1 
ATOM 1109 C "C4'" . DG D 4 8  ? -7.156  -14.076 -8.402  1.00 236.00 ? 24 DG C "C4'" 1 
ATOM 1110 O "O4'" . DG D 4 8  ? -6.638  -13.409 -7.223  1.00 236.00 ? 24 DG C "O4'" 1 
ATOM 1111 C "C3'" . DG D 4 8  ? -8.366  -13.276 -8.878  1.00 236.00 ? 24 DG C "C3'" 1 
ATOM 1112 O "O3'" . DG D 4 8  ? -9.552  -14.041 -8.684  1.00 236.00 ? 24 DG C "O3'" 1 
ATOM 1113 C "C2'" . DG D 4 8  ? -8.363  -11.996 -8.041  1.00 236.00 ? 24 DG C "C2'" 1 
ATOM 1114 C "C1'" . DG D 4 8  ? -7.429  -12.291 -6.872  1.00 236.00 ? 24 DG C "C1'" 1 
ATOM 1115 N N9    . DG D 4 8  ? -6.528  -11.181 -6.563  1.00 236.00 ? 24 DG C N9    1 
ATOM 1116 C C8    . DG D 4 8  ? -5.678  -10.545 -7.436  1.00 236.00 ? 24 DG C C8    1 
ATOM 1117 N N7    . DG D 4 8  ? -4.986  -9.586  -6.887  1.00 236.00 ? 24 DG C N7    1 
ATOM 1118 C C5    . DG D 4 8  ? -5.402  -9.583  -5.562  1.00 236.00 ? 24 DG C C5    1 
ATOM 1119 C C6    . DG D 4 8  ? -4.997  -8.758  -4.485  1.00 236.00 ? 24 DG C C6    1 
ATOM 1120 O O6    . DG D 4 8  ? -4.167  -7.838  -4.491  1.00 236.00 ? 24 DG C O6    1 
ATOM 1121 N N1    . DG D 4 8  ? -5.665  -9.086  -3.306  1.00 236.00 ? 24 DG C N1    1 
ATOM 1122 C C2    . DG D 4 8  ? -6.603  -10.085 -3.187  1.00 236.00 ? 24 DG C C2    1 
ATOM 1123 N N2    . DG D 4 8  ? -7.139  -10.252 -1.969  1.00 236.00 ? 24 DG C N2    1 
ATOM 1124 N N3    . DG D 4 8  ? -6.990  -10.864 -4.190  1.00 236.00 ? 24 DG C N3    1 
ATOM 1125 C C4    . DG D 4 8  ? -6.350  -10.559 -5.344  1.00 236.00 ? 24 DG C C4    1 
ATOM 1126 P P     . DT D 4 9  ? -10.964 -13.496 -9.222  1.00 236.00 ? 25 DT C P     1 
ATOM 1127 O OP1   . DT D 4 9  ? -11.833 -14.669 -9.465  1.00 236.00 ? 25 DT C OP1   1 
ATOM 1128 O OP2   . DT D 4 9  ? -10.691 -12.543 -10.321 1.00 236.00 ? 25 DT C OP2   1 
ATOM 1129 O "O5'" . DT D 4 9  ? -11.550 -12.671 -7.983  1.00 236.00 ? 25 DT C "O5'" 1 
ATOM 1130 C "C5'" . DT D 4 9  ? -11.708 -13.327 -6.731  1.00 236.00 ? 25 DT C "C5'" 1 
ATOM 1131 C "C4'" . DT D 4 9  ? -11.934 -12.339 -5.599  1.00 236.00 ? 25 DT C "C4'" 1 
ATOM 1132 O "O4'" . DT D 4 9  ? -10.750 -11.528 -5.389  1.00 236.00 ? 25 DT C "O4'" 1 
ATOM 1133 C "C3'" . DT D 4 9  ? -13.086 -11.356 -5.804  1.00 236.00 ? 25 DT C "C3'" 1 
ATOM 1134 O "O3'" . DT D 4 9  ? -14.053 -11.542 -4.775  1.00 236.00 ? 25 DT C "O3'" 1 
ATOM 1135 C "C2'" . DT D 4 9  ? -12.427 -9.978  -5.715  1.00 236.00 ? 25 DT C "C2'" 1 
ATOM 1136 C "C1'" . DT D 4 9  ? -11.194 -10.293 -4.878  1.00 236.00 ? 25 DT C "C1'" 1 
ATOM 1137 N N1    . DT D 4 9  ? -10.098 -9.285  -4.974  1.00 236.00 ? 25 DT C N1    1 
ATOM 1138 C C2    . DT D 4 9  ? -9.659  -8.664  -3.824  1.00 236.00 ? 25 DT C C2    1 
ATOM 1139 O O2    . DT D 4 9  ? -10.122 -8.897  -2.721  1.00 236.00 ? 25 DT C O2    1 
ATOM 1140 N N3    . DT D 4 9  ? -8.650  -7.756  -4.013  1.00 236.00 ? 25 DT C N3    1 
ATOM 1141 C C4    . DT D 4 9  ? -8.050  -7.413  -5.210  1.00 236.00 ? 25 DT C C4    1 
ATOM 1142 O O4    . DT D 4 9  ? -7.149  -6.583  -5.278  1.00 236.00 ? 25 DT C O4    1 
ATOM 1143 C C5    . DT D 4 9  ? -8.557  -8.098  -6.373  1.00 236.00 ? 25 DT C C5    1 
ATOM 1144 C C7    . DT D 4 9  ? -7.981  -7.807  -7.727  1.00 236.00 ? 25 DT C C7    1 
ATOM 1145 C C6    . DT D 4 9  ? -9.543  -8.989  -6.203  1.00 236.00 ? 25 DT C C6    1 
ATOM 1146 P P     . DT D 4 10 ? -15.581 -11.102 -5.007  1.00 236.00 ? 26 DT C P     1 
ATOM 1147 O OP1   . DT D 4 10 ? -16.430 -12.290 -4.771  1.00 236.00 ? 26 DT C OP1   1 
ATOM 1148 O OP2   . DT D 4 10 ? -15.651 -10.395 -6.306  1.00 236.00 ? 26 DT C OP2   1 
ATOM 1149 O "O5'" . DT D 4 10 ? -15.852 -10.028 -3.850  1.00 236.00 ? 26 DT C "O5'" 1 
ATOM 1150 C "C5'" . DT D 4 10 ? -15.736 -10.409 -2.481  1.00 236.00 ? 26 DT C "C5'" 1 
ATOM 1151 C "C4'" . DT D 4 10 ? -15.398 -9.218  -1.597  1.00 236.00 ? 26 DT C "C4'" 1 
ATOM 1152 O "O4'" . DT D 4 10 ? -14.108 -8.676  -1.974  1.00 236.00 ? 26 DT C "O4'" 1 
ATOM 1153 C "C3'" . DT D 4 10 ? -16.378 -8.049  -1.668  1.00 236.00 ? 26 DT C "C3'" 1 
ATOM 1154 O "O3'" . DT D 4 10 ? -17.115 -7.952  -0.449  1.00 236.00 ? 26 DT C "O3'" 1 
ATOM 1155 C "C2'" . DT D 4 10 ? -15.505 -6.811  -1.897  1.00 236.00 ? 26 DT C "C2'" 1 
ATOM 1156 C "C1'" . DT D 4 10 ? -14.095 -7.314  -1.607  1.00 236.00 ? 26 DT C "C1'" 1 
ATOM 1157 N N1    . DT D 4 10 ? -13.026 -6.606  -2.375  1.00 236.00 ? 26 DT C N1    1 
ATOM 1158 C C2    . DT D 4 10 ? -12.104 -5.839  -1.695  1.00 236.00 ? 26 DT C C2    1 
ATOM 1159 O O2    . DT D 4 10 ? -12.108 -5.701  -0.485  1.00 236.00 ? 26 DT C O2    1 
ATOM 1160 N N3    . DT D 4 10 ? -11.166 -5.231  -2.492  1.00 236.00 ? 26 DT C N3    1 
ATOM 1161 C C4    . DT D 4 10 ? -11.061 -5.312  -3.868  1.00 236.00 ? 26 DT C C4    1 
ATOM 1162 O O4    . DT D 4 10 ? -10.182 -4.729  -4.494  1.00 236.00 ? 26 DT C O4    1 
ATOM 1163 C C5    . DT D 4 10 ? -12.056 -6.129  -4.515  1.00 236.00 ? 26 DT C C5    1 
ATOM 1164 C C7    . DT D 4 10 ? -12.041 -6.290  -6.006  1.00 236.00 ? 26 DT C C7    1 
ATOM 1165 C C6    . DT D 4 10 ? -12.978 -6.728  -3.750  1.00 236.00 ? 26 DT C C6    1 
ATOM 1166 P P     . DC D 4 11 ? -18.442 -7.048  -0.376  1.00 236.00 ? 27 DC C P     1 
ATOM 1167 O OP1   . DC D 4 11 ? -19.271 -7.556  0.741   1.00 236.00 ? 27 DC C OP1   1 
ATOM 1168 O OP2   . DC D 4 11 ? -19.011 -6.986  -1.740  1.00 236.00 ? 27 DC C OP2   1 
ATOM 1169 O "O5'" . DC D 4 11 ? -17.896 -5.590  0.001   1.00 236.00 ? 27 DC C "O5'" 1 
ATOM 1170 C "C5'" . DC D 4 11 ? -17.263 -5.378  1.259   1.00 236.00 ? 27 DC C "C5'" 1 
ATOM 1171 C "C4'" . DC D 4 11 ? -16.487 -4.069  1.309   1.00 236.00 ? 27 DC C "C4'" 1 
ATOM 1172 O "O4'" . DC D 4 11 ? -15.444 -4.050  0.298   1.00 236.00 ? 27 DC C "O4'" 1 
ATOM 1173 C "C3'" . DC D 4 11 ? -17.305 -2.794  1.096   1.00 236.00 ? 27 DC C "C3'" 1 
ATOM 1174 O "O3'" . DC D 4 11 ? -17.127 -1.929  2.215   1.00 236.00 ? 27 DC C "O3'" 1 
ATOM 1175 C "C2'" . DC D 4 11 ? -16.712 -2.188  -0.175  1.00 236.00 ? 27 DC C "C2'" 1 
ATOM 1176 C "C1'" . DC D 4 11 ? -15.283 -2.707  -0.100  1.00 236.00 ? 27 DC C "C1'" 1 
ATOM 1177 N N1    . DC D 4 11 ? -14.533 -2.634  -1.389  1.00 236.00 ? 27 DC C N1    1 
ATOM 1178 C C2    . DC D 4 11 ? -13.386 -1.838  -1.471  1.00 236.00 ? 27 DC C C2    1 
ATOM 1179 O O2    . DC D 4 11 ? -13.013 -1.213  -0.471  1.00 236.00 ? 27 DC C O2    1 
ATOM 1180 N N3    . DC D 4 11 ? -12.710 -1.774  -2.645  1.00 236.00 ? 27 DC C N3    1 
ATOM 1181 C C4    . DC D 4 11 ? -13.144 -2.463  -3.702  1.00 236.00 ? 27 DC C C4    1 
ATOM 1182 N N4    . DC D 4 11 ? -12.446 -2.369  -4.839  1.00 236.00 ? 27 DC C N4    1 
ATOM 1183 C C5    . DC D 4 11 ? -14.312 -3.279  -3.639  1.00 236.00 ? 27 DC C C5    1 
ATOM 1184 C C6    . DC D 4 11 ? -14.970 -3.333  -2.475  1.00 236.00 ? 27 DC C C6    1 
ATOM 1185 P P     . DA D 4 12 ? -18.173 -0.743  2.508   1.00 236.00 ? 28 DA C P     1 
ATOM 1186 O OP1   . DA D 4 12 ? -18.780 -1.006  3.832   1.00 236.00 ? 28 DA C OP1   1 
ATOM 1187 O OP2   . DA D 4 12 ? -19.045 -0.595  1.321   1.00 236.00 ? 28 DA C OP2   1 
ATOM 1188 O "O5'" . DA D 4 12 ? -17.250 0.561   2.612   1.00 236.00 ? 28 DA C "O5'" 1 
ATOM 1189 C "C5'" . DA D 4 12 ? -16.229 0.627   3.606   1.00 236.00 ? 28 DA C "C5'" 1 
ATOM 1190 C "C4'" . DA D 4 12 ? -15.130 1.609   3.228   1.00 236.00 ? 28 DA C "C4'" 1 
ATOM 1191 O "O4'" . DA D 4 12 ? -14.548 1.217   1.956   1.00 236.00 ? 28 DA C "O4'" 1 
ATOM 1192 C "C3'" . DA D 4 12 ? -15.573 3.062   3.074   1.00 236.00 ? 28 DA C "C3'" 1 
ATOM 1193 O "O3'" . DA D 4 12 ? -14.614 3.931   3.670   1.00 236.00 ? 28 DA C "O3'" 1 
ATOM 1194 C "C2'" . DA D 4 12 ? -15.646 3.258   1.562   1.00 236.00 ? 28 DA C "C2'" 1 
ATOM 1195 C "C1'" . DA D 4 12 ? -14.581 2.298   1.046   1.00 236.00 ? 28 DA C "C1'" 1 
ATOM 1196 N N9    . DA D 4 12 ? -14.877 1.767   -0.284  1.00 236.00 ? 28 DA C N9    1 
ATOM 1197 C C8    . DA D 4 12 ? -16.024 1.131   -0.671  1.00 236.00 ? 28 DA C C8    1 
ATOM 1198 N N7    . DA D 4 12 ? -16.025 0.754   -1.927  1.00 236.00 ? 28 DA C N7    1 
ATOM 1199 C C5    . DA D 4 12 ? -14.794 1.171   -2.401  1.00 236.00 ? 28 DA C C5    1 
ATOM 1200 C C6    . DA D 4 12 ? -14.181 1.072   -3.667  1.00 236.00 ? 28 DA C C6    1 
ATOM 1201 N N6    . DA D 4 12 ? -14.761 0.492   -4.723  1.00 236.00 ? 28 DA C N6    1 
ATOM 1202 N N1    . DA D 4 12 ? -12.944 1.593   -3.805  1.00 236.00 ? 28 DA C N1    1 
ATOM 1203 C C2    . DA D 4 12 ? -12.367 2.171   -2.746  1.00 236.00 ? 28 DA C C2    1 
ATOM 1204 N N3    . DA D 4 12 ? -12.843 2.325   -1.510  1.00 236.00 ? 28 DA C N3    1 
ATOM 1205 C C4    . DA D 4 12 ? -14.072 1.798   -1.401  1.00 236.00 ? 28 DA C C4    1 
ATOM 1206 P P     . DT D 4 13 ? -15.060 5.378   4.209   1.00 236.00 ? 29 DT C P     1 
ATOM 1207 O OP1   . DT D 4 13 ? -14.559 5.517   5.595   1.00 236.00 ? 29 DT C OP1   1 
ATOM 1208 O OP2   . DT D 4 13 ? -16.505 5.535   3.932   1.00 236.00 ? 29 DT C OP2   1 
ATOM 1209 O "O5'" . DT D 4 13 ? -14.262 6.401   3.272   1.00 236.00 ? 29 DT C "O5'" 1 
ATOM 1210 C "C5'" . DT D 4 13 ? -12.851 6.533   3.412   1.00 236.00 ? 29 DT C "C5'" 1 
ATOM 1211 C "C4'" . DT D 4 13 ? -12.218 7.072   2.140   1.00 236.00 ? 29 DT C "C4'" 1 
ATOM 1212 O "O4'" . DT D 4 13 ? -12.553 6.197   1.031   1.00 236.00 ? 29 DT C "O4'" 1 
ATOM 1213 C "C3'" . DT D 4 13 ? -12.656 8.477   1.727   1.00 236.00 ? 29 DT C "C3'" 1 
ATOM 1214 O "O3'" . DT D 4 13 ? -11.514 9.280   1.424   1.00 236.00 ? 29 DT C "O3'" 1 
ATOM 1215 C "C2'" . DT D 4 13 ? -13.516 8.235   0.489   1.00 236.00 ? 29 DT C "C2'" 1 
ATOM 1216 C "C1'" . DT D 4 13 ? -12.848 6.997   -0.093  1.00 236.00 ? 29 DT C "C1'" 1 
ATOM 1217 N N1    . DT D 4 13 ? -13.705 6.226   -1.044  1.00 236.00 ? 29 DT C N1    1 
ATOM 1218 C C2    . DT D 4 13 ? -13.160 5.784   -2.231  1.00 236.00 ? 29 DT C C2    1 
ATOM 1219 O O2    . DT D 4 13 ? -12.001 5.985   -2.549  1.00 236.00 ? 29 DT C O2    1 
ATOM 1220 N N3    . DT D 4 13 ? -14.026 5.089   -3.035  1.00 236.00 ? 29 DT C N3    1 
ATOM 1221 C C4    . DT D 4 13 ? -15.354 4.801   -2.780  1.00 236.00 ? 29 DT C C4    1 
ATOM 1222 O O4    . DT D 4 13 ? -16.050 4.168   -3.568  1.00 236.00 ? 29 DT C O4    1 
ATOM 1223 C C5    . DT D 4 13 ? -15.861 5.293   -1.525  1.00 236.00 ? 29 DT C C5    1 
ATOM 1224 C C7    . DT D 4 13 ? -17.289 5.040   -1.144  1.00 236.00 ? 29 DT C C7    1 
ATOM 1225 C C6    . DT D 4 13 ? -15.026 5.975   -0.728  1.00 236.00 ? 29 DT C C6    1 
ATOM 1226 P P     . DC D 4 14 ? -11.668 10.867  1.211   1.00 236.00 ? 30 DC C P     1 
ATOM 1227 O OP1   . DC D 4 14 ? -10.468 11.510  1.792   1.00 236.00 ? 30 DC C OP1   1 
ATOM 1228 O OP2   . DC D 4 14 ? -13.013 11.263  1.684   1.00 236.00 ? 30 DC C OP2   1 
ATOM 1229 O "O5'" . DC D 4 14 ? -11.631 11.051  -0.380  1.00 236.00 ? 30 DC C "O5'" 1 
ATOM 1230 C "C5'" . DC D 4 14 ? -10.378 11.238  -1.034  1.00 236.00 ? 30 DC C "C5'" 1 
ATOM 1231 C "C4'" . DC D 4 14 ? -10.389 10.707  -2.459  1.00 236.00 ? 30 DC C "C4'" 1 
ATOM 1232 O "O4'" . DC D 4 14 ? -11.086 9.438   -2.516  1.00 236.00 ? 30 DC C "O4'" 1 
ATOM 1233 C "C3'" . DC D 4 14 ? -11.134 11.535  -3.495  1.00 236.00 ? 30 DC C "C3'" 1 
ATOM 1234 O "O3'" . DC D 4 14 ? -10.372 12.669  -3.900  1.00 236.00 ? 30 DC C "O3'" 1 
ATOM 1235 C "C2'" . DC D 4 14 ? -11.238 10.512  -4.621  1.00 236.00 ? 30 DC C "C2'" 1 
ATOM 1236 C "C1'" . DC D 4 14 ? -11.489 9.215   -3.856  1.00 236.00 ? 30 DC C "C1'" 1 
ATOM 1237 N N1    . DC D 4 14 ? -12.918 8.795   -3.906  1.00 236.00 ? 30 DC C N1    1 
ATOM 1238 C C2    . DC D 4 14 ? -13.367 8.064   -5.010  1.00 236.00 ? 30 DC C C2    1 
ATOM 1239 O O2    . DC D 4 14 ? -12.566 7.785   -5.910  1.00 236.00 ? 30 DC C O2    1 
ATOM 1240 N N3    . DC D 4 14 ? -14.667 7.683   -5.062  1.00 236.00 ? 30 DC C N3    1 
ATOM 1241 C C4    . DC D 4 14 ? -15.496 8.007   -4.070  1.00 236.00 ? 30 DC C C4    1 
ATOM 1242 N N4    . DC D 4 14 ? -16.769 7.610   -4.166  1.00 236.00 ? 30 DC C N4    1 
ATOM 1243 C C5    . DC D 4 14 ? -15.058 8.754   -2.936  1.00 236.00 ? 30 DC C C5    1 
ATOM 1244 C C6    . DC D 4 14 ? -13.773 9.124   -2.896  1.00 236.00 ? 30 DC C C6    1 
ATOM 1245 P P     . DA D 4 15 ? -11.053 13.840  -4.763  1.00 236.00 ? 31 DA C P     1 
ATOM 1246 O OP1   . DA D 4 15 ? -10.128 14.997  -4.747  1.00 236.00 ? 31 DA C OP1   1 
ATOM 1247 O OP2   . DA D 4 15 ? -12.439 14.009  -4.269  1.00 236.00 ? 31 DA C OP2   1 
ATOM 1248 O "O5'" . DA D 4 15 ? -11.121 13.243  -6.253  1.00 236.00 ? 31 DA C "O5'" 1 
ATOM 1249 C "C5'" . DA D 4 15 ? -9.921  12.853  -6.932  1.00 236.00 ? 31 DA C "C5'" 1 
ATOM 1250 C "C4'" . DA D 4 15 ? -10.184 12.171  -8.268  1.00 236.00 ? 31 DA C "C4'" 1 
ATOM 1251 O "O4'" . DA D 4 15 ? -10.851 10.893  -8.079  1.00 236.00 ? 31 DA C "O4'" 1 
ATOM 1252 C "C3'" . DA D 4 15 ? -11.074 12.931  -9.242  1.00 236.00 ? 31 DA C "C3'" 1 
ATOM 1253 O "O3'" . DA D 4 15 ? -10.320 13.903  -9.961  1.00 236.00 ? 31 DA C "O3'" 1 
ATOM 1254 C "C2'" . DA D 4 15 ? -11.545 11.793  -10.142 1.00 236.00 ? 31 DA C "C2'" 1 
ATOM 1255 C "C1'" . DA D 4 15 ? -11.803 10.697  -9.110  1.00 236.00 ? 31 DA C "C1'" 1 
ATOM 1256 N N9    . DA D 4 15 ? -13.134 10.772  -8.518  1.00 236.00 ? 31 DA C N9    1 
ATOM 1257 C C8    . DA D 4 15 ? -13.429 11.195  -7.252  1.00 236.00 ? 31 DA C C8    1 
ATOM 1258 N N7    . DA D 4 15 ? -14.709 11.168  -6.969  1.00 236.00 ? 31 DA C N7    1 
ATOM 1259 C C5    . DA D 4 15 ? -15.296 10.697  -8.128  1.00 236.00 ? 31 DA C C5    1 
ATOM 1260 C C6    . DA D 4 15 ? -16.639 10.444  -8.462  1.00 236.00 ? 31 DA C C6    1 
ATOM 1261 N N6    . DA D 4 15 ? -17.629 10.658  -7.589  1.00 236.00 ? 31 DA C N6    1 
ATOM 1262 N N1    . DA D 4 15 ? -16.909 9.975   -9.705  1.00 236.00 ? 31 DA C N1    1 
ATOM 1263 C C2    . DA D 4 15 ? -15.881 9.779   -10.541 1.00 236.00 ? 31 DA C C2    1 
ATOM 1264 N N3    . DA D 4 15 ? -14.576 9.983   -10.336 1.00 236.00 ? 31 DA C N3    1 
ATOM 1265 C C4    . DA D 4 15 ? -14.345 10.446  -9.096  1.00 236.00 ? 31 DA C C4    1 
# 
